data_5FRQ
#
_entry.id   5FRQ
#
_cell.length_a   64.829
_cell.length_b   146.147
_cell.length_c   179.075
_cell.angle_alpha   90.00
_cell.angle_beta   90.00
_cell.angle_gamma   90.00
#
_symmetry.space_group_name_H-M   'P 21 21 21'
#
loop_
_entity.id
_entity.type
_entity.pdbx_description
1 polymer 'DNA POLYMERASE III SUBUNIT BETA'
2 polymer 'DNA LIGASE'
3 water water
#
loop_
_entity_poly.entity_id
_entity_poly.type
_entity_poly.pdbx_seq_one_letter_code
_entity_poly.pdbx_strand_id
1 'polypeptide(L)'
;MAMKISVSKNDLENALRYLQAFLDKKDASSIASHIHLEVIKEKLFLKASDSDIGLKSYIFTQSSDKEGVGTINGKKFLDI
ISCLKDSNIILETKDDSLAIKQNKSSFKLPMFDADEFPEFPVIDPKVSIEVNAPFLVDAFKKIAPVIEQTSHKRELAGIL
MQFDQKHQTLSVVGTDTKRLSYTQLEKISIHSTEEDISCILPKRALLEILKLFYENFSFKSDGMLAVIENEMHTFFTKLI
DGNYPDYQKILPKEYISSFTLGKEEFKESIKLCSSLSSTIKLTLEKNNALFESLDSEHSETAKTSVEIEKGLDIEKAFHL
GVNAKFFLEALNALGTTQFVLRCNEPSSPFLIQESLDEKQSHLNAKISTLMMPITLELHHHHHH
;
A,B,C,D
2 'polypeptide(L)' QEFIRSLF G,L
#
# COMPACT_ATOMS: atom_id res chain seq x y z
N MET A 3 6.34 -22.13 35.00
CA MET A 3 5.80 -21.83 33.60
C MET A 3 6.82 -21.94 32.45
N LYS A 4 6.38 -22.54 31.34
CA LYS A 4 7.25 -22.79 30.17
C LYS A 4 6.37 -23.01 28.93
N ILE A 5 6.40 -22.08 27.98
CA ILE A 5 5.57 -22.19 26.75
C ILE A 5 6.35 -21.70 25.54
N SER A 6 5.83 -22.07 24.37
CA SER A 6 6.28 -21.49 23.12
C SER A 6 5.02 -20.94 22.46
N VAL A 7 5.11 -19.73 21.92
CA VAL A 7 4.00 -19.06 21.24
C VAL A 7 4.49 -18.43 19.94
N SER A 8 3.57 -18.24 18.99
CA SER A 8 3.91 -17.68 17.71
C SER A 8 4.05 -16.16 17.86
N LYS A 9 5.08 -15.58 17.26
CA LYS A 9 5.40 -14.15 17.41
C LYS A 9 4.26 -13.25 17.00
N ASN A 10 3.63 -13.57 15.89
CA ASN A 10 2.52 -12.78 15.40
C ASN A 10 1.27 -12.76 16.28
N ASP A 11 0.85 -13.93 16.76
CA ASP A 11 -0.23 -14.05 17.74
C ASP A 11 -0.01 -13.19 19.01
N LEU A 12 1.20 -13.29 19.56
CA LEU A 12 1.56 -12.59 20.78
C LEU A 12 1.57 -11.09 20.58
N GLU A 13 2.28 -10.65 19.54
CA GLU A 13 2.41 -9.22 19.24
C GLU A 13 1.05 -8.60 19.10
N ASN A 14 0.19 -9.28 18.36
CA ASN A 14 -1.15 -8.79 18.18
C ASN A 14 -1.94 -8.69 19.50
N ALA A 15 -1.89 -9.71 20.34
CA ALA A 15 -2.54 -9.65 21.65
C ALA A 15 -2.02 -8.47 22.45
N LEU A 16 -0.71 -8.27 22.42
CA LEU A 16 -0.07 -7.23 23.20
C LEU A 16 -0.35 -5.81 22.74
N ARG A 17 -0.56 -5.62 21.43
CA ARG A 17 -0.98 -4.33 20.89
C ARG A 17 -2.33 -3.90 21.45
N TYR A 18 -3.30 -4.79 21.36
CA TYR A 18 -4.63 -4.51 21.89
C TYR A 18 -4.64 -4.22 23.39
N LEU A 19 -3.74 -4.86 24.15
CA LEU A 19 -3.72 -4.66 25.59
C LEU A 19 -3.13 -3.33 26.05
N GLN A 20 -2.38 -2.65 25.18
CA GLN A 20 -1.63 -1.45 25.59
C GLN A 20 -2.53 -0.39 26.15
N ALA A 21 -3.69 -0.24 25.50
CA ALA A 21 -4.69 0.73 25.87
C ALA A 21 -5.24 0.53 27.27
N PHE A 22 -5.12 -0.68 27.81
CA PHE A 22 -5.68 -1.02 29.12
C PHE A 22 -4.70 -0.85 30.27
N LEU A 23 -3.45 -0.51 29.93
CA LEU A 23 -2.37 -0.31 30.92
C LEU A 23 -2.31 1.12 31.47
N ASP A 24 -1.70 1.26 32.64
CA ASP A 24 -1.33 2.55 33.23
C ASP A 24 0.17 2.67 32.93
N LYS A 25 0.52 2.89 31.66
CA LYS A 25 1.95 2.91 31.24
C LYS A 25 2.80 4.04 31.91
N LYS A 26 2.14 5.18 32.15
CA LYS A 26 2.75 6.33 32.82
C LYS A 26 3.55 5.97 34.09
N ASP A 27 3.11 4.98 34.86
CA ASP A 27 3.75 4.63 36.16
C ASP A 27 4.18 3.16 36.20
N ALA A 28 5.44 2.87 35.88
CA ALA A 28 5.97 1.48 35.90
C ALA A 28 6.12 0.84 37.31
N SER A 29 6.10 1.64 38.38
CA SER A 29 6.05 1.09 39.78
C SER A 29 4.76 0.32 40.05
N SER A 30 3.69 0.65 39.31
CA SER A 30 2.39 0.08 39.54
C SER A 30 2.24 -1.28 38.89
N ILE A 31 1.52 -2.14 39.58
CA ILE A 31 1.01 -3.39 39.01
C ILE A 31 0.14 -3.13 37.75
N ALA A 32 -0.54 -1.99 37.70
CA ALA A 32 -1.41 -1.65 36.56
C ALA A 32 -0.67 -1.46 35.25
N SER A 33 0.65 -1.22 35.33
CA SER A 33 1.52 -1.23 34.14
C SER A 33 1.84 -2.59 33.58
N HIS A 34 1.49 -3.64 34.31
CA HIS A 34 1.84 -4.99 33.91
C HIS A 34 0.68 -5.69 33.24
N ILE A 35 1.06 -6.59 32.35
CA ILE A 35 0.18 -7.59 31.80
C ILE A 35 0.37 -8.87 32.60
N HIS A 36 -0.75 -9.41 33.07
CA HIS A 36 -0.81 -10.65 33.80
C HIS A 36 -0.87 -11.85 32.84
N LEU A 37 0.04 -12.80 33.00
CA LEU A 37 0.13 -13.98 32.16
C LEU A 37 -0.40 -15.21 32.88
N GLU A 38 -1.17 -16.05 32.20
CA GLU A 38 -1.59 -17.31 32.76
C GLU A 38 -1.78 -18.42 31.74
N VAL A 39 -1.07 -19.53 31.93
CA VAL A 39 -1.18 -20.69 31.03
C VAL A 39 -2.13 -21.70 31.62
N ILE A 40 -3.21 -21.99 30.90
CA ILE A 40 -4.11 -23.07 31.23
C ILE A 40 -4.28 -23.96 30.00
N LYS A 41 -3.79 -25.18 30.12
CA LYS A 41 -3.74 -26.17 29.06
C LYS A 41 -2.97 -25.60 27.87
N GLU A 42 -3.65 -25.42 26.73
CA GLU A 42 -3.02 -24.99 25.48
C GLU A 42 -3.27 -23.49 25.21
N LYS A 43 -3.57 -22.70 26.25
CA LYS A 43 -3.86 -21.29 26.10
C LYS A 43 -3.02 -20.45 27.03
N LEU A 44 -2.43 -19.37 26.50
CA LEU A 44 -1.84 -18.29 27.31
C LEU A 44 -2.87 -17.20 27.42
N PHE A 45 -3.33 -16.92 28.66
CA PHE A 45 -4.32 -15.87 28.93
C PHE A 45 -3.63 -14.60 29.36
N LEU A 46 -3.97 -13.48 28.72
CA LEU A 46 -3.35 -12.20 29.00
C LEU A 46 -4.40 -11.23 29.53
N LYS A 47 -4.08 -10.55 30.62
CA LYS A 47 -4.97 -9.56 31.22
C LYS A 47 -4.25 -8.23 31.42
N ALA A 48 -4.93 -7.13 31.14
CA ALA A 48 -4.46 -5.83 31.57
C ALA A 48 -5.66 -5.02 32.04
N SER A 49 -5.40 -4.13 32.99
CA SER A 49 -6.44 -3.34 33.63
C SER A 49 -5.81 -2.16 34.32
N ASP A 50 -6.52 -1.02 34.32
CA ASP A 50 -6.13 0.10 35.16
C ASP A 50 -7.10 0.15 36.36
N SER A 51 -8.13 0.97 36.36
CA SER A 51 -9.34 0.59 37.19
C SER A 51 -10.55 0.86 36.37
N ASP A 52 -10.39 1.76 35.41
CA ASP A 52 -11.50 2.20 34.59
C ASP A 52 -11.88 1.16 33.58
N ILE A 53 -10.89 0.63 32.87
CA ILE A 53 -11.17 -0.39 31.87
C ILE A 53 -10.27 -1.60 32.09
N GLY A 54 -10.67 -2.71 31.48
CA GLY A 54 -9.89 -3.94 31.53
C GLY A 54 -10.19 -4.85 30.37
N LEU A 55 -9.19 -5.66 29.98
CA LEU A 55 -9.33 -6.64 28.91
C LEU A 55 -8.65 -7.95 29.31
N LYS A 56 -9.37 -9.05 29.11
CA LYS A 56 -8.79 -10.39 29.11
C LYS A 56 -8.79 -10.89 27.67
N SER A 57 -7.70 -11.54 27.27
CA SER A 57 -7.48 -12.06 25.90
C SER A 57 -6.71 -13.35 25.97
N TYR A 58 -6.64 -14.11 24.89
CA TYR A 58 -5.77 -15.28 24.87
C TYR A 58 -5.20 -15.61 23.48
N ILE A 59 -4.10 -16.35 23.48
CA ILE A 59 -3.56 -16.98 22.28
C ILE A 59 -3.32 -18.46 22.55
N PHE A 60 -3.21 -19.25 21.50
CA PHE A 60 -2.94 -20.67 21.65
C PHE A 60 -1.44 -20.86 21.73
N THR A 61 -0.99 -21.88 22.46
CA THR A 61 0.42 -22.17 22.61
C THR A 61 0.84 -23.20 21.58
N GLN A 62 2.06 -23.05 21.08
CA GLN A 62 2.66 -24.03 20.18
C GLN A 62 3.21 -25.21 21.00
N SER A 63 3.54 -24.95 22.26
CA SER A 63 3.82 -26.01 23.23
C SER A 63 3.61 -25.47 24.63
N SER A 64 3.19 -26.37 25.53
CA SER A 64 2.91 -26.04 26.94
C SER A 64 3.60 -27.07 27.78
N ASP A 65 4.85 -26.80 28.10
CA ASP A 65 5.65 -27.75 28.86
C ASP A 65 5.34 -27.60 30.35
N LYS A 66 5.05 -26.39 30.80
CA LYS A 66 4.57 -26.16 32.16
C LYS A 66 3.53 -25.04 32.22
N GLU A 67 2.43 -25.29 32.95
CA GLU A 67 1.44 -24.25 33.27
C GLU A 67 1.94 -23.34 34.40
N GLY A 68 1.44 -22.11 34.45
CA GLY A 68 1.80 -21.21 35.54
C GLY A 68 1.36 -19.79 35.32
N VAL A 69 1.73 -18.93 36.27
CA VAL A 69 1.35 -17.54 36.21
C VAL A 69 2.55 -16.63 36.19
N GLY A 70 2.31 -15.40 35.79
CA GLY A 70 3.35 -14.40 35.71
C GLY A 70 2.85 -13.02 35.42
N THR A 71 3.73 -12.05 35.55
CA THR A 71 3.44 -10.70 35.24
C THR A 71 4.64 -10.08 34.52
N ILE A 72 4.41 -9.05 33.70
CA ILE A 72 5.50 -8.38 32.98
C ILE A 72 5.05 -6.96 32.62
N ASN A 73 5.98 -6.01 32.64
CA ASN A 73 5.66 -4.65 32.16
C ASN A 73 5.09 -4.73 30.72
N GLY A 74 3.87 -4.28 30.55
CA GLY A 74 3.12 -4.41 29.31
C GLY A 74 3.71 -3.69 28.12
N LYS A 75 4.26 -2.50 28.33
CA LYS A 75 4.88 -1.76 27.23
C LYS A 75 6.19 -2.44 26.82
N LYS A 76 7.04 -2.72 27.79
CA LYS A 76 8.31 -3.38 27.52
C LYS A 76 8.17 -4.74 26.85
N PHE A 77 7.13 -5.46 27.22
CA PHE A 77 6.89 -6.76 26.66
C PHE A 77 6.63 -6.60 25.17
N LEU A 78 5.78 -5.66 24.78
CA LEU A 78 5.48 -5.44 23.37
C LEU A 78 6.71 -5.03 22.59
N ASP A 79 7.49 -4.12 23.17
CA ASP A 79 8.73 -3.65 22.56
C ASP A 79 9.63 -4.81 22.17
N ILE A 80 9.84 -5.71 23.11
CA ILE A 80 10.69 -6.85 22.88
C ILE A 80 10.12 -7.78 21.80
N ILE A 81 8.83 -8.09 21.88
CA ILE A 81 8.24 -9.06 20.95
C ILE A 81 8.28 -8.51 19.52
N SER A 82 8.03 -7.22 19.35
CA SER A 82 8.08 -6.61 18.01
C SER A 82 9.43 -6.61 17.37
N CYS A 83 10.49 -6.75 18.17
CA CYS A 83 11.84 -6.89 17.62
C CYS A 83 12.24 -8.26 17.15
N LEU A 84 11.49 -9.28 17.52
CA LEU A 84 11.89 -10.65 17.26
C LEU A 84 11.39 -11.08 15.90
N LYS A 85 11.87 -12.23 15.44
CA LYS A 85 11.49 -12.77 14.14
C LYS A 85 10.11 -13.42 14.16
N ASP A 86 9.50 -13.59 12.98
CA ASP A 86 8.26 -14.38 12.82
C ASP A 86 8.50 -15.88 12.98
N SER A 87 8.97 -16.27 14.15
CA SER A 87 9.10 -17.65 14.51
C SER A 87 8.50 -17.78 15.91
N ASN A 88 8.54 -18.98 16.47
CA ASN A 88 8.11 -19.20 17.82
C ASN A 88 9.07 -18.53 18.78
N ILE A 89 8.50 -18.06 19.90
CA ILE A 89 9.19 -17.41 20.99
C ILE A 89 8.91 -18.25 22.26
N ILE A 90 9.95 -18.59 23.01
CA ILE A 90 9.84 -19.30 24.29
C ILE A 90 9.58 -18.27 25.37
N LEU A 91 8.56 -18.52 26.19
CA LEU A 91 8.30 -17.74 27.41
C LEU A 91 8.48 -18.69 28.59
N GLU A 92 9.13 -18.21 29.65
CA GLU A 92 9.46 -19.08 30.79
C GLU A 92 9.76 -18.28 32.05
N THR A 93 9.20 -18.68 33.19
CA THR A 93 9.47 -18.00 34.45
C THR A 93 10.66 -18.63 35.15
N LYS A 94 11.49 -17.78 35.74
CA LYS A 94 12.62 -18.21 36.53
C LYS A 94 12.69 -17.32 37.74
N ASP A 95 12.22 -17.85 38.88
CA ASP A 95 12.12 -17.13 40.16
C ASP A 95 11.09 -15.99 40.05
N ASP A 96 11.56 -14.74 39.98
CA ASP A 96 10.70 -13.57 39.85
C ASP A 96 10.95 -12.88 38.52
N SER A 97 11.57 -13.59 37.57
CA SER A 97 11.86 -13.04 36.25
C SER A 97 11.04 -13.78 35.21
N LEU A 98 10.63 -13.05 34.17
CA LEU A 98 10.13 -13.66 32.94
C LEU A 98 11.27 -13.70 31.90
N ALA A 99 11.56 -14.89 31.39
CA ALA A 99 12.55 -15.09 30.31
C ALA A 99 11.84 -15.17 28.96
N ILE A 100 12.27 -14.33 28.02
CA ILE A 100 11.80 -14.38 26.64
C ILE A 100 13.00 -14.77 25.80
N LYS A 101 12.85 -15.81 24.99
CA LYS A 101 13.97 -16.38 24.23
C LYS A 101 13.54 -16.66 22.81
N GLN A 102 14.45 -16.43 21.87
CA GLN A 102 14.27 -16.85 20.49
C GLN A 102 15.63 -17.02 19.92
N ASN A 103 16.01 -18.26 19.66
CA ASN A 103 17.32 -18.58 19.12
C ASN A 103 18.43 -18.06 20.03
N LYS A 104 19.21 -17.07 19.61
CA LYS A 104 20.37 -16.61 20.39
C LYS A 104 20.07 -15.34 21.17
N SER A 105 18.85 -14.85 21.06
CA SER A 105 18.41 -13.67 21.77
C SER A 105 17.64 -14.08 23.01
N SER A 106 18.03 -13.55 24.17
CA SER A 106 17.35 -13.84 25.43
C SER A 106 17.16 -12.57 26.25
N PHE A 107 15.94 -12.40 26.74
CA PHE A 107 15.56 -11.27 27.57
C PHE A 107 15.11 -11.72 28.99
N LYS A 108 15.37 -10.87 29.98
CA LYS A 108 14.88 -11.04 31.35
C LYS A 108 14.10 -9.79 31.72
N LEU A 109 12.95 -9.98 32.36
CA LEU A 109 12.20 -8.87 32.94
C LEU A 109 11.63 -9.20 34.34
N PRO A 110 11.60 -8.21 35.25
CA PRO A 110 11.11 -8.50 36.59
C PRO A 110 9.57 -8.62 36.63
N MET A 111 9.07 -9.54 37.45
CA MET A 111 7.64 -9.79 37.63
C MET A 111 7.17 -9.32 39.01
N PHE A 112 5.95 -8.79 39.07
CA PHE A 112 5.23 -8.65 40.36
C PHE A 112 4.65 -10.00 40.78
N ASP A 113 4.41 -10.17 42.06
CA ASP A 113 3.63 -11.30 42.53
C ASP A 113 2.26 -11.28 41.82
N ALA A 114 1.95 -12.35 41.10
CA ALA A 114 0.76 -12.40 40.26
C ALA A 114 -0.55 -12.57 41.02
N ASP A 115 -0.47 -12.95 42.30
CA ASP A 115 -1.63 -12.96 43.19
C ASP A 115 -2.11 -11.53 43.55
N GLU A 116 -1.24 -10.55 43.44
CA GLU A 116 -1.58 -9.17 43.72
C GLU A 116 -2.04 -8.40 42.48
N PHE A 117 -2.01 -9.03 41.33
CA PHE A 117 -2.72 -8.50 40.17
C PHE A 117 -4.22 -8.60 40.42
N PRO A 118 -4.96 -7.50 40.22
CA PRO A 118 -6.37 -7.55 40.60
C PRO A 118 -7.23 -8.41 39.67
N GLU A 119 -8.17 -9.12 40.26
CA GLU A 119 -9.04 -10.02 39.51
C GLU A 119 -10.06 -9.22 38.80
N PHE A 120 -10.53 -9.74 37.70
CA PHE A 120 -11.56 -9.09 36.93
C PHE A 120 -12.87 -9.20 37.68
N PRO A 121 -13.71 -8.14 37.60
CA PRO A 121 -14.95 -8.11 38.37
C PRO A 121 -15.97 -9.13 37.88
N VAL A 122 -16.67 -9.71 38.86
CA VAL A 122 -17.87 -10.49 38.60
C VAL A 122 -19.03 -9.68 39.15
N ILE A 123 -19.95 -9.34 38.25
CA ILE A 123 -21.08 -8.46 38.56
C ILE A 123 -22.34 -9.29 38.63
N ASP A 124 -23.36 -8.83 39.37
CA ASP A 124 -24.73 -9.42 39.21
C ASP A 124 -25.50 -8.50 38.24
N PRO A 125 -25.74 -9.00 37.01
CA PRO A 125 -26.37 -8.13 36.01
C PRO A 125 -27.73 -7.56 36.45
N LYS A 126 -27.88 -6.24 36.41
CA LYS A 126 -29.19 -5.58 36.48
C LYS A 126 -29.82 -5.61 35.08
N VAL A 127 -28.97 -5.54 34.04
CA VAL A 127 -29.42 -5.67 32.66
C VAL A 127 -28.44 -6.55 31.88
N SER A 128 -28.98 -7.27 30.89
CA SER A 128 -28.19 -8.20 30.12
C SER A 128 -28.82 -8.45 28.74
N ILE A 129 -28.03 -8.28 27.68
CA ILE A 129 -28.47 -8.60 26.32
C ILE A 129 -27.41 -9.37 25.54
N GLU A 130 -27.87 -10.15 24.56
CA GLU A 130 -27.00 -10.83 23.61
C GLU A 130 -27.10 -10.12 22.25
N VAL A 131 -25.96 -9.73 21.66
CA VAL A 131 -25.92 -8.94 20.44
C VAL A 131 -25.37 -9.80 19.30
N ASN A 132 -26.22 -10.11 18.32
CA ASN A 132 -25.80 -10.87 17.13
C ASN A 132 -25.72 -10.02 15.86
N ALA A 133 -26.57 -9.02 15.75
CA ALA A 133 -26.51 -8.09 14.66
C ALA A 133 -25.43 -7.05 14.93
N PRO A 134 -24.91 -6.42 13.85
CA PRO A 134 -23.91 -5.37 14.00
C PRO A 134 -24.46 -3.99 14.36
N PHE A 135 -25.78 -3.87 14.51
CA PHE A 135 -26.42 -2.55 14.59
C PHE A 135 -25.96 -1.71 15.79
N LEU A 136 -25.81 -2.34 16.96
CA LEU A 136 -25.34 -1.61 18.14
C LEU A 136 -23.98 -0.99 17.89
N VAL A 137 -23.04 -1.79 17.39
CA VAL A 137 -21.68 -1.33 17.19
C VAL A 137 -21.55 -0.39 15.97
N ASP A 138 -22.37 -0.59 14.94
CA ASP A 138 -22.54 0.40 13.89
C ASP A 138 -22.98 1.74 14.47
N ALA A 139 -23.95 1.72 15.38
CA ALA A 139 -24.40 2.95 16.02
C ALA A 139 -23.31 3.59 16.87
N PHE A 140 -22.53 2.77 17.59
CA PHE A 140 -21.43 3.32 18.39
C PHE A 140 -20.48 4.09 17.48
N LYS A 141 -20.12 3.43 16.38
CA LYS A 141 -19.16 3.95 15.44
C LYS A 141 -19.59 5.32 14.93
N LYS A 142 -20.85 5.43 14.56
CA LYS A 142 -21.39 6.64 13.96
C LYS A 142 -21.65 7.74 14.99
N ILE A 143 -21.96 7.36 16.22
CA ILE A 143 -22.28 8.35 17.24
C ILE A 143 -21.04 8.82 17.99
N ALA A 144 -19.99 8.00 18.04
CA ALA A 144 -18.76 8.35 18.76
C ALA A 144 -18.15 9.74 18.47
N PRO A 145 -18.04 10.13 17.19
CA PRO A 145 -17.52 11.46 16.84
C PRO A 145 -18.21 12.66 17.51
N VAL A 146 -19.50 12.57 17.79
CA VAL A 146 -20.24 13.69 18.36
C VAL A 146 -19.96 13.82 19.87
N ILE A 147 -19.38 12.78 20.48
CA ILE A 147 -19.12 12.75 21.93
C ILE A 147 -17.71 13.18 22.19
N GLU A 148 -17.53 14.08 23.14
CA GLU A 148 -16.20 14.51 23.51
C GLU A 148 -15.82 14.06 24.93
N GLN A 149 -14.64 13.48 25.02
CA GLN A 149 -14.03 12.90 26.23
C GLN A 149 -13.89 13.88 27.41
N THR A 150 -13.80 15.17 27.12
CA THR A 150 -13.55 16.21 28.11
C THR A 150 -14.66 17.25 28.08
N SER A 151 -15.80 16.89 28.61
CA SER A 151 -17.03 17.72 28.53
C SER A 151 -17.24 18.50 29.83
N HIS A 152 -17.82 19.72 29.77
CA HIS A 152 -18.10 20.54 30.99
C HIS A 152 -19.03 19.70 31.88
N LYS A 153 -20.06 19.14 31.23
CA LYS A 153 -20.94 18.20 31.87
C LYS A 153 -20.36 16.76 31.78
N ARG A 154 -19.98 16.23 32.93
CA ARG A 154 -19.38 14.87 33.04
C ARG A 154 -20.12 13.78 32.30
N GLU A 155 -21.45 13.88 32.27
CA GLU A 155 -22.34 12.82 31.84
C GLU A 155 -22.36 12.74 30.31
N LEU A 156 -22.08 13.87 29.68
CA LEU A 156 -22.04 13.96 28.24
C LEU A 156 -20.74 13.40 27.65
N ALA A 157 -19.73 13.21 28.51
CA ALA A 157 -18.45 12.59 28.12
C ALA A 157 -18.50 11.09 27.75
N GLY A 158 -19.70 10.55 27.57
CA GLY A 158 -19.90 9.23 27.00
C GLY A 158 -21.11 9.11 26.10
N ILE A 159 -21.30 7.87 25.67
CA ILE A 159 -22.50 7.45 24.93
C ILE A 159 -23.50 6.80 25.89
N LEU A 160 -24.78 7.14 25.71
CA LEU A 160 -25.89 6.60 26.54
C LEU A 160 -26.46 5.34 25.93
N MET A 161 -26.68 4.35 26.77
CA MET A 161 -27.47 3.18 26.42
C MET A 161 -28.67 3.17 27.34
N GLN A 162 -29.85 3.37 26.74
CA GLN A 162 -31.12 3.44 27.44
C GLN A 162 -31.99 2.22 27.11
N PHE A 163 -32.06 1.30 28.06
CA PHE A 163 -32.83 0.08 27.89
C PHE A 163 -34.24 0.34 28.36
N ASP A 164 -35.21 -0.03 27.53
CA ASP A 164 -36.62 -0.07 27.92
C ASP A 164 -37.10 -1.49 27.68
N GLN A 165 -37.06 -2.29 28.74
CA GLN A 165 -37.49 -3.69 28.71
C GLN A 165 -38.91 -3.85 28.16
N LYS A 166 -39.79 -2.98 28.63
CA LYS A 166 -41.21 -3.02 28.24
C LYS A 166 -41.49 -3.02 26.73
N HIS A 167 -40.78 -2.17 26.00
CA HIS A 167 -40.94 -2.04 24.54
C HIS A 167 -39.84 -2.71 23.75
N GLN A 168 -38.96 -3.47 24.41
CA GLN A 168 -37.84 -4.14 23.75
C GLN A 168 -36.93 -3.16 22.96
N THR A 169 -36.60 -2.00 23.54
CA THR A 169 -35.80 -0.99 22.83
C THR A 169 -34.51 -0.61 23.55
N LEU A 170 -33.43 -0.53 22.77
CA LEU A 170 -32.17 0.00 23.22
C LEU A 170 -31.85 1.27 22.44
N SER A 171 -32.00 2.42 23.09
CA SER A 171 -31.70 3.73 22.48
C SER A 171 -30.25 4.07 22.76
N VAL A 172 -29.56 4.53 21.72
CA VAL A 172 -28.14 4.90 21.79
C VAL A 172 -28.00 6.37 21.46
N VAL A 173 -27.38 7.13 22.34
CA VAL A 173 -27.42 8.60 22.25
C VAL A 173 -26.11 9.27 22.57
N GLY A 174 -25.70 10.21 21.71
CA GLY A 174 -24.50 10.98 21.91
C GLY A 174 -24.75 12.46 21.71
N THR A 175 -24.08 13.28 22.50
CA THR A 175 -24.16 14.71 22.33
C THR A 175 -22.93 15.45 22.89
N ASP A 176 -22.65 16.61 22.28
CA ASP A 176 -21.74 17.63 22.83
C ASP A 176 -22.40 19.01 23.09
N THR A 177 -23.73 19.05 23.14
CA THR A 177 -24.59 20.25 23.30
C THR A 177 -24.94 21.00 22.03
N LYS A 178 -24.18 20.76 20.95
CA LYS A 178 -24.33 21.48 19.68
C LYS A 178 -24.99 20.59 18.65
N ARG A 179 -24.82 19.30 18.82
CA ARG A 179 -25.50 18.29 18.02
C ARG A 179 -25.88 17.16 18.97
N LEU A 180 -27.00 16.51 18.67
CA LEU A 180 -27.40 15.35 19.40
C LEU A 180 -27.65 14.29 18.35
N SER A 181 -26.98 13.16 18.48
CA SER A 181 -27.14 12.06 17.55
C SER A 181 -27.66 10.84 18.29
N TYR A 182 -28.62 10.17 17.67
CA TYR A 182 -29.36 9.11 18.33
C TYR A 182 -29.91 8.06 17.37
N THR A 183 -30.13 6.89 17.91
CA THR A 183 -30.86 5.84 17.22
C THR A 183 -31.57 4.98 18.26
N GLN A 184 -32.60 4.28 17.83
CA GLN A 184 -33.28 3.34 18.66
C GLN A 184 -33.35 1.97 17.99
N LEU A 185 -32.77 0.95 18.62
CA LEU A 185 -32.82 -0.41 18.10
C LEU A 185 -34.07 -1.12 18.60
N GLU A 186 -34.86 -1.68 17.69
CA GLU A 186 -36.04 -2.47 18.01
C GLU A 186 -35.66 -3.93 18.27
N LYS A 187 -36.58 -4.65 18.91
CA LYS A 187 -36.51 -6.12 19.05
C LYS A 187 -35.19 -6.58 19.69
N ILE A 188 -34.99 -6.08 20.91
CA ILE A 188 -33.89 -6.50 21.77
C ILE A 188 -34.51 -7.20 22.95
N SER A 189 -34.09 -8.44 23.17
CA SER A 189 -34.54 -9.22 24.27
C SER A 189 -33.72 -8.71 25.45
N ILE A 190 -34.34 -7.87 26.27
CA ILE A 190 -33.67 -7.22 27.38
C ILE A 190 -34.00 -7.97 28.63
N HIS A 191 -33.00 -8.63 29.22
CA HIS A 191 -33.19 -9.37 30.49
C HIS A 191 -32.74 -8.48 31.63
N SER A 192 -33.71 -7.86 32.28
CA SER A 192 -33.42 -6.85 33.29
C SER A 192 -34.36 -6.86 34.49
N THR A 193 -33.82 -6.36 35.61
CA THR A 193 -34.52 -6.37 36.89
C THR A 193 -35.53 -5.21 36.96
N GLU A 194 -35.07 -3.98 36.72
CA GLU A 194 -35.93 -2.82 36.45
C GLU A 194 -36.34 -2.71 34.99
N GLU A 195 -37.42 -1.98 34.73
CA GLU A 195 -37.97 -1.81 33.39
C GLU A 195 -37.04 -0.89 32.63
N ASP A 196 -36.79 0.30 33.18
CA ASP A 196 -35.88 1.30 32.61
C ASP A 196 -34.54 1.34 33.32
N ILE A 197 -33.47 1.44 32.53
CA ILE A 197 -32.10 1.38 33.05
C ILE A 197 -31.13 1.99 32.03
N SER A 198 -30.28 2.91 32.48
CA SER A 198 -29.37 3.64 31.63
C SER A 198 -27.92 3.35 32.00
N CYS A 199 -27.11 3.06 30.99
CA CYS A 199 -25.67 2.97 31.16
C CYS A 199 -25.00 4.02 30.30
N ILE A 200 -24.12 4.81 30.89
CA ILE A 200 -23.26 5.75 30.14
C ILE A 200 -21.85 5.16 30.07
N LEU A 201 -21.45 4.74 28.87
CA LEU A 201 -20.07 4.26 28.60
C LEU A 201 -19.15 5.44 28.30
N PRO A 202 -18.00 5.51 29.00
CA PRO A 202 -17.06 6.59 28.69
C PRO A 202 -16.54 6.49 27.26
N LYS A 203 -16.18 7.64 26.69
CA LYS A 203 -15.66 7.72 25.31
C LYS A 203 -14.44 6.81 25.10
N ARG A 204 -13.56 6.76 26.09
CA ARG A 204 -12.33 5.97 26.02
C ARG A 204 -12.69 4.50 25.86
N ALA A 205 -13.60 4.04 26.71
CA ALA A 205 -14.14 2.69 26.65
C ALA A 205 -14.81 2.44 25.30
N LEU A 206 -15.60 3.40 24.83
CA LEU A 206 -16.30 3.29 23.56
C LEU A 206 -15.37 3.03 22.36
N LEU A 207 -14.28 3.78 22.32
CA LEU A 207 -13.27 3.64 21.27
C LEU A 207 -12.56 2.29 21.31
N GLU A 208 -12.34 1.74 22.51
CA GLU A 208 -11.80 0.37 22.67
C GLU A 208 -12.78 -0.71 22.23
N ILE A 209 -14.06 -0.51 22.52
CA ILE A 209 -15.10 -1.46 22.12
C ILE A 209 -15.13 -1.62 20.60
N LEU A 210 -14.93 -0.49 19.91
CA LEU A 210 -14.89 -0.46 18.44
C LEU A 210 -13.75 -1.29 17.86
N LYS A 211 -12.61 -1.33 18.54
CA LYS A 211 -11.49 -2.15 18.10
C LYS A 211 -11.68 -3.65 18.33
N LEU A 212 -12.46 -4.01 19.35
CA LEU A 212 -12.53 -5.39 19.83
C LEU A 212 -13.80 -6.16 19.45
N PHE A 213 -14.92 -5.45 19.23
CA PHE A 213 -16.24 -6.10 19.06
C PHE A 213 -17.02 -5.60 17.86
N TYR A 214 -17.87 -6.47 17.32
CA TYR A 214 -18.73 -6.14 16.19
C TYR A 214 -20.09 -6.86 16.32
N GLU A 215 -20.04 -8.19 16.26
CA GLU A 215 -21.19 -9.06 16.38
C GLU A 215 -20.87 -10.13 17.41
N ASN A 216 -21.91 -10.82 17.85
CA ASN A 216 -21.81 -12.04 18.67
C ASN A 216 -21.07 -11.81 19.98
N PHE A 217 -21.66 -10.97 20.82
CA PHE A 217 -21.14 -10.71 22.14
C PHE A 217 -22.27 -10.46 23.14
N SER A 218 -21.92 -10.56 24.42
CA SER A 218 -22.86 -10.33 25.52
C SER A 218 -22.56 -8.94 26.03
N PHE A 219 -23.58 -8.24 26.53
CA PHE A 219 -23.39 -6.99 27.27
C PHE A 219 -24.13 -7.11 28.60
N LYS A 220 -23.43 -6.98 29.71
CA LYS A 220 -24.06 -6.96 31.02
C LYS A 220 -23.61 -5.75 31.79
N SER A 221 -24.52 -5.17 32.59
CA SER A 221 -24.18 -4.09 33.49
C SER A 221 -24.87 -4.28 34.81
N ASP A 222 -24.29 -3.67 35.84
CA ASP A 222 -24.92 -3.60 37.17
C ASP A 222 -25.09 -2.16 37.67
N GLY A 223 -25.04 -1.19 36.76
CA GLY A 223 -25.13 0.23 37.10
C GLY A 223 -23.81 0.85 37.49
N MET A 224 -22.80 0.04 37.83
CA MET A 224 -21.46 0.51 38.21
C MET A 224 -20.45 0.19 37.10
N LEU A 225 -20.29 -1.10 36.77
CA LEU A 225 -19.49 -1.55 35.63
C LEU A 225 -20.38 -2.01 34.50
N ALA A 226 -19.78 -2.19 33.33
CA ALA A 226 -20.42 -2.87 32.22
C ALA A 226 -19.41 -3.81 31.61
N VAL A 227 -19.82 -5.07 31.43
CA VAL A 227 -18.95 -6.13 30.92
C VAL A 227 -19.44 -6.63 29.59
N ILE A 228 -18.54 -6.61 28.61
CA ILE A 228 -18.80 -7.12 27.27
C ILE A 228 -17.94 -8.36 27.09
N GLU A 229 -18.52 -9.42 26.53
CA GLU A 229 -17.81 -10.69 26.40
C GLU A 229 -18.14 -11.41 25.13
N ASN A 230 -17.12 -11.94 24.45
CA ASN A 230 -17.27 -12.87 23.35
C ASN A 230 -16.26 -14.01 23.52
N GLU A 231 -16.03 -14.81 22.48
CA GLU A 231 -15.21 -16.02 22.61
C GLU A 231 -13.75 -15.70 22.90
N MET A 232 -13.25 -14.61 22.31
CA MET A 232 -11.86 -14.20 22.48
C MET A 232 -11.65 -13.33 23.73
N HIS A 233 -12.59 -12.43 24.03
CA HIS A 233 -12.35 -11.39 25.04
C HIS A 233 -13.46 -11.24 26.08
N THR A 234 -13.05 -10.86 27.29
CA THR A 234 -13.87 -10.21 28.29
C THR A 234 -13.31 -8.81 28.45
N PHE A 235 -14.17 -7.82 28.34
CA PHE A 235 -13.85 -6.41 28.44
C PHE A 235 -14.67 -5.87 29.59
N PHE A 236 -14.13 -5.00 30.43
CA PHE A 236 -14.94 -4.24 31.38
C PHE A 236 -14.60 -2.76 31.35
N THR A 237 -15.61 -1.93 31.65
CA THR A 237 -15.45 -0.48 31.86
C THR A 237 -16.34 -0.02 32.99
N LYS A 238 -15.87 0.94 33.77
CA LYS A 238 -16.72 1.69 34.67
C LYS A 238 -17.66 2.56 33.86
N LEU A 239 -18.84 2.80 34.39
CA LEU A 239 -19.80 3.66 33.74
C LEU A 239 -19.67 5.04 34.31
N ILE A 240 -20.17 6.03 33.59
CA ILE A 240 -20.21 7.38 34.08
C ILE A 240 -21.41 7.46 35.01
N ASP A 241 -21.10 7.76 36.26
CA ASP A 241 -22.07 8.01 37.27
C ASP A 241 -22.71 9.39 37.02
N GLY A 242 -24.05 9.41 37.02
CA GLY A 242 -24.77 10.61 36.57
C GLY A 242 -25.99 10.29 35.73
N ASN A 243 -26.82 11.30 35.55
CA ASN A 243 -28.02 11.20 34.75
C ASN A 243 -27.88 11.95 33.43
N TYR A 244 -27.94 11.18 32.34
CA TYR A 244 -27.89 11.75 30.99
C TYR A 244 -29.16 12.53 30.80
N PRO A 245 -29.10 13.68 30.12
CA PRO A 245 -30.30 14.50 29.96
C PRO A 245 -31.36 13.81 29.11
N ASP A 246 -32.62 14.15 29.33
CA ASP A 246 -33.69 13.51 28.58
C ASP A 246 -33.67 14.05 27.15
N TYR A 247 -33.03 13.32 26.25
CA TYR A 247 -32.91 13.74 24.84
C TYR A 247 -34.26 13.95 24.14
N GLN A 248 -35.22 13.05 24.41
CA GLN A 248 -36.59 13.15 23.86
C GLN A 248 -37.31 14.49 24.13
N LYS A 249 -36.98 15.13 25.23
CA LYS A 249 -37.56 16.42 25.59
C LYS A 249 -37.05 17.61 24.76
N ILE A 250 -35.89 17.45 24.14
CA ILE A 250 -35.31 18.52 23.32
C ILE A 250 -35.58 18.32 21.82
N LEU A 251 -35.95 17.10 21.40
CA LEU A 251 -36.29 16.83 20.01
C LEU A 251 -37.56 17.56 19.64
N PRO A 252 -37.51 18.44 18.65
CA PRO A 252 -38.74 19.09 18.23
C PRO A 252 -39.76 18.06 17.77
N LYS A 253 -41.00 18.21 18.21
CA LYS A 253 -42.06 17.30 17.75
C LYS A 253 -42.53 17.57 16.35
N GLU A 254 -42.45 18.82 15.88
CA GLU A 254 -42.94 19.23 14.55
C GLU A 254 -41.92 20.05 13.81
N TYR A 255 -41.88 19.90 12.49
CA TYR A 255 -40.99 20.71 11.62
C TYR A 255 -41.81 21.38 10.52
N ILE A 256 -41.61 22.69 10.32
CA ILE A 256 -42.38 23.43 9.29
C ILE A 256 -42.07 22.90 7.90
N SER A 257 -40.79 22.65 7.63
CA SER A 257 -40.34 22.17 6.33
C SER A 257 -39.54 20.91 6.48
N SER A 258 -39.48 20.15 5.38
CA SER A 258 -38.66 18.93 5.27
C SER A 258 -38.19 18.81 3.84
N PHE A 259 -36.87 18.78 3.62
CA PHE A 259 -36.28 18.90 2.28
C PHE A 259 -35.53 17.64 1.97
N THR A 260 -35.86 16.99 0.86
CA THR A 260 -35.16 15.78 0.42
C THR A 260 -34.03 16.20 -0.52
N LEU A 261 -32.81 15.83 -0.13
CA LEU A 261 -31.59 16.41 -0.65
C LEU A 261 -30.57 15.32 -0.86
N GLY A 262 -29.61 15.55 -1.76
CA GLY A 262 -28.65 14.52 -2.18
C GLY A 262 -27.41 14.48 -1.32
N LYS A 263 -27.13 13.33 -0.72
CA LYS A 263 -26.10 13.23 0.32
C LYS A 263 -24.71 13.55 -0.18
N GLU A 264 -24.26 12.85 -1.23
CA GLU A 264 -22.90 13.05 -1.73
C GLU A 264 -22.70 14.44 -2.36
N GLU A 265 -23.74 14.98 -2.98
CA GLU A 265 -23.71 16.34 -3.50
C GLU A 265 -23.40 17.30 -2.34
N PHE A 266 -24.16 17.19 -1.26
CA PHE A 266 -23.95 18.03 -0.08
C PHE A 266 -22.59 17.82 0.59
N LYS A 267 -22.14 16.57 0.61
CA LYS A 267 -20.88 16.22 1.25
C LYS A 267 -19.72 16.91 0.54
N GLU A 268 -19.73 16.75 -0.77
CA GLU A 268 -18.73 17.30 -1.60
C GLU A 268 -18.69 18.81 -1.57
N SER A 269 -19.86 19.44 -1.52
CA SER A 269 -19.98 20.90 -1.48
C SER A 269 -19.49 21.47 -0.16
N ILE A 270 -19.73 20.72 0.92
CA ILE A 270 -19.33 21.13 2.24
C ILE A 270 -17.83 20.95 2.41
N LYS A 271 -17.27 19.83 1.94
CA LYS A 271 -15.80 19.67 1.87
C LYS A 271 -15.11 20.86 1.18
N LEU A 272 -15.66 21.26 0.04
CA LEU A 272 -15.13 22.36 -0.75
C LEU A 272 -15.01 23.66 0.01
N CYS A 273 -16.12 24.09 0.62
CA CYS A 273 -16.15 25.35 1.35
C CYS A 273 -15.38 25.27 2.66
N SER A 274 -15.26 24.05 3.18
CA SER A 274 -14.50 23.76 4.39
C SER A 274 -13.00 24.00 4.29
N SER A 275 -12.47 24.02 3.07
CA SER A 275 -11.06 24.33 2.84
C SER A 275 -10.69 25.75 3.22
N LEU A 276 -11.69 26.63 3.31
CA LEU A 276 -11.48 28.03 3.68
C LEU A 276 -12.04 28.42 5.02
N SER A 277 -13.12 27.78 5.48
CA SER A 277 -13.67 28.07 6.80
C SER A 277 -14.52 26.93 7.33
N SER A 278 -14.56 26.82 8.64
CA SER A 278 -15.27 25.71 9.28
C SER A 278 -16.80 25.91 9.35
N THR A 279 -17.26 27.17 9.25
CA THR A 279 -18.68 27.43 9.20
C THR A 279 -19.09 27.79 7.79
N ILE A 280 -20.29 27.35 7.38
CA ILE A 280 -20.81 27.52 6.02
C ILE A 280 -22.23 28.12 6.03
N LYS A 281 -22.47 29.06 5.13
CA LYS A 281 -23.81 29.55 4.87
C LYS A 281 -24.42 28.66 3.80
N LEU A 282 -25.56 28.07 4.09
CA LEU A 282 -26.26 27.21 3.17
C LEU A 282 -27.59 27.86 2.80
N THR A 283 -27.80 28.07 1.50
CA THR A 283 -29.02 28.73 0.99
C THR A 283 -29.79 27.75 0.14
N LEU A 284 -30.99 27.38 0.59
CA LEU A 284 -31.84 26.46 -0.13
C LEU A 284 -32.84 27.28 -0.93
N GLU A 285 -32.85 27.06 -2.23
CA GLU A 285 -33.81 27.66 -3.17
C GLU A 285 -34.63 26.50 -3.70
N LYS A 286 -35.65 26.83 -4.47
CA LYS A 286 -36.54 25.82 -5.03
C LYS A 286 -35.81 24.77 -5.87
N ASN A 287 -34.98 25.18 -6.82
CA ASN A 287 -34.29 24.24 -7.72
C ASN A 287 -32.76 24.19 -7.54
N ASN A 288 -32.29 24.74 -6.43
CA ASN A 288 -30.88 24.94 -6.21
C ASN A 288 -30.50 25.00 -4.74
N ALA A 289 -29.32 24.48 -4.38
CA ALA A 289 -28.74 24.69 -3.05
C ALA A 289 -27.39 25.32 -3.20
N LEU A 290 -27.14 26.40 -2.49
CA LEU A 290 -25.88 27.13 -2.56
C LEU A 290 -25.14 27.08 -1.24
N PHE A 291 -23.81 27.03 -1.32
CA PHE A 291 -22.96 26.88 -0.17
C PHE A 291 -21.93 27.99 -0.25
N GLU A 292 -21.69 28.71 0.84
CA GLU A 292 -20.68 29.77 0.85
C GLU A 292 -19.92 29.76 2.16
N SER A 293 -18.59 29.86 2.10
CA SER A 293 -17.80 29.99 3.33
C SER A 293 -18.09 31.31 4.06
N LEU A 294 -18.07 31.29 5.41
CA LEU A 294 -18.54 32.41 6.25
C LEU A 294 -17.45 33.10 7.09
N SER A 299 -12.70 39.06 3.09
CA SER A 299 -12.19 39.19 1.71
C SER A 299 -12.16 37.84 0.94
N GLU A 300 -11.70 36.79 1.62
CA GLU A 300 -11.82 35.40 1.09
C GLU A 300 -13.23 34.90 0.85
N THR A 301 -13.41 34.01 -0.10
CA THR A 301 -14.74 33.37 -0.32
C THR A 301 -14.51 32.03 -0.98
N ALA A 302 -15.28 31.04 -0.53
CA ALA A 302 -15.54 29.83 -1.32
C ALA A 302 -17.04 29.80 -1.57
N LYS A 303 -17.45 29.55 -2.81
CA LYS A 303 -18.84 29.27 -3.13
C LYS A 303 -18.93 28.06 -4.03
N THR A 304 -20.06 27.37 -3.95
CA THR A 304 -20.42 26.32 -4.90
C THR A 304 -21.91 26.06 -4.81
N SER A 305 -22.47 25.42 -5.82
CA SER A 305 -23.88 25.12 -5.84
C SER A 305 -24.18 23.72 -6.42
N VAL A 306 -25.30 23.12 -5.98
CA VAL A 306 -25.80 21.89 -6.56
C VAL A 306 -27.25 22.10 -6.99
N GLU A 307 -27.59 21.51 -8.12
CA GLU A 307 -28.97 21.56 -8.60
C GLU A 307 -29.81 20.51 -7.95
N ILE A 308 -31.04 20.91 -7.67
CA ILE A 308 -32.04 20.03 -7.11
C ILE A 308 -33.07 19.96 -8.22
N GLU A 309 -33.17 18.81 -8.87
CA GLU A 309 -34.11 18.71 -9.98
C GLU A 309 -35.53 18.65 -9.45
N LYS A 310 -35.75 17.79 -8.46
CA LYS A 310 -37.06 17.68 -7.80
C LYS A 310 -37.21 18.91 -6.87
N GLY A 311 -37.87 19.93 -7.39
CA GLY A 311 -37.97 21.24 -6.73
C GLY A 311 -38.55 21.21 -5.31
N LEU A 312 -37.97 21.97 -4.39
CA LEU A 312 -38.39 21.98 -3.01
C LEU A 312 -39.65 22.81 -2.84
N ASP A 313 -40.38 22.55 -1.75
CA ASP A 313 -41.57 23.32 -1.39
C ASP A 313 -41.10 24.58 -0.64
N ILE A 314 -40.75 25.64 -1.41
CA ILE A 314 -40.17 26.94 -0.93
C ILE A 314 -40.81 28.19 -1.59
N GLU A 315 -40.85 29.30 -0.83
CA GLU A 315 -41.04 30.67 -1.37
C GLU A 315 -39.91 31.61 -0.93
N ALA A 317 -36.56 31.74 -0.18
CA ALA A 317 -35.31 31.03 0.07
C ALA A 317 -34.98 30.96 1.55
N PHE A 318 -34.33 29.86 1.92
CA PHE A 318 -34.10 29.50 3.30
C PHE A 318 -32.60 29.47 3.57
N HIS A 319 -32.11 30.42 4.37
CA HIS A 319 -30.68 30.50 4.74
C HIS A 319 -30.42 29.79 6.08
N LEU A 320 -29.25 29.18 6.20
CA LEU A 320 -28.94 28.36 7.36
C LEU A 320 -27.43 28.26 7.60
N GLY A 321 -26.96 28.79 8.73
CA GLY A 321 -25.56 28.69 9.13
C GLY A 321 -25.30 27.35 9.77
N VAL A 322 -24.29 26.62 9.29
CA VAL A 322 -23.93 25.29 9.82
C VAL A 322 -22.41 25.14 10.01
N ASN A 323 -22.01 24.32 10.97
CA ASN A 323 -20.62 23.89 11.14
C ASN A 323 -20.39 22.79 10.10
N ALA A 324 -19.36 22.95 9.28
CA ALA A 324 -19.10 22.02 8.18
C ALA A 324 -18.89 20.58 8.66
N LYS A 325 -17.96 20.42 9.59
CA LYS A 325 -17.57 19.13 10.08
C LYS A 325 -18.75 18.41 10.79
N PHE A 326 -19.58 19.16 11.53
CA PHE A 326 -20.79 18.61 12.13
C PHE A 326 -21.74 18.09 11.06
N PHE A 327 -22.01 18.90 10.04
CA PHE A 327 -22.91 18.49 8.96
C PHE A 327 -22.37 17.24 8.22
N LEU A 328 -21.06 17.15 8.02
CA LEU A 328 -20.45 15.99 7.39
C LEU A 328 -20.58 14.72 8.24
N GLU A 329 -20.22 14.85 9.52
CA GLU A 329 -20.33 13.73 10.48
C GLU A 329 -21.76 13.23 10.59
N ALA A 330 -22.73 14.13 10.45
CA ALA A 330 -24.13 13.77 10.44
C ALA A 330 -24.52 12.99 9.20
N LEU A 331 -24.07 13.44 8.04
CA LEU A 331 -24.28 12.73 6.78
C LEU A 331 -23.51 11.41 6.67
N ASN A 332 -22.37 11.27 7.35
CA ASN A 332 -21.62 10.00 7.37
C ASN A 332 -22.37 8.93 8.12
N ALA A 333 -23.17 9.34 9.11
CA ALA A 333 -24.04 8.43 9.88
C ALA A 333 -25.13 7.77 9.01
N LEU A 334 -25.45 8.37 7.86
CA LEU A 334 -26.56 7.90 6.98
C LEU A 334 -26.07 6.92 5.94
N GLY A 335 -26.90 5.93 5.64
CA GLY A 335 -26.61 4.93 4.65
C GLY A 335 -27.38 5.12 3.36
N THR A 336 -28.36 6.02 3.35
CA THR A 336 -29.14 6.25 2.16
C THR A 336 -28.37 7.18 1.21
N THR A 337 -28.82 7.18 -0.03
CA THR A 337 -28.22 7.96 -1.09
C THR A 337 -28.71 9.43 -0.96
N GLN A 338 -29.92 9.60 -0.44
CA GLN A 338 -30.50 10.94 -0.19
C GLN A 338 -30.82 11.10 1.29
N PHE A 339 -30.98 12.33 1.76
CA PHE A 339 -31.27 12.59 3.16
C PHE A 339 -32.37 13.64 3.30
N VAL A 340 -32.92 13.70 4.50
CA VAL A 340 -33.97 14.65 4.81
C VAL A 340 -33.44 15.65 5.83
N LEU A 341 -33.66 16.92 5.54
CA LEU A 341 -33.33 18.01 6.43
C LEU A 341 -34.65 18.66 6.80
N ARG A 342 -34.96 18.63 8.08
CA ARG A 342 -36.19 19.23 8.59
C ARG A 342 -35.81 20.42 9.46
N CYS A 343 -36.47 21.55 9.25
CA CYS A 343 -36.19 22.74 10.02
C CYS A 343 -37.49 23.51 10.22
N ASN A 344 -37.49 24.32 11.27
CA ASN A 344 -38.53 25.31 11.52
C ASN A 344 -37.91 26.65 11.10
N GLU A 345 -37.40 27.44 12.03
CA GLU A 345 -36.81 28.75 11.70
C GLU A 345 -35.30 28.56 11.46
N PRO A 346 -34.63 29.58 10.87
CA PRO A 346 -33.16 29.51 10.66
C PRO A 346 -32.36 29.38 11.96
N SER A 347 -32.87 29.98 13.04
CA SER A 347 -32.19 29.99 14.34
C SER A 347 -32.52 28.78 15.20
N SER A 348 -33.55 28.01 14.83
CA SER A 348 -34.00 26.84 15.61
C SER A 348 -33.23 25.62 15.15
N PRO A 349 -33.08 24.62 16.02
CA PRO A 349 -32.48 23.35 15.64
C PRO A 349 -33.07 22.74 14.38
N PHE A 350 -32.28 21.97 13.67
CA PHE A 350 -32.75 21.26 12.49
C PHE A 350 -32.34 19.81 12.57
N LEU A 351 -33.09 18.94 11.90
CA LEU A 351 -32.85 17.50 11.95
C LEU A 351 -32.31 16.94 10.61
N ILE A 352 -31.44 15.95 10.70
CA ILE A 352 -30.90 15.22 9.53
C ILE A 352 -31.13 13.73 9.67
N GLN A 353 -31.70 13.12 8.64
CA GLN A 353 -31.95 11.69 8.65
C GLN A 353 -32.09 11.08 7.30
N GLU A 354 -32.13 9.76 7.28
CA GLU A 354 -32.27 9.02 6.05
C GLU A 354 -33.59 9.26 5.30
N SER A 355 -33.60 8.89 4.02
CA SER A 355 -34.71 9.00 3.10
C SER A 355 -35.25 7.57 2.87
N LYS A 366 -30.63 3.31 12.08
CA LYS A 366 -31.11 4.53 11.42
C LYS A 366 -30.85 5.70 12.36
N ILE A 367 -29.75 6.35 12.04
CA ILE A 367 -29.22 7.43 12.86
C ILE A 367 -29.63 8.82 12.41
N SER A 368 -30.18 9.56 13.36
CA SER A 368 -30.66 10.92 13.14
C SER A 368 -29.75 11.83 13.93
N THR A 369 -29.58 13.05 13.44
CA THR A 369 -28.76 14.05 14.11
C THR A 369 -29.54 15.37 14.19
N LEU A 370 -29.77 15.85 15.41
CA LEU A 370 -30.35 17.17 15.65
C LEU A 370 -29.19 18.10 15.86
N MET A 371 -29.26 19.26 15.24
CA MET A 371 -28.12 20.16 15.15
C MET A 371 -28.58 21.56 15.35
N MET A 372 -27.78 22.30 16.09
CA MET A 372 -28.03 23.69 16.31
C MET A 372 -27.31 24.44 15.20
N PRO A 373 -28.02 25.37 14.53
CA PRO A 373 -27.39 26.19 13.55
C PRO A 373 -26.60 27.33 14.17
N ILE A 374 -25.91 28.06 13.29
CA ILE A 374 -25.16 29.24 13.61
C ILE A 374 -26.02 30.36 13.07
N THR A 375 -25.90 31.50 13.76
CA THR A 375 -26.93 32.48 13.88
C THR A 375 -26.37 33.95 13.63
N MET B 3 -40.31 -10.09 -2.58
CA MET B 3 -39.03 -9.65 -1.89
C MET B 3 -38.63 -8.18 -2.09
N LYS B 4 -38.16 -7.54 -1.01
CA LYS B 4 -37.77 -6.12 -1.00
C LYS B 4 -36.83 -5.85 0.18
N ILE B 5 -35.57 -5.54 -0.10
CA ILE B 5 -34.57 -5.27 0.97
C ILE B 5 -33.64 -4.14 0.56
N SER B 6 -32.97 -3.61 1.56
CA SER B 6 -31.87 -2.71 1.33
C SER B 6 -30.67 -3.32 2.08
N VAL B 7 -29.51 -3.34 1.41
CA VAL B 7 -28.28 -3.91 1.96
C VAL B 7 -27.12 -2.94 1.70
N SER B 8 -26.09 -3.03 2.53
CA SER B 8 -24.93 -2.15 2.38
C SER B 8 -24.03 -2.71 1.25
N LYS B 9 -23.53 -1.84 0.40
CA LYS B 9 -22.74 -2.23 -0.79
C LYS B 9 -21.52 -3.08 -0.42
N ASN B 10 -20.82 -2.67 0.63
CA ASN B 10 -19.62 -3.43 1.06
C ASN B 10 -19.87 -4.85 1.52
N ASP B 11 -20.86 -5.00 2.38
CA ASP B 11 -21.30 -6.33 2.84
C ASP B 11 -21.62 -7.30 1.70
N LEU B 12 -22.42 -6.80 0.75
CA LEU B 12 -22.87 -7.58 -0.39
C LEU B 12 -21.71 -7.98 -1.27
N GLU B 13 -20.91 -6.99 -1.66
CA GLU B 13 -19.79 -7.21 -2.57
C GLU B 13 -18.90 -8.29 -2.01
N ASN B 14 -18.63 -8.17 -0.73
CA ASN B 14 -17.78 -9.11 -0.07
C ASN B 14 -18.38 -10.54 -0.08
N ALA B 15 -19.65 -10.68 0.27
CA ALA B 15 -20.31 -11.98 0.21
C ALA B 15 -20.22 -12.56 -1.19
N LEU B 16 -20.42 -11.72 -2.19
CA LEU B 16 -20.43 -12.17 -3.59
C LEU B 16 -19.08 -12.57 -4.14
N ARG B 17 -18.01 -11.95 -3.66
CA ARG B 17 -16.64 -12.34 -4.02
C ARG B 17 -16.34 -13.77 -3.58
N TYR B 18 -16.62 -14.05 -2.31
CA TYR B 18 -16.42 -15.39 -1.77
C TYR B 18 -17.23 -16.45 -2.49
N LEU B 19 -18.42 -16.11 -2.98
CA LEU B 19 -19.30 -17.09 -3.61
C LEU B 19 -18.88 -17.47 -5.04
N GLN B 20 -18.05 -16.66 -5.68
CA GLN B 20 -17.70 -16.86 -7.10
C GLN B 20 -17.09 -18.22 -7.35
N ALA B 21 -16.24 -18.65 -6.43
CA ALA B 21 -15.56 -19.93 -6.51
C ALA B 21 -16.48 -21.14 -6.50
N PHE B 22 -17.70 -20.93 -6.00
CA PHE B 22 -18.65 -22.02 -5.87
C PHE B 22 -19.59 -22.15 -7.06
N LEU B 23 -19.49 -21.23 -8.01
CA LEU B 23 -20.33 -21.20 -9.21
C LEU B 23 -19.74 -22.02 -10.36
N ASP B 24 -20.62 -22.41 -11.29
CA ASP B 24 -20.25 -23.00 -12.57
C ASP B 24 -20.38 -21.86 -13.57
N LYS B 25 -19.47 -20.90 -13.50
CA LYS B 25 -19.58 -19.67 -14.34
C LYS B 25 -19.53 -19.99 -15.87
N LYS B 26 -18.75 -21.04 -16.22
CA LYS B 26 -18.64 -21.62 -17.57
C LYS B 26 -19.94 -21.64 -18.38
N ASP B 27 -21.03 -22.03 -17.73
CA ASP B 27 -22.32 -22.24 -18.39
C ASP B 27 -23.44 -21.41 -17.76
N ALA B 28 -23.78 -20.25 -18.34
CA ALA B 28 -24.85 -19.38 -17.82
C ALA B 28 -26.30 -19.92 -18.00
N SER B 29 -26.49 -20.91 -18.88
CA SER B 29 -27.80 -21.62 -18.98
C SER B 29 -28.13 -22.41 -17.73
N SER B 30 -27.11 -22.78 -16.95
CA SER B 30 -27.29 -23.62 -15.77
C SER B 30 -27.72 -22.82 -14.56
N ILE B 31 -28.56 -23.44 -13.75
CA ILE B 31 -28.87 -22.99 -12.38
C ILE B 31 -27.60 -22.88 -11.52
N ALA B 32 -26.60 -23.72 -11.76
CA ALA B 32 -25.35 -23.69 -11.01
C ALA B 32 -24.53 -22.41 -11.17
N SER B 33 -24.78 -21.66 -12.25
CA SER B 33 -24.20 -20.34 -12.44
C SER B 33 -24.88 -19.25 -11.60
N HIS B 34 -25.99 -19.58 -10.92
CA HIS B 34 -26.73 -18.59 -10.15
C HIS B 34 -26.42 -18.67 -8.66
N ILE B 35 -26.52 -17.51 -8.02
CA ILE B 35 -26.58 -17.39 -6.59
C ILE B 35 -28.04 -17.34 -6.16
N HIS B 36 -28.42 -18.21 -5.21
CA HIS B 36 -29.77 -18.28 -4.60
C HIS B 36 -29.87 -17.26 -3.47
N LEU B 37 -30.87 -16.40 -3.55
CA LEU B 37 -31.11 -15.36 -2.56
C LEU B 37 -32.29 -15.75 -1.68
N GLU B 38 -32.17 -15.52 -0.38
CA GLU B 38 -33.29 -15.72 0.52
C GLU B 38 -33.30 -14.79 1.71
N VAL B 39 -34.38 -14.02 1.87
CA VAL B 39 -34.53 -13.12 3.02
C VAL B 39 -35.35 -13.79 4.10
N ILE B 40 -34.75 -13.97 5.28
CA ILE B 40 -35.47 -14.40 6.47
C ILE B 40 -35.17 -13.38 7.56
N LYS B 41 -36.23 -12.67 7.94
CA LYS B 41 -36.18 -11.62 8.93
C LYS B 41 -35.21 -10.56 8.51
N GLU B 42 -34.13 -10.34 9.26
CA GLU B 42 -33.19 -9.26 8.97
C GLU B 42 -31.90 -9.79 8.35
N LYS B 43 -31.99 -10.94 7.66
CA LYS B 43 -30.84 -11.55 7.01
C LYS B 43 -31.16 -11.87 5.56
N LEU B 44 -30.22 -11.52 4.65
CA LEU B 44 -30.19 -12.04 3.27
C LEU B 44 -29.23 -13.20 3.26
N PHE B 45 -29.74 -14.40 2.96
CA PHE B 45 -28.95 -15.61 2.84
C PHE B 45 -28.58 -15.88 1.38
N LEU B 46 -27.31 -16.12 1.12
CA LEU B 46 -26.81 -16.36 -0.23
C LEU B 46 -26.21 -17.75 -0.34
N LYS B 47 -26.58 -18.49 -1.37
CA LYS B 47 -26.07 -19.83 -1.61
C LYS B 47 -25.53 -19.96 -3.02
N ALA B 48 -24.40 -20.63 -3.17
CA ALA B 48 -23.92 -21.06 -4.47
C ALA B 48 -23.35 -22.46 -4.35
N SER B 49 -23.46 -23.21 -5.43
CA SER B 49 -23.07 -24.61 -5.45
C SER B 49 -22.89 -25.04 -6.91
N ASP B 50 -21.92 -25.91 -7.16
CA ASP B 50 -21.80 -26.63 -8.44
C ASP B 50 -21.61 -28.14 -8.26
N SER B 51 -22.38 -28.76 -7.36
CA SER B 51 -22.28 -30.19 -7.09
C SER B 51 -21.07 -30.67 -6.25
N ASP B 52 -19.83 -30.29 -6.62
CA ASP B 52 -18.65 -30.67 -5.86
C ASP B 52 -18.54 -29.91 -4.58
N ILE B 53 -18.67 -28.59 -4.66
CA ILE B 53 -18.59 -27.76 -3.48
C ILE B 53 -19.79 -26.83 -3.41
N GLY B 54 -20.03 -26.30 -2.21
CA GLY B 54 -21.11 -25.34 -1.98
C GLY B 54 -20.83 -24.46 -0.78
N LEU B 55 -21.37 -23.26 -0.81
CA LEU B 55 -21.27 -22.31 0.28
C LEU B 55 -22.62 -21.63 0.54
N LYS B 56 -23.03 -21.58 1.81
CA LYS B 56 -24.09 -20.71 2.29
C LYS B 56 -23.46 -19.61 3.11
N SER B 57 -23.95 -18.39 2.93
CA SER B 57 -23.43 -17.20 3.61
C SER B 57 -24.60 -16.29 3.90
N TYR B 58 -24.38 -15.26 4.72
CA TYR B 58 -25.39 -14.21 4.87
C TYR B 58 -24.83 -12.83 5.18
N ILE B 59 -25.63 -11.82 4.92
CA ILE B 59 -25.39 -10.45 5.37
C ILE B 59 -26.65 -9.94 6.09
N PHE B 60 -26.52 -8.91 6.88
CA PHE B 60 -27.65 -8.31 7.55
C PHE B 60 -28.24 -7.27 6.62
N THR B 61 -29.55 -7.07 6.71
CA THR B 61 -30.23 -6.09 5.89
C THR B 61 -30.32 -4.78 6.64
N GLN B 62 -30.22 -3.69 5.90
CA GLN B 62 -30.47 -2.35 6.42
C GLN B 62 -31.98 -2.07 6.49
N SER B 63 -32.76 -2.76 5.66
CA SER B 63 -34.21 -2.82 5.84
C SER B 63 -34.73 -4.10 5.17
N SER B 64 -35.82 -4.64 5.72
CA SER B 64 -36.51 -5.84 5.20
C SER B 64 -38.00 -5.54 5.09
N ASP B 65 -38.41 -5.01 3.96
CA ASP B 65 -39.79 -4.60 3.78
C ASP B 65 -40.60 -5.82 3.39
N LYS B 66 -40.00 -6.73 2.64
CA LYS B 66 -40.63 -7.97 2.26
C LYS B 66 -39.63 -9.14 2.18
N GLU B 67 -39.98 -10.26 2.80
CA GLU B 67 -39.21 -11.51 2.69
C GLU B 67 -39.49 -12.21 1.38
N GLY B 68 -38.55 -13.02 0.91
CA GLY B 68 -38.79 -13.82 -0.29
C GLY B 68 -37.54 -14.48 -0.84
N VAL B 69 -37.70 -15.15 -1.97
CA VAL B 69 -36.61 -15.88 -2.58
C VAL B 69 -36.35 -15.40 -3.99
N GLY B 70 -35.17 -15.76 -4.47
CA GLY B 70 -34.74 -15.37 -5.77
C GLY B 70 -33.47 -16.06 -6.23
N THR B 71 -33.14 -15.92 -7.51
CA THR B 71 -31.86 -16.29 -8.03
C THR B 71 -31.36 -15.19 -8.98
N ILE B 72 -30.06 -15.21 -9.22
CA ILE B 72 -29.42 -14.27 -10.11
C ILE B 72 -28.09 -14.86 -10.59
N ASN B 73 -27.71 -14.58 -11.84
CA ASN B 73 -26.38 -14.97 -12.32
C ASN B 73 -25.28 -14.41 -11.41
N GLY B 74 -24.50 -15.30 -10.82
CA GLY B 74 -23.56 -14.95 -9.76
C GLY B 74 -22.44 -14.02 -10.18
N LYS B 75 -21.95 -14.20 -11.40
CA LYS B 75 -20.89 -13.36 -11.90
C LYS B 75 -21.43 -11.97 -12.21
N LYS B 76 -22.53 -11.92 -12.95
CA LYS B 76 -23.16 -10.65 -13.30
C LYS B 76 -23.59 -9.84 -12.08
N PHE B 77 -24.01 -10.52 -11.04
CA PHE B 77 -24.45 -9.87 -9.83
C PHE B 77 -23.26 -9.14 -9.20
N LEU B 78 -22.11 -9.80 -9.09
CA LEU B 78 -20.91 -9.17 -8.55
C LEU B 78 -20.44 -7.97 -9.38
N ASP B 79 -20.42 -8.14 -10.70
CA ASP B 79 -20.06 -7.07 -11.63
C ASP B 79 -20.84 -5.79 -11.36
N ILE B 80 -22.16 -5.95 -11.26
CA ILE B 80 -23.05 -4.82 -11.02
C ILE B 80 -22.80 -4.17 -9.66
N ILE B 81 -22.68 -4.97 -8.62
CA ILE B 81 -22.54 -4.43 -7.27
C ILE B 81 -21.22 -3.67 -7.15
N SER B 82 -20.16 -4.20 -7.74
CA SER B 82 -18.84 -3.53 -7.69
C SER B 82 -18.79 -2.18 -8.39
N CYS B 83 -19.72 -1.92 -9.30
CA CYS B 83 -19.84 -0.61 -9.95
C CYS B 83 -20.59 0.44 -9.16
N LEU B 84 -21.34 0.04 -8.14
CA LEU B 84 -22.21 0.96 -7.41
C LEU B 84 -21.44 1.67 -6.29
N LYS B 85 -22.04 2.70 -5.74
CA LYS B 85 -21.42 3.50 -4.69
C LYS B 85 -21.49 2.84 -3.33
N ASP B 86 -20.64 3.28 -2.39
CA ASP B 86 -20.66 2.82 -0.98
C ASP B 86 -21.83 3.40 -0.24
N SER B 87 -23.02 3.08 -0.72
CA SER B 87 -24.27 3.43 -0.05
C SER B 87 -25.12 2.16 -0.05
N ASN B 88 -26.33 2.26 0.48
CA ASN B 88 -27.24 1.14 0.45
C ASN B 88 -27.74 0.92 -0.97
N ILE B 89 -28.00 -0.35 -1.25
CA ILE B 89 -28.49 -0.82 -2.53
C ILE B 89 -29.83 -1.53 -2.25
N ILE B 90 -30.87 -1.20 -3.02
CA ILE B 90 -32.17 -1.84 -2.94
C ILE B 90 -32.14 -3.09 -3.79
N LEU B 91 -32.56 -4.23 -3.23
CA LEU B 91 -32.79 -5.46 -3.96
C LEU B 91 -34.29 -5.80 -3.90
N GLU B 92 -34.87 -6.23 -5.02
CA GLU B 92 -36.32 -6.38 -5.17
C GLU B 92 -36.64 -7.35 -6.27
N THR B 93 -37.57 -8.27 -6.05
CA THR B 93 -38.12 -9.12 -7.11
C THR B 93 -39.32 -8.50 -7.79
N LYS B 94 -39.37 -8.62 -9.10
CA LYS B 94 -40.52 -8.20 -9.89
C LYS B 94 -40.74 -9.24 -10.96
N ASP B 95 -41.77 -10.06 -10.75
CA ASP B 95 -42.11 -11.18 -11.64
C ASP B 95 -41.00 -12.26 -11.60
N ASP B 96 -40.22 -12.35 -12.68
CA ASP B 96 -39.11 -13.31 -12.79
C ASP B 96 -37.80 -12.53 -12.94
N SER B 97 -37.80 -11.26 -12.54
CA SER B 97 -36.62 -10.42 -12.59
C SER B 97 -36.17 -10.01 -11.19
N LEU B 98 -34.85 -9.89 -11.01
CA LEU B 98 -34.27 -9.24 -9.84
C LEU B 98 -33.91 -7.81 -10.17
N ALA B 99 -34.46 -6.86 -9.41
CA ALA B 99 -34.19 -5.44 -9.57
C ALA B 99 -33.13 -5.01 -8.55
N ILE B 100 -32.04 -4.39 -9.06
CA ILE B 100 -31.00 -3.81 -8.23
C ILE B 100 -31.06 -2.32 -8.51
N LYS B 101 -31.17 -1.52 -7.46
CA LYS B 101 -31.36 -0.08 -7.58
C LYS B 101 -30.48 0.64 -6.62
N GLN B 102 -29.97 1.78 -7.05
CA GLN B 102 -29.27 2.70 -6.17
C GLN B 102 -29.39 4.04 -6.80
N ASN B 103 -30.17 4.90 -6.16
CA ASN B 103 -30.38 6.27 -6.64
C ASN B 103 -30.98 6.24 -8.03
N LYS B 104 -30.26 6.70 -9.06
CA LYS B 104 -30.82 6.83 -10.41
C LYS B 104 -30.48 5.60 -11.28
N SER B 105 -29.68 4.68 -10.76
CA SER B 105 -29.23 3.51 -11.48
C SER B 105 -30.11 2.34 -11.14
N SER B 106 -30.64 1.67 -12.14
CA SER B 106 -31.48 0.49 -11.92
C SER B 106 -31.15 -0.64 -12.90
N PHE B 107 -30.99 -1.83 -12.35
CA PHE B 107 -30.66 -3.01 -13.11
C PHE B 107 -31.79 -4.04 -13.03
N LYS B 108 -31.99 -4.78 -14.11
CA LYS B 108 -32.90 -5.92 -14.17
C LYS B 108 -32.11 -7.16 -14.63
N LEU B 109 -32.30 -8.29 -13.93
CA LEU B 109 -31.69 -9.57 -14.32
C LEU B 109 -32.66 -10.73 -14.21
N PRO B 110 -32.60 -11.68 -15.16
CA PRO B 110 -33.56 -12.78 -15.11
C PRO B 110 -33.22 -13.81 -14.03
N MET B 111 -34.26 -14.35 -13.39
CA MET B 111 -34.15 -15.36 -12.32
C MET B 111 -34.62 -16.73 -12.79
N PHE B 112 -33.96 -17.78 -12.32
CA PHE B 112 -34.53 -19.14 -12.35
C PHE B 112 -35.55 -19.34 -11.22
N ASP B 113 -36.45 -20.29 -11.39
CA ASP B 113 -37.33 -20.72 -10.32
C ASP B 113 -36.45 -21.17 -9.15
N ALA B 114 -36.60 -20.50 -8.01
CA ALA B 114 -35.72 -20.74 -6.86
C ALA B 114 -35.98 -22.05 -6.11
N ASP B 115 -37.15 -22.68 -6.32
CA ASP B 115 -37.39 -24.04 -5.82
C ASP B 115 -36.56 -25.08 -6.56
N GLU B 116 -36.08 -24.77 -7.76
CA GLU B 116 -35.24 -25.70 -8.54
C GLU B 116 -33.76 -25.51 -8.27
N PHE B 117 -33.41 -24.52 -7.47
CA PHE B 117 -32.06 -24.43 -6.95
C PHE B 117 -31.86 -25.58 -5.96
N PRO B 118 -30.77 -26.35 -6.10
CA PRO B 118 -30.65 -27.55 -5.30
C PRO B 118 -30.38 -27.24 -3.85
N GLU B 119 -30.99 -28.03 -2.98
CA GLU B 119 -30.86 -27.83 -1.54
C GLU B 119 -29.50 -28.30 -1.09
N PHE B 120 -29.02 -27.69 0.00
CA PHE B 120 -27.77 -28.10 0.58
C PHE B 120 -27.98 -29.40 1.30
N PRO B 121 -26.97 -30.27 1.26
CA PRO B 121 -27.12 -31.62 1.83
C PRO B 121 -27.21 -31.62 3.37
N VAL B 122 -28.09 -32.48 3.87
CA VAL B 122 -28.11 -32.89 5.29
C VAL B 122 -27.57 -34.31 5.34
N ILE B 123 -26.47 -34.46 6.08
CA ILE B 123 -25.76 -35.73 6.17
C ILE B 123 -25.98 -36.29 7.55
N ASP B 124 -25.85 -37.61 7.69
CA ASP B 124 -25.75 -38.24 8.99
C ASP B 124 -24.28 -38.42 9.30
N PRO B 125 -23.73 -37.63 10.25
CA PRO B 125 -22.30 -37.73 10.51
C PRO B 125 -21.82 -39.10 10.95
N LYS B 126 -20.84 -39.65 10.23
CA LYS B 126 -20.08 -40.82 10.69
C LYS B 126 -18.97 -40.37 11.59
N VAL B 127 -18.48 -39.17 11.33
CA VAL B 127 -17.50 -38.55 12.20
C VAL B 127 -17.83 -37.07 12.36
N SER B 128 -17.48 -36.51 13.51
CA SER B 128 -17.81 -35.14 13.82
C SER B 128 -16.85 -34.58 14.88
N ILE B 129 -16.25 -33.43 14.60
CA ILE B 129 -15.40 -32.73 15.59
C ILE B 129 -15.69 -31.23 15.63
N GLU B 130 -15.40 -30.62 16.77
CA GLU B 130 -15.47 -29.17 16.96
C GLU B 130 -14.04 -28.63 17.05
N VAL B 131 -13.72 -27.64 16.23
CA VAL B 131 -12.35 -27.14 16.11
C VAL B 131 -12.27 -25.72 16.67
N ASN B 132 -11.56 -25.56 17.77
CA ASN B 132 -11.39 -24.24 18.41
C ASN B 132 -9.99 -23.67 18.23
N ALA B 133 -8.98 -24.55 18.20
CA ALA B 133 -7.63 -24.12 17.94
C ALA B 133 -7.42 -23.96 16.45
N PRO B 134 -6.43 -23.15 16.06
CA PRO B 134 -6.15 -22.94 14.66
C PRO B 134 -5.31 -24.05 14.03
N PHE B 135 -4.94 -25.09 14.79
CA PHE B 135 -3.91 -26.05 14.37
C PHE B 135 -4.30 -26.83 13.11
N LEU B 136 -5.56 -27.25 13.00
CA LEU B 136 -6.02 -27.97 11.80
C LEU B 136 -5.84 -27.12 10.55
N VAL B 137 -6.30 -25.88 10.59
CA VAL B 137 -6.25 -25.00 9.42
C VAL B 137 -4.83 -24.50 9.16
N ASP B 138 -4.04 -24.30 10.21
CA ASP B 138 -2.60 -24.06 10.03
C ASP B 138 -1.98 -25.24 9.27
N ALA B 139 -2.33 -26.47 9.65
CA ALA B 139 -1.82 -27.68 8.96
C ALA B 139 -2.30 -27.77 7.53
N PHE B 140 -3.55 -27.42 7.25
CA PHE B 140 -4.02 -27.37 5.87
C PHE B 140 -3.13 -26.42 5.05
N LYS B 141 -2.93 -25.23 5.60
CA LYS B 141 -2.22 -24.14 4.90
C LYS B 141 -0.85 -24.59 4.49
N LYS B 142 -0.18 -25.26 5.42
CA LYS B 142 1.19 -25.66 5.23
C LYS B 142 1.33 -26.91 4.39
N ILE B 143 0.34 -27.78 4.42
CA ILE B 143 0.42 -29.01 3.65
C ILE B 143 -0.13 -28.83 2.23
N ALA B 144 -1.02 -27.87 2.02
CA ALA B 144 -1.64 -27.66 0.70
C ALA B 144 -0.67 -27.58 -0.51
N PRO B 145 0.44 -26.83 -0.40
CA PRO B 145 1.41 -26.75 -1.50
C PRO B 145 1.95 -28.09 -2.02
N VAL B 146 2.03 -29.10 -1.16
CA VAL B 146 2.61 -30.39 -1.50
C VAL B 146 1.64 -31.22 -2.31
N ILE B 147 0.35 -30.86 -2.25
CA ILE B 147 -0.69 -31.61 -2.92
C ILE B 147 -0.95 -31.00 -4.26
N GLU B 148 -1.05 -31.84 -5.29
CA GLU B 148 -1.42 -31.36 -6.60
C GLU B 148 -2.80 -31.84 -7.04
N GLN B 149 -3.59 -30.88 -7.51
CA GLN B 149 -4.97 -31.03 -7.98
C GLN B 149 -5.16 -32.07 -9.11
N THR B 150 -4.11 -32.28 -9.90
CA THR B 150 -4.16 -33.13 -11.07
C THR B 150 -3.11 -34.24 -10.95
N SER B 151 -3.41 -35.23 -10.12
CA SER B 151 -2.49 -36.29 -9.78
C SER B 151 -2.84 -37.52 -10.58
N HIS B 152 -1.84 -38.32 -10.96
CA HIS B 152 -2.11 -39.56 -11.68
C HIS B 152 -2.91 -40.48 -10.80
N LYS B 153 -2.50 -40.56 -9.54
CA LYS B 153 -3.25 -41.26 -8.54
C LYS B 153 -4.31 -40.30 -7.98
N ARG B 154 -5.57 -40.63 -8.27
CA ARG B 154 -6.77 -39.89 -7.91
C ARG B 154 -6.84 -39.47 -6.43
N GLU B 155 -6.35 -40.34 -5.58
CA GLU B 155 -6.45 -40.22 -4.12
C GLU B 155 -5.45 -39.22 -3.53
N LEU B 156 -4.34 -39.03 -4.22
CA LEU B 156 -3.32 -38.08 -3.81
C LEU B 156 -3.69 -36.64 -4.16
N ALA B 157 -4.69 -36.46 -5.02
CA ALA B 157 -5.19 -35.12 -5.39
C ALA B 157 -5.95 -34.36 -4.27
N GLY B 158 -5.86 -34.86 -3.04
CA GLY B 158 -6.29 -34.13 -1.89
C GLY B 158 -5.43 -34.33 -0.67
N ILE B 159 -5.92 -33.72 0.40
CA ILE B 159 -5.36 -33.86 1.74
C ILE B 159 -6.15 -34.94 2.49
N LEU B 160 -5.43 -35.78 3.23
CA LEU B 160 -6.02 -36.82 4.06
C LEU B 160 -6.31 -36.32 5.46
N MET B 161 -7.49 -36.66 5.97
CA MET B 161 -7.83 -36.54 7.39
C MET B 161 -8.12 -37.93 7.93
N GLN B 162 -7.23 -38.40 8.81
CA GLN B 162 -7.26 -39.76 9.38
C GLN B 162 -7.64 -39.63 10.85
N PHE B 163 -8.91 -39.94 11.15
CA PHE B 163 -9.42 -39.89 12.52
C PHE B 163 -9.20 -41.25 13.18
N ASP B 164 -8.60 -41.22 14.37
CA ASP B 164 -8.48 -42.40 15.21
C ASP B 164 -9.14 -42.04 16.53
N GLN B 165 -10.42 -42.40 16.67
CA GLN B 165 -11.19 -42.13 17.86
C GLN B 165 -10.55 -42.70 19.11
N LYS B 166 -10.04 -43.92 19.00
CA LYS B 166 -9.40 -44.62 20.12
C LYS B 166 -8.28 -43.84 20.81
N HIS B 167 -7.42 -43.18 20.03
CA HIS B 167 -6.28 -42.41 20.55
C HIS B 167 -6.49 -40.91 20.47
N GLN B 168 -7.70 -40.47 20.14
CA GLN B 168 -8.01 -39.03 20.05
C GLN B 168 -7.07 -38.27 19.10
N THR B 169 -6.76 -38.86 17.94
CA THR B 169 -5.81 -38.23 17.01
C THR B 169 -6.40 -37.97 15.63
N LEU B 170 -6.12 -36.79 15.11
CA LEU B 170 -6.47 -36.43 13.75
C LEU B 170 -5.14 -36.18 13.01
N SER B 171 -4.77 -37.13 12.15
CA SER B 171 -3.57 -37.01 11.32
C SER B 171 -3.94 -36.33 10.00
N VAL B 172 -3.13 -35.36 9.59
CA VAL B 172 -3.33 -34.60 8.36
C VAL B 172 -2.14 -34.85 7.43
N VAL B 173 -2.40 -35.31 6.21
CA VAL B 173 -1.34 -35.82 5.34
C VAL B 173 -1.48 -35.35 3.89
N GLY B 174 -0.39 -34.85 3.32
CA GLY B 174 -0.31 -34.50 1.92
C GLY B 174 0.90 -35.07 1.21
N THR B 175 0.73 -35.46 -0.05
CA THR B 175 1.85 -35.95 -0.85
C THR B 175 1.60 -35.81 -2.34
N ASP B 176 2.71 -35.67 -3.06
CA ASP B 176 2.79 -35.78 -4.52
C ASP B 176 3.74 -36.89 -5.01
N THR B 177 4.11 -37.80 -4.12
CA THR B 177 5.04 -38.92 -4.39
C THR B 177 6.54 -38.61 -4.25
N LYS B 178 6.89 -37.33 -4.20
CA LYS B 178 8.28 -36.86 -4.10
C LYS B 178 8.58 -36.26 -2.71
N ARG B 179 7.53 -35.78 -2.06
CA ARG B 179 7.58 -35.34 -0.70
C ARG B 179 6.27 -35.79 -0.05
N LEU B 180 6.36 -36.09 1.25
CA LEU B 180 5.18 -36.41 2.04
C LEU B 180 5.24 -35.50 3.23
N SER B 181 4.20 -34.71 3.43
CA SER B 181 4.12 -33.78 4.56
C SER B 181 2.96 -34.16 5.43
N TYR B 182 3.20 -34.16 6.73
CA TYR B 182 2.24 -34.71 7.69
C TYR B 182 2.34 -34.08 9.08
N THR B 183 1.24 -34.15 9.80
CA THR B 183 1.21 -33.77 11.21
C THR B 183 0.11 -34.56 11.89
N GLN B 184 0.23 -34.73 13.19
CA GLN B 184 -0.78 -35.42 13.96
C GLN B 184 -1.24 -34.53 15.09
N LEU B 185 -2.53 -34.19 15.12
CA LEU B 185 -3.09 -33.38 16.24
C LEU B 185 -3.56 -34.27 17.36
N GLU B 186 -3.05 -34.02 18.57
CA GLU B 186 -3.49 -34.75 19.79
C GLU B 186 -4.75 -34.12 20.38
N LYS B 187 -5.41 -34.88 21.26
CA LYS B 187 -6.50 -34.38 22.10
C LYS B 187 -7.63 -33.76 21.27
N ILE B 188 -8.19 -34.58 20.38
CA ILE B 188 -9.37 -34.22 19.59
C ILE B 188 -10.48 -35.14 20.08
N SER B 189 -11.59 -34.55 20.52
CA SER B 189 -12.77 -35.34 20.88
C SER B 189 -13.45 -35.69 19.57
N ILE B 190 -13.25 -36.94 19.16
CA ILE B 190 -13.74 -37.42 17.91
C ILE B 190 -15.02 -38.17 18.18
N HIS B 191 -16.15 -37.61 17.73
CA HIS B 191 -17.45 -38.25 17.89
C HIS B 191 -17.72 -39.01 16.60
N SER B 192 -17.45 -40.31 16.63
CA SER B 192 -17.54 -41.17 15.44
C SER B 192 -18.16 -42.57 15.70
N THR B 193 -18.76 -43.11 14.64
CA THR B 193 -19.47 -44.39 14.72
C THR B 193 -18.45 -45.55 14.65
N GLU B 194 -17.59 -45.55 13.62
CA GLU B 194 -16.38 -46.39 13.56
C GLU B 194 -15.20 -45.77 14.29
N GLU B 195 -14.22 -46.61 14.63
CA GLU B 195 -13.02 -46.16 15.35
C GLU B 195 -12.15 -45.39 14.40
N ASP B 196 -11.80 -46.02 13.28
CA ASP B 196 -10.96 -45.41 12.21
C ASP B 196 -11.80 -44.98 11.03
N ILE B 197 -11.48 -43.82 10.50
CA ILE B 197 -12.25 -43.20 9.42
C ILE B 197 -11.42 -42.14 8.72
N SER B 198 -11.35 -42.23 7.39
CA SER B 198 -10.55 -41.32 6.58
C SER B 198 -11.40 -40.47 5.66
N CYS B 199 -11.14 -39.16 5.62
CA CYS B 199 -11.72 -38.27 4.63
C CYS B 199 -10.60 -37.68 3.81
N ILE B 200 -10.72 -37.78 2.49
CA ILE B 200 -9.82 -37.08 1.56
C ILE B 200 -10.53 -35.87 0.95
N LEU B 201 -10.11 -34.67 1.34
CA LEU B 201 -10.66 -33.41 0.79
C LEU B 201 -9.93 -33.06 -0.48
N PRO B 202 -10.67 -32.78 -1.57
CA PRO B 202 -10.02 -32.30 -2.77
C PRO B 202 -9.28 -30.99 -2.57
N LYS B 203 -8.23 -30.81 -3.35
CA LYS B 203 -7.38 -29.60 -3.28
C LYS B 203 -8.19 -28.31 -3.47
N ARG B 204 -9.15 -28.33 -4.39
CA ARG B 204 -9.97 -27.16 -4.70
C ARG B 204 -10.75 -26.76 -3.46
N ALA B 205 -11.36 -27.76 -2.85
CA ALA B 205 -12.08 -27.57 -1.59
C ALA B 205 -11.16 -27.05 -0.49
N LEU B 206 -9.98 -27.65 -0.38
CA LEU B 206 -8.99 -27.26 0.61
C LEU B 206 -8.63 -25.76 0.53
N LEU B 207 -8.41 -25.27 -0.69
CA LEU B 207 -8.06 -23.87 -0.92
C LEU B 207 -9.19 -22.92 -0.57
N GLU B 208 -10.45 -23.35 -0.78
CA GLU B 208 -11.63 -22.58 -0.32
C GLU B 208 -11.81 -22.54 1.19
N ILE B 209 -11.52 -23.66 1.86
CA ILE B 209 -11.57 -23.73 3.31
C ILE B 209 -10.63 -22.71 3.94
N LEU B 210 -9.47 -22.53 3.30
CA LEU B 210 -8.44 -21.58 3.76
C LEU B 210 -8.88 -20.13 3.73
N LYS B 211 -9.71 -19.79 2.75
CA LYS B 211 -10.29 -18.46 2.67
C LYS B 211 -11.41 -18.19 3.69
N LEU B 212 -12.12 -19.23 4.12
CA LEU B 212 -13.36 -19.08 4.88
C LEU B 212 -13.26 -19.40 6.36
N PHE B 213 -12.31 -20.24 6.75
CA PHE B 213 -12.27 -20.81 8.12
C PHE B 213 -10.90 -20.72 8.75
N TYR B 214 -10.86 -20.61 10.08
CA TYR B 214 -9.63 -20.57 10.87
C TYR B 214 -9.78 -21.28 12.23
N GLU B 215 -10.65 -20.72 13.08
CA GLU B 215 -10.99 -21.27 14.38
C GLU B 215 -12.51 -21.32 14.49
N ASN B 216 -12.98 -22.07 15.49
CA ASN B 216 -14.38 -22.09 15.90
C ASN B 216 -15.33 -22.52 14.78
N PHE B 217 -15.18 -23.76 14.34
CA PHE B 217 -16.06 -24.37 13.34
C PHE B 217 -16.26 -25.85 13.61
N SER B 218 -17.30 -26.42 12.98
CA SER B 218 -17.62 -27.83 13.12
C SER B 218 -17.15 -28.48 11.84
N PHE B 219 -16.73 -29.74 11.91
CA PHE B 219 -16.44 -30.54 10.74
C PHE B 219 -17.23 -31.83 10.89
N LYS B 220 -18.10 -32.11 9.95
CA LYS B 220 -18.80 -33.39 9.92
C LYS B 220 -18.60 -34.05 8.55
N SER B 221 -18.49 -35.37 8.53
CA SER B 221 -18.47 -36.14 7.29
C SER B 221 -19.31 -37.39 7.43
N ASP B 222 -19.78 -37.91 6.30
CA ASP B 222 -20.45 -39.19 6.23
C ASP B 222 -19.76 -40.16 5.26
N GLY B 223 -18.48 -39.90 4.93
CA GLY B 223 -17.75 -40.69 3.96
C GLY B 223 -17.97 -40.29 2.51
N MET B 224 -19.03 -39.53 2.22
CA MET B 224 -19.36 -39.06 0.87
C MET B 224 -19.11 -37.56 0.75
N LEU B 225 -19.79 -36.76 1.57
CA LEU B 225 -19.55 -35.33 1.70
C LEU B 225 -18.83 -35.02 2.99
N ALA B 226 -18.32 -33.81 3.10
CA ALA B 226 -17.84 -33.24 4.36
C ALA B 226 -18.35 -31.84 4.47
N VAL B 227 -18.96 -31.53 5.62
CA VAL B 227 -19.59 -30.25 5.87
C VAL B 227 -18.86 -29.53 7.00
N ILE B 228 -18.45 -28.31 6.72
CA ILE B 228 -17.79 -27.43 7.68
C ILE B 228 -18.73 -26.25 7.95
N GLU B 229 -18.91 -25.90 9.22
CA GLU B 229 -19.90 -24.89 9.59
C GLU B 229 -19.42 -24.01 10.74
N ASN B 230 -19.61 -22.70 10.62
CA ASN B 230 -19.43 -21.76 11.72
C ASN B 230 -20.63 -20.82 11.70
N GLU B 231 -20.51 -19.70 12.41
CA GLU B 231 -21.66 -18.82 12.56
C GLU B 231 -22.05 -18.13 11.26
N MET B 232 -21.07 -17.78 10.45
CA MET B 232 -21.31 -17.12 9.15
C MET B 232 -21.60 -18.10 8.00
N HIS B 233 -20.93 -19.25 7.96
CA HIS B 233 -21.00 -20.11 6.79
C HIS B 233 -21.28 -21.57 7.08
N THR B 234 -21.96 -22.18 6.12
CA THR B 234 -21.98 -23.61 5.92
C THR B 234 -21.29 -23.85 4.56
N PHE B 235 -20.29 -24.72 4.56
CA PHE B 235 -19.51 -25.11 3.41
C PHE B 235 -19.70 -26.62 3.23
N PHE B 236 -19.85 -27.10 2.00
CA PHE B 236 -19.76 -28.55 1.76
C PHE B 236 -18.81 -28.85 0.59
N THR B 237 -18.17 -30.00 0.65
CA THR B 237 -17.40 -30.58 -0.46
C THR B 237 -17.61 -32.08 -0.53
N LYS B 238 -17.64 -32.62 -1.76
CA LYS B 238 -17.50 -34.06 -1.96
C LYS B 238 -16.09 -34.49 -1.60
N LEU B 239 -15.96 -35.73 -1.15
CA LEU B 239 -14.67 -36.28 -0.78
C LEU B 239 -14.18 -37.10 -1.92
N ILE B 240 -12.87 -37.37 -1.91
CA ILE B 240 -12.27 -38.21 -2.92
C ILE B 240 -12.51 -39.62 -2.48
N ASP B 241 -13.26 -40.33 -3.31
CA ASP B 241 -13.49 -41.74 -3.15
C ASP B 241 -12.17 -42.49 -3.44
N GLY B 242 -11.78 -43.40 -2.53
CA GLY B 242 -10.47 -44.06 -2.64
C GLY B 242 -9.77 -44.23 -1.30
N ASN B 243 -8.70 -45.04 -1.32
CA ASN B 243 -7.86 -45.29 -0.16
C ASN B 243 -6.51 -44.59 -0.29
N TYR B 244 -6.27 -43.63 0.60
CA TYR B 244 -5.00 -42.93 0.65
C TYR B 244 -3.97 -43.95 1.10
N PRO B 245 -2.73 -43.91 0.56
CA PRO B 245 -1.71 -44.90 0.96
C PRO B 245 -1.28 -44.78 2.43
N ASP B 246 -0.81 -45.88 3.02
CA ASP B 246 -0.40 -45.87 4.42
C ASP B 246 0.93 -45.14 4.57
N TYR B 247 0.84 -43.86 4.90
CA TYR B 247 2.04 -43.02 5.02
C TYR B 247 3.07 -43.55 6.07
N GLN B 248 2.54 -44.01 7.20
CA GLN B 248 3.38 -44.55 8.28
C GLN B 248 4.31 -45.68 7.88
N LYS B 249 3.94 -46.46 6.86
CA LYS B 249 4.79 -47.55 6.37
C LYS B 249 6.00 -47.07 5.58
N ILE B 250 5.96 -45.85 5.05
CA ILE B 250 7.07 -45.34 4.25
C ILE B 250 8.03 -44.45 5.06
N LEU B 251 7.57 -43.94 6.21
CA LEU B 251 8.42 -43.13 7.07
C LEU B 251 9.54 -43.98 7.63
N PRO B 252 10.81 -43.60 7.38
CA PRO B 252 11.91 -44.34 8.00
C PRO B 252 11.79 -44.30 9.53
N LYS B 253 11.96 -45.46 10.16
CA LYS B 253 11.93 -45.60 11.63
C LYS B 253 13.21 -45.00 12.30
N GLU B 254 14.36 -45.07 11.62
CA GLU B 254 15.66 -44.63 12.15
C GLU B 254 16.45 -43.76 11.16
N TYR B 255 17.21 -42.79 11.68
CA TYR B 255 18.09 -41.94 10.85
C TYR B 255 19.52 -41.95 11.38
N ILE B 256 20.50 -42.16 10.51
CA ILE B 256 21.90 -42.25 10.93
C ILE B 256 22.35 -40.92 11.54
N SER B 257 21.98 -39.82 10.90
CA SER B 257 22.38 -38.48 11.33
C SER B 257 21.18 -37.61 11.50
N SER B 258 21.36 -36.56 12.30
CA SER B 258 20.35 -35.51 12.50
C SER B 258 21.07 -34.19 12.73
N PHE B 259 20.80 -33.19 11.89
CA PHE B 259 21.58 -31.95 11.88
C PHE B 259 20.69 -30.79 12.22
N THR B 260 21.07 -30.01 13.23
CA THR B 260 20.30 -28.83 13.62
C THR B 260 20.87 -27.64 12.87
N LEU B 261 20.02 -26.97 12.11
CA LEU B 261 20.42 -26.02 11.07
C LEU B 261 19.50 -24.82 11.12
N GLY B 262 19.98 -23.69 10.60
CA GLY B 262 19.26 -22.42 10.69
C GLY B 262 18.31 -22.20 9.53
N LYS B 263 17.03 -22.01 9.84
CA LYS B 263 15.97 -21.98 8.84
C LYS B 263 16.12 -20.86 7.83
N GLU B 264 16.19 -19.60 8.30
CA GLU B 264 16.25 -18.45 7.39
C GLU B 264 17.58 -18.37 6.60
N GLU B 265 18.69 -18.82 7.21
CA GLU B 265 19.96 -18.98 6.49
C GLU B 265 19.77 -19.92 5.28
N PHE B 266 19.22 -21.10 5.52
CA PHE B 266 18.96 -22.07 4.47
C PHE B 266 17.97 -21.58 3.41
N LYS B 267 16.98 -20.83 3.84
CA LYS B 267 15.95 -20.30 2.94
C LYS B 267 16.59 -19.34 1.95
N GLU B 268 17.36 -18.40 2.49
CA GLU B 268 18.05 -17.36 1.68
C GLU B 268 18.96 -17.99 0.69
N SER B 269 19.72 -18.99 1.14
CA SER B 269 20.74 -19.65 0.31
C SER B 269 20.13 -20.44 -0.82
N ILE B 270 18.97 -21.04 -0.55
CA ILE B 270 18.26 -21.84 -1.52
C ILE B 270 17.58 -20.92 -2.54
N LYS B 271 16.96 -19.82 -2.10
CA LYS B 271 16.45 -18.79 -3.03
C LYS B 271 17.53 -18.31 -4.01
N LEU B 272 18.72 -18.04 -3.49
CA LEU B 272 19.87 -17.59 -4.30
C LEU B 272 20.24 -18.51 -5.43
N CYS B 273 20.48 -19.77 -5.11
CA CYS B 273 20.86 -20.78 -6.10
C CYS B 273 19.71 -21.16 -7.02
N SER B 274 18.48 -21.01 -6.52
CA SER B 274 17.26 -21.31 -7.28
C SER B 274 17.03 -20.29 -8.45
N SER B 275 17.71 -19.14 -8.45
CA SER B 275 17.70 -18.21 -9.62
C SER B 275 18.35 -18.76 -10.90
N LEU B 276 19.20 -19.76 -10.76
CA LEU B 276 19.86 -20.40 -11.89
C LEU B 276 19.41 -21.81 -12.18
N SER B 277 18.99 -22.54 -11.15
CA SER B 277 18.50 -23.89 -11.36
C SER B 277 17.60 -24.38 -10.23
N SER B 278 16.66 -25.23 -10.57
CA SER B 278 15.66 -25.69 -9.61
C SER B 278 16.17 -26.77 -8.66
N THR B 279 17.24 -27.48 -9.04
CA THR B 279 17.88 -28.45 -8.19
C THR B 279 19.20 -27.90 -7.65
N ILE B 280 19.50 -28.22 -6.40
CA ILE B 280 20.66 -27.69 -5.68
C ILE B 280 21.47 -28.82 -5.02
N LYS B 281 22.79 -28.73 -5.10
CA LYS B 281 23.68 -29.60 -4.35
C LYS B 281 23.97 -28.93 -3.03
N LEU B 282 23.71 -29.65 -1.95
CA LEU B 282 23.89 -29.12 -0.62
C LEU B 282 24.95 -29.96 0.07
N THR B 283 26.00 -29.30 0.54
CA THR B 283 27.15 -29.96 1.16
C THR B 283 27.24 -29.50 2.59
N LEU B 284 27.05 -30.45 3.50
CA LEU B 284 27.15 -30.17 4.92
C LEU B 284 28.53 -30.56 5.40
N GLU B 285 29.22 -29.61 5.99
CA GLU B 285 30.51 -29.80 6.64
C GLU B 285 30.31 -29.49 8.11
N LYS B 286 31.33 -29.74 8.91
CA LYS B 286 31.22 -29.59 10.36
C LYS B 286 30.81 -28.19 10.77
N ASN B 287 31.48 -27.17 10.25
CA ASN B 287 31.18 -25.79 10.66
C ASN B 287 30.62 -24.92 9.54
N ASN B 288 30.19 -25.54 8.43
CA ASN B 288 29.80 -24.80 7.23
C ASN B 288 28.80 -25.62 6.40
N ALA B 289 27.83 -24.94 5.79
CA ALA B 289 26.93 -25.56 4.81
C ALA B 289 27.08 -24.82 3.49
N LEU B 290 27.28 -25.55 2.39
CA LEU B 290 27.45 -24.97 1.08
C LEU B 290 26.37 -25.39 0.13
N PHE B 291 26.00 -24.47 -0.76
CA PHE B 291 24.88 -24.64 -1.67
C PHE B 291 25.39 -24.33 -3.07
N GLU B 292 25.10 -25.19 -4.04
CA GLU B 292 25.57 -25.00 -5.42
C GLU B 292 24.51 -25.38 -6.38
N SER B 293 24.25 -24.54 -7.39
CA SER B 293 23.29 -24.92 -8.43
C SER B 293 23.82 -26.07 -9.25
N LEU B 294 22.92 -26.94 -9.69
CA LEU B 294 23.30 -28.20 -10.35
C LEU B 294 23.25 -28.07 -11.90
N ASP B 295 24.35 -28.53 -12.54
CA ASP B 295 24.82 -28.33 -13.98
C ASP B 295 24.17 -27.40 -15.09
N SER B 296 22.93 -26.95 -14.83
CA SER B 296 22.15 -25.86 -15.48
C SER B 296 22.29 -25.37 -16.99
N GLU B 297 23.51 -25.42 -17.56
CA GLU B 297 23.87 -24.95 -18.95
C GLU B 297 25.46 -25.02 -19.20
N HIS B 298 26.08 -26.07 -18.60
CA HIS B 298 27.54 -26.12 -18.12
C HIS B 298 28.27 -24.83 -17.63
N SER B 299 28.40 -23.73 -18.42
CA SER B 299 29.13 -22.51 -17.92
C SER B 299 28.58 -21.72 -16.67
N GLU B 300 27.28 -21.60 -16.50
CA GLU B 300 26.63 -21.09 -15.25
C GLU B 300 26.97 -21.74 -13.92
N THR B 301 27.01 -20.99 -12.84
CA THR B 301 27.09 -21.61 -11.50
C THR B 301 26.56 -20.59 -10.54
N ALA B 302 25.78 -21.04 -9.57
CA ALA B 302 25.54 -20.26 -8.37
C ALA B 302 26.13 -21.04 -7.20
N LYS B 303 26.91 -20.38 -6.33
CA LYS B 303 27.33 -20.97 -5.03
C LYS B 303 27.14 -19.95 -3.94
N THR B 304 26.90 -20.44 -2.74
CA THR B 304 26.89 -19.62 -1.54
C THR B 304 27.06 -20.54 -0.34
N SER B 305 27.43 -19.97 0.80
CA SER B 305 27.63 -20.75 2.00
C SER B 305 27.15 -20.02 3.27
N VAL B 306 26.79 -20.80 4.29
CA VAL B 306 26.43 -20.27 5.60
C VAL B 306 27.27 -20.97 6.68
N GLU B 307 27.66 -20.21 7.71
CA GLU B 307 28.40 -20.74 8.85
C GLU B 307 27.42 -21.39 9.82
N ILE B 308 27.85 -22.51 10.36
CA ILE B 308 27.12 -23.22 11.40
C ILE B 308 28.02 -23.11 12.60
N GLU B 309 27.56 -22.36 13.61
CA GLU B 309 28.38 -22.12 14.79
C GLU B 309 28.44 -23.44 15.61
N LYS B 310 27.26 -24.02 15.91
CA LYS B 310 27.13 -25.28 16.66
C LYS B 310 27.55 -26.39 15.69
N GLY B 311 28.84 -26.75 15.73
CA GLY B 311 29.42 -27.70 14.78
C GLY B 311 28.69 -29.03 14.72
N LEU B 312 28.50 -29.56 13.52
CA LEU B 312 27.75 -30.82 13.33
C LEU B 312 28.62 -32.01 13.67
N ASP B 313 27.97 -33.14 13.94
CA ASP B 313 28.66 -34.44 14.18
C ASP B 313 28.75 -35.37 12.94
N ILE B 314 29.86 -35.36 12.17
CA ILE B 314 29.97 -36.04 10.84
C ILE B 314 31.36 -36.50 10.36
N GLU B 315 31.36 -37.51 9.49
CA GLU B 315 32.50 -37.81 8.61
C GLU B 315 32.25 -37.08 7.31
N ALA B 317 32.19 -35.06 5.09
CA ALA B 317 31.18 -34.16 4.55
C ALA B 317 30.07 -34.96 3.86
N PHE B 318 28.88 -34.40 3.93
CA PHE B 318 27.67 -35.07 3.52
C PHE B 318 27.05 -34.28 2.37
N HIS B 319 27.03 -34.87 1.17
CA HIS B 319 26.44 -34.22 -0.02
C HIS B 319 24.99 -34.67 -0.21
N LEU B 320 24.13 -33.78 -0.72
CA LEU B 320 22.71 -34.07 -0.86
C LEU B 320 22.06 -33.23 -1.96
N GLY B 321 21.53 -33.91 -2.99
CA GLY B 321 20.78 -33.23 -4.05
C GLY B 321 19.33 -33.00 -3.63
N VAL B 322 18.85 -31.77 -3.75
CA VAL B 322 17.48 -31.40 -3.36
C VAL B 322 16.80 -30.50 -4.41
N ASN B 323 15.48 -30.60 -4.50
CA ASN B 323 14.67 -29.68 -5.28
C ASN B 323 14.54 -28.42 -4.42
N ALA B 324 14.91 -27.27 -4.95
CA ALA B 324 14.89 -26.01 -4.20
C ALA B 324 13.51 -25.67 -3.64
N LYS B 325 12.51 -25.66 -4.50
CA LYS B 325 11.18 -25.24 -4.14
C LYS B 325 10.56 -26.19 -3.11
N PHE B 326 10.83 -27.49 -3.22
CA PHE B 326 10.38 -28.48 -2.21
C PHE B 326 11.00 -28.18 -0.85
N PHE B 327 12.31 -27.97 -0.83
CA PHE B 327 13.02 -27.67 0.42
C PHE B 327 12.48 -26.37 1.07
N LEU B 328 12.19 -25.36 0.27
CA LEU B 328 11.62 -24.11 0.77
C LEU B 328 10.23 -24.32 1.36
N GLU B 329 9.37 -25.00 0.61
CA GLU B 329 8.01 -25.28 1.07
C GLU B 329 7.98 -26.10 2.35
N ALA B 330 8.96 -26.98 2.51
CA ALA B 330 9.13 -27.75 3.73
C ALA B 330 9.52 -26.87 4.92
N LEU B 331 10.46 -25.95 4.68
CA LEU B 331 10.88 -24.98 5.70
C LEU B 331 9.79 -23.93 6.03
N ASN B 332 8.92 -23.60 5.08
CA ASN B 332 7.78 -22.68 5.33
C ASN B 332 6.75 -23.29 6.27
N ALA B 333 6.63 -24.62 6.26
CA ALA B 333 5.82 -25.37 7.24
C ALA B 333 6.27 -25.25 8.70
N LEU B 334 7.52 -24.86 8.94
CA LEU B 334 8.06 -24.82 10.29
C LEU B 334 7.89 -23.47 10.90
N GLY B 335 7.66 -23.45 12.20
CA GLY B 335 7.53 -22.22 12.95
C GLY B 335 8.72 -21.94 13.82
N THR B 336 9.64 -22.88 13.94
CA THR B 336 10.85 -22.65 14.72
C THR B 336 11.88 -21.86 13.91
N THR B 337 12.84 -21.31 14.64
CA THR B 337 13.92 -20.53 14.04
C THR B 337 14.97 -21.45 13.44
N GLN B 338 15.10 -22.64 14.02
CA GLN B 338 16.02 -23.64 13.53
C GLN B 338 15.25 -24.89 13.17
N PHE B 339 15.85 -25.76 12.37
CA PHE B 339 15.21 -27.00 11.94
C PHE B 339 16.15 -28.17 12.00
N VAL B 340 15.57 -29.35 11.95
CA VAL B 340 16.32 -30.59 12.00
C VAL B 340 16.19 -31.30 10.66
N LEU B 341 17.34 -31.72 10.12
CA LEU B 341 17.42 -32.51 8.90
C LEU B 341 18.00 -33.86 9.29
N ARG B 342 17.24 -34.92 9.09
CA ARG B 342 17.68 -36.30 9.41
C ARG B 342 17.80 -37.09 8.14
N CYS B 343 18.92 -37.84 7.96
CA CYS B 343 19.12 -38.54 6.66
C CYS B 343 19.45 -39.94 6.19
N ASN B 344 20.07 -40.79 6.97
CA ASN B 344 20.67 -41.96 6.39
C ASN B 344 21.65 -41.72 5.21
N GLU B 345 21.40 -42.30 4.04
CA GLU B 345 22.34 -42.20 2.90
C GLU B 345 21.95 -41.00 2.02
N PRO B 346 22.85 -40.56 1.13
CA PRO B 346 22.51 -39.44 0.24
C PRO B 346 21.34 -39.74 -0.69
N SER B 347 21.21 -41.00 -1.09
CA SER B 347 20.16 -41.43 -2.02
C SER B 347 18.84 -41.80 -1.34
N SER B 348 18.85 -41.94 -0.01
CA SER B 348 17.65 -42.34 0.76
C SER B 348 16.88 -41.08 1.15
N PRO B 349 15.55 -41.21 1.37
CA PRO B 349 14.74 -40.10 1.87
C PRO B 349 15.30 -39.43 3.11
N PHE B 350 15.00 -38.15 3.25
CA PHE B 350 15.45 -37.40 4.41
C PHE B 350 14.27 -36.67 5.01
N LEU B 351 14.33 -36.37 6.31
CA LEU B 351 13.24 -35.73 7.03
C LEU B 351 13.58 -34.30 7.45
N ILE B 352 12.58 -33.43 7.41
CA ILE B 352 12.70 -32.05 7.88
C ILE B 352 11.65 -31.77 8.95
N GLN B 353 12.10 -31.24 10.09
CA GLN B 353 11.17 -30.85 11.16
C GLN B 353 11.71 -29.80 12.10
N GLU B 354 10.82 -29.31 12.96
CA GLU B 354 11.16 -28.27 13.92
C GLU B 354 12.21 -28.72 14.92
N SER B 355 12.82 -27.72 15.57
CA SER B 355 13.85 -27.86 16.61
C SER B 355 13.27 -27.54 18.00
N LEU B 356 13.23 -28.54 18.89
CA LEU B 356 12.47 -28.52 20.17
C LEU B 356 10.98 -28.24 19.95
N LYS B 366 5.02 -29.16 15.16
CA LYS B 366 3.98 -29.77 14.30
C LYS B 366 4.30 -30.53 12.99
N ILE B 367 4.67 -29.80 11.93
CA ILE B 367 4.72 -30.37 10.58
C ILE B 367 6.07 -30.84 10.13
N SER B 368 6.10 -32.10 9.72
CA SER B 368 7.29 -32.75 9.23
C SER B 368 7.13 -33.01 7.73
N THR B 369 8.24 -32.98 7.00
CA THR B 369 8.25 -33.28 5.58
C THR B 369 9.31 -34.32 5.29
N LEU B 370 8.90 -35.47 4.73
CA LEU B 370 9.82 -36.48 4.22
C LEU B 370 9.98 -36.22 2.74
N MET B 371 11.21 -36.29 2.26
CA MET B 371 11.55 -35.81 0.94
C MET B 371 12.53 -36.75 0.32
N MET B 372 12.34 -36.98 -0.97
CA MET B 372 13.23 -37.80 -1.73
C MET B 372 14.30 -36.88 -2.32
N PRO B 373 15.59 -37.22 -2.14
CA PRO B 373 16.65 -36.43 -2.75
C PRO B 373 16.83 -36.77 -4.22
N ILE B 374 17.73 -36.02 -4.83
CA ILE B 374 18.16 -36.19 -6.20
C ILE B 374 19.60 -36.70 -6.13
N THR B 375 20.06 -37.39 -7.16
CA THR B 375 21.44 -37.96 -7.20
C THR B 375 22.44 -36.99 -7.82
N LEU B 376 23.72 -37.14 -7.42
CA LEU B 376 24.84 -36.25 -7.75
C LEU B 376 24.56 -34.83 -7.21
N MET C 3 37.71 -6.55 -17.39
CA MET C 3 36.61 -5.78 -16.66
C MET C 3 36.39 -6.16 -15.17
N LYS C 4 36.22 -5.14 -14.33
CA LYS C 4 36.07 -5.30 -12.87
C LYS C 4 35.39 -4.04 -12.34
N ILE C 5 34.16 -4.16 -11.84
CA ILE C 5 33.43 -3.03 -11.23
C ILE C 5 32.63 -3.46 -10.00
N SER C 6 32.24 -2.46 -9.22
CA SER C 6 31.29 -2.67 -8.16
C SER C 6 30.16 -1.69 -8.45
N VAL C 7 28.93 -2.16 -8.32
CA VAL C 7 27.73 -1.36 -8.58
C VAL C 7 26.71 -1.60 -7.47
N SER C 8 25.82 -0.63 -7.26
CA SER C 8 24.79 -0.75 -6.24
C SER C 8 23.64 -1.66 -6.77
N LYS C 9 23.17 -2.56 -5.93
CA LYS C 9 22.15 -3.55 -6.32
C LYS C 9 20.89 -2.92 -6.86
N ASN C 10 20.42 -1.88 -6.20
CA ASN C 10 19.21 -1.17 -6.65
C ASN C 10 19.29 -0.47 -8.02
N ASP C 11 20.38 0.26 -8.27
CA ASP C 11 20.69 0.84 -9.59
C ASP C 11 20.66 -0.18 -10.73
N LEU C 12 21.36 -1.28 -10.50
CA LEU C 12 21.48 -2.35 -11.49
C LEU C 12 20.14 -3.01 -11.77
N GLU C 13 19.47 -3.44 -10.71
CA GLU C 13 18.17 -4.13 -10.85
C GLU C 13 17.23 -3.28 -11.65
N ASN C 14 17.19 -2.01 -11.33
CA ASN C 14 16.33 -1.09 -12.03
C ASN C 14 16.65 -0.98 -13.51
N ALA C 15 17.93 -0.80 -13.82
CA ALA C 15 18.36 -0.76 -15.22
C ALA C 15 17.93 -2.03 -15.95
N LEU C 16 18.11 -3.16 -15.29
CA LEU C 16 17.82 -4.45 -15.89
C LEU C 16 16.34 -4.73 -16.12
N ARG C 17 15.48 -4.19 -15.24
CA ARG C 17 14.03 -4.29 -15.41
C ARG C 17 13.58 -3.61 -16.70
N TYR C 18 14.01 -2.36 -16.89
CA TYR C 18 13.67 -1.60 -18.08
C TYR C 18 14.18 -2.26 -19.36
N LEU C 19 15.32 -2.94 -19.29
CA LEU C 19 15.90 -3.57 -20.47
C LEU C 19 15.19 -4.86 -20.93
N GLN C 20 14.41 -5.50 -20.06
CA GLN C 20 13.82 -6.81 -20.36
C GLN C 20 12.96 -6.77 -21.61
N ALA C 21 12.19 -5.69 -21.74
CA ALA C 21 11.32 -5.47 -22.89
C ALA C 21 12.05 -5.40 -24.25
N PHE C 22 13.35 -5.10 -24.22
CA PHE C 22 14.10 -4.95 -25.43
C PHE C 22 14.82 -6.23 -25.87
N LEU C 23 14.71 -7.28 -25.06
CA LEU C 23 15.32 -8.59 -25.34
C LEU C 23 14.42 -9.51 -26.18
N ASP C 24 15.06 -10.48 -26.85
CA ASP C 24 14.37 -11.59 -27.52
C ASP C 24 14.52 -12.76 -26.54
N LYS C 25 13.81 -12.70 -25.42
CA LYS C 25 13.95 -13.73 -24.34
C LYS C 25 13.56 -15.17 -24.78
N LYS C 26 12.58 -15.24 -25.69
CA LYS C 26 12.10 -16.48 -26.33
C LYS C 26 13.23 -17.42 -26.84
N ASP C 27 14.35 -16.87 -27.34
CA ASP C 27 15.47 -17.67 -27.84
C ASP C 27 16.82 -17.34 -27.16
N ALA C 28 17.24 -18.14 -26.18
CA ALA C 28 18.54 -17.91 -25.48
C ALA C 28 19.82 -18.22 -26.33
N SER C 29 19.67 -18.96 -27.44
CA SER C 29 20.77 -19.18 -28.44
C SER C 29 21.21 -17.86 -29.07
N SER C 30 20.30 -16.88 -29.12
CA SER C 30 20.55 -15.63 -29.82
C SER C 30 21.31 -14.63 -28.94
N ILE C 31 22.18 -13.88 -29.61
CA ILE C 31 22.78 -12.68 -29.05
C ILE C 31 21.71 -11.68 -28.58
N ALA C 32 20.56 -11.63 -29.25
CA ALA C 32 19.49 -10.71 -28.92
C ALA C 32 18.89 -10.92 -27.53
N SER C 33 19.07 -12.12 -26.98
CA SER C 33 18.69 -12.43 -25.60
C SER C 33 19.66 -11.87 -24.58
N HIS C 34 20.80 -11.32 -25.04
CA HIS C 34 21.81 -10.81 -24.12
C HIS C 34 21.76 -9.30 -23.98
N ILE C 35 22.17 -8.88 -22.79
CA ILE C 35 22.46 -7.49 -22.50
C ILE C 35 23.97 -7.31 -22.67
N HIS C 36 24.34 -6.30 -23.46
CA HIS C 36 25.74 -5.90 -23.68
C HIS C 36 26.20 -4.95 -22.57
N LEU C 37 27.31 -5.28 -21.93
CA LEU C 37 27.86 -4.50 -20.84
C LEU C 37 29.10 -3.77 -21.31
N GLU C 38 29.23 -2.51 -20.90
CA GLU C 38 30.44 -1.75 -21.20
C GLU C 38 30.79 -0.71 -20.14
N VAL C 39 32.00 -0.82 -19.57
CA VAL C 39 32.49 0.15 -18.59
C VAL C 39 33.36 1.20 -19.25
N ILE C 40 32.94 2.45 -19.16
CA ILE C 40 33.75 3.58 -19.60
C ILE C 40 33.82 4.57 -18.45
N LYS C 41 35.04 4.72 -17.93
CA LYS C 41 35.33 5.55 -16.77
C LYS C 41 34.47 5.06 -15.56
N GLU C 42 33.58 5.91 -15.06
CA GLU C 42 32.79 5.61 -13.89
C GLU C 42 31.35 5.21 -14.24
N LYS C 43 31.13 4.69 -15.45
CA LYS C 43 29.81 4.31 -15.92
C LYS C 43 29.83 2.90 -16.45
N LEU C 44 28.83 2.10 -16.04
CA LEU C 44 28.49 0.84 -16.71
C LEU C 44 27.35 1.12 -17.67
N PHE C 45 27.60 0.91 -18.96
CA PHE C 45 26.60 1.10 -20.00
C PHE C 45 25.96 -0.21 -20.38
N LEU C 46 24.63 -0.23 -20.43
CA LEU C 46 23.89 -1.44 -20.72
C LEU C 46 23.06 -1.26 -21.95
N LYS C 47 23.10 -2.24 -22.86
CA LYS C 47 22.35 -2.19 -24.10
C LYS C 47 21.57 -3.47 -24.27
N ALA C 48 20.34 -3.35 -24.75
CA ALA C 48 19.62 -4.49 -25.26
C ALA C 48 18.88 -4.08 -26.52
N SER C 49 18.70 -5.04 -27.41
CA SER C 49 18.09 -4.81 -28.72
C SER C 49 17.62 -6.13 -29.32
N ASP C 50 16.49 -6.10 -30.03
CA ASP C 50 16.02 -7.25 -30.85
C ASP C 50 15.64 -6.84 -32.27
N SER C 51 16.44 -6.01 -32.91
CA SER C 51 16.14 -5.52 -34.27
C SER C 51 15.04 -4.44 -34.36
N ASP C 52 13.84 -4.68 -33.82
CA ASP C 52 12.73 -3.70 -33.89
C ASP C 52 12.94 -2.55 -32.96
N ILE C 53 13.27 -2.84 -31.71
CA ILE C 53 13.52 -1.79 -30.74
C ILE C 53 14.84 -2.02 -30.03
N GLY C 54 15.33 -0.96 -29.39
CA GLY C 54 16.58 -1.02 -28.66
C GLY C 54 16.65 0.04 -27.60
N LEU C 55 17.39 -0.23 -26.52
CA LEU C 55 17.62 0.73 -25.45
C LEU C 55 19.08 0.69 -24.99
N LYS C 56 19.69 1.86 -24.86
CA LYS C 56 20.93 2.04 -24.15
C LYS C 56 20.63 2.79 -22.85
N SER C 57 21.29 2.38 -21.78
CA SER C 57 21.09 2.90 -20.42
C SER C 57 22.41 2.85 -19.70
N TYR C 58 22.54 3.54 -18.57
CA TYR C 58 23.72 3.39 -17.74
C TYR C 58 23.46 3.59 -16.26
N ILE C 59 24.37 3.07 -15.46
CA ILE C 59 24.44 3.35 -14.02
C ILE C 59 25.85 3.78 -13.68
N PHE C 60 26.01 4.44 -12.55
CA PHE C 60 27.34 4.86 -12.10
C PHE C 60 27.93 3.71 -11.30
N THR C 61 29.25 3.60 -11.33
CA THR C 61 29.93 2.55 -10.60
C THR C 61 30.38 3.07 -9.26
N GLN C 62 30.32 2.19 -8.28
CA GLN C 62 30.86 2.48 -6.95
C GLN C 62 32.39 2.34 -6.96
N SER C 63 32.89 1.52 -7.89
CA SER C 63 34.33 1.41 -8.15
C SER C 63 34.55 0.89 -9.56
N SER C 64 35.61 1.35 -10.23
CA SER C 64 35.96 0.92 -11.60
C SER C 64 37.42 0.55 -11.59
N ASP C 65 37.71 -0.70 -11.27
CA ASP C 65 39.09 -1.16 -11.15
C ASP C 65 39.62 -1.49 -12.55
N LYS C 66 38.75 -2.00 -13.43
CA LYS C 66 39.12 -2.21 -14.84
C LYS C 66 37.95 -1.95 -15.80
N GLU C 67 38.22 -1.21 -16.89
CA GLU C 67 37.25 -1.03 -17.99
C GLU C 67 37.21 -2.24 -18.93
N GLY C 68 36.09 -2.44 -19.60
CA GLY C 68 35.98 -3.56 -20.53
C GLY C 68 34.58 -3.79 -21.01
N VAL C 69 34.44 -4.83 -21.82
CA VAL C 69 33.14 -5.21 -22.39
C VAL C 69 32.72 -6.62 -22.04
N GLY C 70 31.43 -6.88 -22.22
CA GLY C 70 30.85 -8.16 -21.92
C GLY C 70 29.44 -8.32 -22.43
N THR C 71 28.93 -9.54 -22.40
CA THR C 71 27.52 -9.82 -22.58
C THR C 71 27.05 -10.84 -21.54
N ILE C 72 25.75 -10.89 -21.35
CA ILE C 72 25.14 -11.82 -20.41
C ILE C 72 23.67 -12.01 -20.78
N ASN C 73 23.14 -13.21 -20.59
CA ASN C 73 21.71 -13.44 -20.78
C ASN C 73 20.88 -12.46 -19.92
N GLY C 74 20.08 -11.65 -20.58
CA GLY C 74 19.39 -10.53 -19.92
C GLY C 74 18.38 -10.92 -18.88
N LYS C 75 17.66 -12.01 -19.11
CA LYS C 75 16.67 -12.49 -18.15
C LYS C 75 17.37 -13.08 -16.94
N LYS C 76 18.32 -13.97 -17.18
CA LYS C 76 19.10 -14.58 -16.11
C LYS C 76 19.87 -13.58 -15.26
N PHE C 77 20.36 -12.52 -15.89
CA PHE C 77 21.08 -11.48 -15.17
C PHE C 77 20.14 -10.82 -14.15
N LEU C 78 18.92 -10.46 -14.57
CA LEU C 78 17.96 -9.84 -13.67
C LEU C 78 17.58 -10.76 -12.53
N ASP C 79 17.32 -12.03 -12.84
CA ASP C 79 16.96 -13.06 -11.84
C ASP C 79 17.97 -13.10 -10.72
N ILE C 80 19.25 -13.14 -11.10
CA ILE C 80 20.33 -13.19 -10.13
C ILE C 80 20.40 -11.93 -9.29
N ILE C 81 20.34 -10.77 -9.93
CA ILE C 81 20.52 -9.51 -9.21
C ILE C 81 19.37 -9.30 -8.23
N SER C 82 18.15 -9.64 -8.63
CA SER C 82 16.97 -9.51 -7.79
C SER C 82 16.99 -10.42 -6.54
N CYS C 83 17.81 -11.47 -6.54
CA CYS C 83 18.06 -12.31 -5.35
C CYS C 83 19.11 -11.83 -4.34
N LEU C 84 19.93 -10.87 -4.72
CA LEU C 84 21.02 -10.42 -3.89
C LEU C 84 20.55 -9.34 -2.93
N LYS C 85 21.40 -9.01 -1.96
CA LYS C 85 21.09 -8.01 -0.94
C LYS C 85 21.24 -6.60 -1.47
N ASP C 86 20.61 -5.64 -0.80
CA ASP C 86 20.83 -4.19 -1.06
C ASP C 86 22.20 -3.75 -0.58
N SER C 87 23.23 -4.33 -1.18
CA SER C 87 24.60 -3.90 -0.97
C SER C 87 25.24 -3.82 -2.35
N ASN C 88 26.51 -3.47 -2.40
CA ASN C 88 27.24 -3.45 -3.66
C ASN C 88 27.45 -4.88 -4.14
N ILE C 89 27.47 -5.01 -5.46
CA ILE C 89 27.66 -6.27 -6.19
C ILE C 89 28.89 -6.08 -7.05
N ILE C 90 29.81 -7.03 -7.00
CA ILE C 90 31.01 -7.03 -7.87
C ILE C 90 30.64 -7.68 -9.21
N LEU C 91 30.96 -7.01 -10.32
CA LEU C 91 30.86 -7.60 -11.66
C LEU C 91 32.28 -7.72 -12.22
N GLU C 92 32.61 -8.84 -12.84
CA GLU C 92 34.00 -9.07 -13.30
C GLU C 92 34.03 -10.14 -14.43
N THR C 93 34.75 -9.88 -15.51
CA THR C 93 34.90 -10.88 -16.58
C THR C 93 36.09 -11.78 -16.33
N LYS C 94 35.90 -13.07 -16.60
CA LYS C 94 36.95 -14.04 -16.52
C LYS C 94 36.85 -14.95 -17.74
N ASP C 95 37.72 -14.69 -18.71
CA ASP C 95 37.74 -15.42 -20.00
C ASP C 95 36.49 -15.11 -20.83
N ASP C 96 35.56 -16.06 -20.92
CA ASP C 96 34.29 -15.90 -21.63
C ASP C 96 33.11 -16.01 -20.62
N SER C 97 33.39 -15.82 -19.32
CA SER C 97 32.38 -15.84 -18.28
C SER C 97 32.23 -14.46 -17.63
N LEU C 98 31.00 -14.13 -17.24
CA LEU C 98 30.77 -13.00 -16.34
C LEU C 98 30.61 -13.51 -14.93
N ALA C 99 31.43 -13.00 -14.00
CA ALA C 99 31.33 -13.30 -12.58
C ALA C 99 30.54 -12.22 -11.84
N ILE C 100 29.49 -12.64 -11.12
CA ILE C 100 28.69 -11.77 -10.24
C ILE C 100 28.95 -12.25 -8.85
N LYS C 101 29.36 -11.36 -7.98
CA LYS C 101 29.84 -11.73 -6.66
C LYS C 101 29.21 -10.75 -5.62
N GLN C 102 28.80 -11.28 -4.47
CA GLN C 102 28.40 -10.46 -3.34
C GLN C 102 28.64 -11.30 -2.12
N ASN C 103 29.64 -10.95 -1.32
CA ASN C 103 29.92 -11.68 -0.09
C ASN C 103 29.58 -13.21 -0.18
N LYS C 104 30.52 -14.09 -0.37
CA LYS C 104 30.15 -15.51 -0.36
C LYS C 104 29.22 -16.11 -1.40
N SER C 105 28.38 -15.31 -2.06
CA SER C 105 27.58 -15.76 -3.17
C SER C 105 28.30 -15.38 -4.42
N SER C 106 28.55 -16.34 -5.30
CA SER C 106 29.23 -16.08 -6.57
C SER C 106 28.57 -16.82 -7.71
N PHE C 107 28.32 -16.09 -8.79
CA PHE C 107 27.68 -16.61 -9.98
C PHE C 107 28.62 -16.53 -11.18
N LYS C 108 28.51 -17.50 -12.09
CA LYS C 108 29.19 -17.48 -13.39
C LYS C 108 28.15 -17.62 -14.51
N LEU C 109 28.28 -16.82 -15.55
CA LEU C 109 27.41 -16.94 -16.74
C LEU C 109 28.20 -16.82 -18.03
N PRO C 110 27.84 -17.60 -19.07
CA PRO C 110 28.59 -17.53 -20.32
C PRO C 110 28.27 -16.26 -21.12
N MET C 111 29.28 -15.71 -21.74
CA MET C 111 29.18 -14.50 -22.57
C MET C 111 29.34 -14.84 -24.07
N PHE C 112 28.60 -14.13 -24.93
CA PHE C 112 28.91 -14.04 -26.35
C PHE C 112 30.08 -13.06 -26.60
N ASP C 113 30.76 -13.23 -27.74
CA ASP C 113 31.75 -12.24 -28.24
C ASP C 113 31.04 -10.89 -28.37
N ALA C 114 31.48 -9.90 -27.61
CA ALA C 114 30.75 -8.62 -27.50
C ALA C 114 30.94 -7.75 -28.76
N ASP C 115 31.91 -8.08 -29.61
CA ASP C 115 32.01 -7.46 -30.94
C ASP C 115 30.91 -7.88 -31.89
N GLU C 116 30.28 -9.03 -31.64
CA GLU C 116 29.17 -9.51 -32.47
C GLU C 116 27.78 -9.07 -31.93
N PHE C 117 27.76 -8.36 -30.81
CA PHE C 117 26.56 -7.64 -30.41
C PHE C 117 26.37 -6.47 -31.39
N PRO C 118 25.16 -6.34 -31.94
CA PRO C 118 25.00 -5.31 -32.95
C PRO C 118 25.06 -3.89 -32.39
N GLU C 119 25.68 -3.00 -33.15
CA GLU C 119 25.82 -1.62 -32.74
C GLU C 119 24.51 -0.92 -32.92
N PHE C 120 24.30 0.11 -32.10
CA PHE C 120 23.11 0.91 -32.21
C PHE C 120 23.23 1.77 -33.45
N PRO C 121 22.11 1.98 -34.13
CA PRO C 121 22.13 2.71 -35.37
C PRO C 121 22.45 4.19 -35.19
N VAL C 122 23.24 4.69 -36.14
CA VAL C 122 23.44 6.12 -36.31
C VAL C 122 22.73 6.48 -37.61
N ILE C 123 21.76 7.38 -37.48
CA ILE C 123 20.90 7.76 -38.58
C ILE C 123 21.26 9.18 -39.00
N ASP C 124 20.95 9.51 -40.24
CA ASP C 124 21.02 10.86 -40.72
C ASP C 124 19.60 11.40 -40.58
N PRO C 125 19.34 12.30 -39.60
CA PRO C 125 17.96 12.78 -39.46
C PRO C 125 17.38 13.49 -40.69
N LYS C 126 16.24 12.99 -41.17
CA LYS C 126 15.40 13.71 -42.11
C LYS C 126 14.55 14.71 -41.33
N VAL C 127 14.17 14.35 -40.12
CA VAL C 127 13.42 15.24 -39.24
C VAL C 127 13.96 15.11 -37.81
N SER C 128 13.87 16.21 -37.07
CA SER C 128 14.47 16.29 -35.74
C SER C 128 13.82 17.39 -34.93
N ILE C 129 13.35 17.04 -33.73
CA ILE C 129 12.76 18.03 -32.80
C ILE C 129 13.25 17.81 -31.37
N GLU C 130 13.23 18.88 -30.59
CA GLU C 130 13.54 18.85 -29.15
C GLU C 130 12.25 19.07 -28.36
N VAL C 131 11.96 18.17 -27.43
CA VAL C 131 10.66 18.16 -26.74
C VAL C 131 10.87 18.50 -25.27
N ASN C 132 10.38 19.67 -24.85
CA ASN C 132 10.52 20.14 -23.47
C ASN C 132 9.20 20.12 -22.70
N ALA C 133 8.10 20.37 -23.40
CA ALA C 133 6.78 20.21 -22.83
C ALA C 133 6.37 18.74 -22.81
N PRO C 134 5.42 18.41 -21.93
CA PRO C 134 4.92 17.04 -21.86
C PRO C 134 3.84 16.70 -22.88
N PHE C 135 3.48 17.65 -23.74
CA PHE C 135 2.29 17.51 -24.58
C PHE C 135 2.36 16.33 -25.55
N LEU C 136 3.51 16.10 -26.17
CA LEU C 136 3.66 14.97 -27.08
C LEU C 136 3.39 13.66 -26.37
N VAL C 137 4.02 13.47 -25.21
CA VAL C 137 3.93 12.19 -24.50
C VAL C 137 2.56 12.05 -23.79
N ASP C 138 1.97 13.17 -23.36
CA ASP C 138 0.57 13.17 -22.93
C ASP C 138 -0.35 12.68 -24.06
N ALA C 139 -0.10 13.18 -25.29
CA ALA C 139 -0.88 12.73 -26.45
C ALA C 139 -0.65 11.27 -26.78
N PHE C 140 0.59 10.78 -26.66
CA PHE C 140 0.84 9.35 -26.85
C PHE C 140 -0.01 8.53 -25.87
N LYS C 141 0.06 8.93 -24.60
CA LYS C 141 -0.60 8.21 -23.50
C LYS C 141 -2.10 8.09 -23.76
N LYS C 142 -2.71 9.19 -24.20
CA LYS C 142 -4.14 9.26 -24.42
C LYS C 142 -4.58 8.59 -25.73
N ILE C 143 -3.72 8.60 -26.73
CA ILE C 143 -4.10 8.03 -28.01
C ILE C 143 -3.78 6.52 -28.06
N ALA C 144 -2.81 6.07 -27.28
CA ALA C 144 -2.35 4.66 -27.33
C ALA C 144 -3.46 3.58 -27.25
N PRO C 145 -4.41 3.74 -26.32
CA PRO C 145 -5.55 2.80 -26.20
C PRO C 145 -6.35 2.55 -27.50
N VAL C 146 -6.45 3.55 -28.37
CA VAL C 146 -7.23 3.47 -29.59
C VAL C 146 -6.53 2.62 -30.64
N ILE C 147 -5.21 2.45 -30.49
CA ILE C 147 -4.39 1.76 -31.48
C ILE C 147 -4.25 0.32 -31.07
N GLU C 148 -4.47 -0.59 -32.02
CA GLU C 148 -4.27 -2.00 -31.74
C GLU C 148 -3.07 -2.59 -32.49
N GLN C 149 -2.24 -3.30 -31.74
CA GLN C 149 -1.01 -3.93 -32.22
C GLN C 149 -1.15 -4.89 -33.36
N THR C 150 -2.32 -5.50 -33.45
CA THR C 150 -2.59 -6.56 -34.40
C THR C 150 -3.74 -6.13 -35.32
N SER C 151 -3.45 -5.21 -36.24
CA SER C 151 -4.45 -4.60 -37.07
C SER C 151 -4.47 -5.28 -38.42
N HIS C 152 -5.66 -5.39 -39.03
CA HIS C 152 -5.75 -5.97 -40.39
C HIS C 152 -4.93 -5.08 -41.33
N LYS C 153 -5.09 -3.76 -41.18
CA LYS C 153 -4.25 -2.75 -41.88
C LYS C 153 -2.97 -2.59 -41.08
N ARG C 154 -1.85 -3.07 -41.64
CA ARG C 154 -0.50 -2.96 -41.07
C ARG C 154 -0.11 -1.55 -40.52
N GLU C 155 -0.57 -0.50 -41.22
CA GLU C 155 -0.19 0.92 -40.97
C GLU C 155 -0.92 1.47 -39.76
N LEU C 156 -2.09 0.91 -39.47
CA LEU C 156 -2.89 1.34 -38.33
C LEU C 156 -2.36 0.78 -37.02
N ALA C 157 -1.49 -0.23 -37.11
CA ALA C 157 -0.86 -0.84 -35.92
C ALA C 157 0.16 0.03 -35.18
N GLY C 158 0.18 1.32 -35.50
CA GLY C 158 0.88 2.31 -34.71
C GLY C 158 0.21 3.66 -34.62
N ILE C 159 0.93 4.56 -33.99
CA ILE C 159 0.58 5.97 -33.89
C ILE C 159 1.32 6.77 -34.98
N LEU C 160 0.64 7.72 -35.60
CA LEU C 160 1.20 8.58 -36.64
C LEU C 160 1.76 9.84 -36.04
N MET C 161 2.94 10.22 -36.49
CA MET C 161 3.52 11.54 -36.26
C MET C 161 3.68 12.21 -37.63
N GLN C 162 2.89 13.26 -37.85
CA GLN C 162 2.84 13.99 -39.09
C GLN C 162 3.45 15.38 -38.87
N PHE C 163 4.67 15.57 -39.37
CA PHE C 163 5.38 16.82 -39.26
C PHE C 163 5.04 17.67 -40.46
N ASP C 164 4.66 18.93 -40.22
CA ASP C 164 4.52 19.95 -41.27
C ASP C 164 5.45 21.09 -40.84
N GLN C 165 6.68 21.09 -41.36
CA GLN C 165 7.70 22.12 -41.11
C GLN C 165 7.18 23.53 -41.43
N LYS C 166 6.48 23.65 -42.57
CA LYS C 166 5.90 24.91 -43.09
C LYS C 166 5.01 25.66 -42.08
N HIS C 167 4.16 24.93 -41.35
CA HIS C 167 3.27 25.49 -40.31
C HIS C 167 3.68 25.20 -38.86
N GLN C 168 4.87 24.65 -38.64
CA GLN C 168 5.34 24.30 -37.29
C GLN C 168 4.38 23.38 -36.51
N THR C 169 3.83 22.36 -37.16
CA THR C 169 2.85 21.50 -36.52
C THR C 169 3.25 20.03 -36.51
N LEU C 170 3.04 19.38 -35.36
CA LEU C 170 3.19 17.95 -35.21
C LEU C 170 1.83 17.36 -34.85
N SER C 171 1.18 16.72 -35.82
CA SER C 171 -0.10 16.06 -35.62
C SER C 171 0.14 14.62 -35.17
N VAL C 172 -0.59 14.19 -34.14
CA VAL C 172 -0.47 12.85 -33.57
C VAL C 172 -1.81 12.16 -33.75
N VAL C 173 -1.81 10.97 -34.36
CA VAL C 173 -3.06 10.33 -34.77
C VAL C 173 -3.08 8.83 -34.53
N GLY C 174 -4.18 8.37 -33.94
CA GLY C 174 -4.41 6.96 -33.74
C GLY C 174 -5.78 6.53 -34.21
N THR C 175 -5.85 5.33 -34.77
CA THR C 175 -7.12 4.76 -35.12
C THR C 175 -7.09 3.24 -35.13
N ASP C 176 -8.26 2.65 -34.84
CA ASP C 176 -8.58 1.26 -35.16
C ASP C 176 -9.59 1.67 -36.22
N THR C 177 -10.48 0.91 -36.82
CA THR C 177 -11.29 1.66 -37.87
C THR C 177 -12.60 2.29 -37.40
N LYS C 178 -12.78 2.30 -36.10
CA LYS C 178 -14.08 2.57 -35.43
C LYS C 178 -14.08 3.91 -34.68
N ARG C 179 -12.89 4.32 -34.31
CA ARG C 179 -12.65 5.59 -33.66
C ARG C 179 -11.32 6.11 -34.21
N LEU C 180 -11.24 7.42 -34.36
CA LEU C 180 -10.03 8.08 -34.75
C LEU C 180 -9.78 9.15 -33.72
N SER C 181 -8.62 9.10 -33.09
CA SER C 181 -8.26 10.09 -32.09
C SER C 181 -7.03 10.83 -32.57
N TYR C 182 -7.06 12.15 -32.39
CA TYR C 182 -6.04 13.02 -32.95
C TYR C 182 -5.82 14.30 -32.16
N THR C 183 -4.63 14.86 -32.30
CA THR C 183 -4.32 16.18 -31.77
C THR C 183 -3.27 16.79 -32.65
N GLN C 184 -3.19 18.11 -32.63
CA GLN C 184 -2.18 18.82 -33.35
C GLN C 184 -1.43 19.75 -32.41
N LEU C 185 -0.12 19.56 -32.25
CA LEU C 185 0.70 20.44 -31.43
C LEU C 185 1.20 21.61 -32.26
N GLU C 186 0.94 22.82 -31.80
CA GLU C 186 1.46 24.06 -32.41
C GLU C 186 2.87 24.37 -31.94
N LYS C 187 3.54 25.25 -32.67
CA LYS C 187 4.83 25.82 -32.25
C LYS C 187 5.87 24.75 -31.90
N ILE C 188 6.17 23.93 -32.89
CA ILE C 188 7.25 22.97 -32.84
C ILE C 188 8.30 23.44 -33.85
N SER C 189 9.54 23.65 -33.40
CA SER C 189 10.63 23.94 -34.33
C SER C 189 11.03 22.60 -34.93
N ILE C 190 10.59 22.40 -36.17
CA ILE C 190 10.82 21.16 -36.86
C ILE C 190 11.99 21.37 -37.77
N HIS C 191 13.10 20.68 -37.46
CA HIS C 191 14.31 20.75 -38.27
C HIS C 191 14.23 19.55 -39.20
N SER C 192 13.77 19.82 -40.42
CA SER C 192 13.54 18.80 -41.41
C SER C 192 13.71 19.56 -42.77
N THR C 193 13.51 18.93 -43.93
CA THR C 193 13.33 19.67 -45.20
C THR C 193 11.90 20.25 -45.29
N GLU C 194 11.71 21.12 -46.26
CA GLU C 194 10.39 21.77 -46.47
C GLU C 194 9.20 20.81 -46.82
N GLU C 195 9.52 19.55 -47.16
CA GLU C 195 8.49 18.54 -47.40
C GLU C 195 7.85 18.13 -46.09
N ASP C 196 6.68 17.53 -46.20
CA ASP C 196 6.02 16.97 -45.03
C ASP C 196 6.73 15.67 -44.82
N ILE C 197 6.52 15.06 -43.67
CA ILE C 197 7.21 13.82 -43.32
C ILE C 197 6.45 13.11 -42.22
N SER C 198 6.16 11.83 -42.45
CA SER C 198 5.34 11.01 -41.52
C SER C 198 6.11 9.86 -40.93
N CYS C 199 6.04 9.72 -39.60
CA CYS C 199 6.59 8.55 -38.92
C CYS C 199 5.48 7.79 -38.23
N ILE C 200 5.36 6.50 -38.50
CA ILE C 200 4.41 5.61 -37.78
C ILE C 200 5.18 4.74 -36.78
N LEU C 201 5.02 5.02 -35.51
CA LEU C 201 5.66 4.25 -34.44
C LEU C 201 4.80 3.06 -34.12
N PRO C 202 5.38 1.83 -34.11
CA PRO C 202 4.63 0.68 -33.66
C PRO C 202 4.12 0.81 -32.23
N LYS C 203 2.99 0.17 -31.96
CA LYS C 203 2.36 0.19 -30.64
C LYS C 203 3.30 -0.29 -29.53
N ARG C 204 4.07 -1.34 -29.80
CA ARG C 204 5.01 -1.90 -28.84
C ARG C 204 6.04 -0.85 -28.43
N ALA C 205 6.61 -0.19 -29.42
CA ALA C 205 7.53 0.92 -29.22
C ALA C 205 6.88 2.05 -28.44
N LEU C 206 5.65 2.39 -28.81
CA LEU C 206 4.90 3.46 -28.15
C LEU C 206 4.73 3.23 -26.63
N LEU C 207 4.39 2.00 -26.26
CA LEU C 207 4.23 1.61 -24.85
C LEU C 207 5.56 1.67 -24.06
N GLU C 208 6.69 1.36 -24.72
CA GLU C 208 8.03 1.51 -24.10
C GLU C 208 8.45 2.97 -23.93
N ILE C 209 8.08 3.80 -24.89
CA ILE C 209 8.36 5.25 -24.80
C ILE C 209 7.70 5.85 -23.57
N LEU C 210 6.49 5.39 -23.29
CA LEU C 210 5.70 5.84 -22.14
C LEU C 210 6.39 5.52 -20.80
N LYS C 211 7.07 4.39 -20.72
CA LYS C 211 7.83 4.03 -19.50
C LYS C 211 9.12 4.83 -19.30
N LEU C 212 9.71 5.30 -20.40
CA LEU C 212 11.07 5.86 -20.38
C LEU C 212 11.15 7.38 -20.47
N PHE C 213 10.15 8.01 -21.10
CA PHE C 213 10.22 9.43 -21.47
C PHE C 213 8.97 10.23 -21.10
N TYR C 214 9.15 11.53 -20.83
CA TYR C 214 8.06 12.46 -20.54
C TYR C 214 8.36 13.88 -21.10
N GLU C 215 9.43 14.49 -20.60
CA GLU C 215 9.89 15.80 -21.03
C GLU C 215 11.38 15.70 -21.29
N ASN C 216 11.89 16.72 -21.95
CA ASN C 216 13.33 16.92 -22.14
C ASN C 216 14.02 15.76 -22.85
N PHE C 217 13.62 15.55 -24.10
CA PHE C 217 14.24 14.56 -24.97
C PHE C 217 14.27 15.01 -26.43
N SER C 218 15.10 14.34 -27.21
CA SER C 218 15.21 14.59 -28.64
C SER C 218 14.45 13.49 -29.35
N PHE C 219 13.87 13.81 -30.50
CA PHE C 219 13.29 12.82 -31.39
C PHE C 219 13.90 13.03 -32.78
N LYS C 220 14.55 12.01 -33.33
CA LYS C 220 15.03 12.06 -34.70
C LYS C 220 14.53 10.85 -35.47
N SER C 221 14.24 11.05 -36.75
CA SER C 221 13.91 9.94 -37.63
C SER C 221 14.56 10.16 -38.99
N ASP C 222 14.74 9.05 -39.71
CA ASP C 222 15.21 9.08 -41.09
C ASP C 222 14.24 8.38 -42.05
N GLY C 223 12.99 8.19 -41.61
CA GLY C 223 11.99 7.44 -42.36
C GLY C 223 12.02 5.93 -42.17
N MET C 224 13.13 5.38 -41.66
CA MET C 224 13.31 3.94 -41.42
C MET C 224 13.27 3.66 -39.92
N LEU C 225 14.18 4.26 -39.17
CA LEU C 225 14.19 4.21 -37.70
C LEU C 225 13.77 5.55 -37.12
N ALA C 226 13.47 5.55 -35.83
CA ALA C 226 13.27 6.77 -35.06
C ALA C 226 13.99 6.61 -33.74
N VAL C 227 14.82 7.60 -33.40
CA VAL C 227 15.65 7.58 -32.23
C VAL C 227 15.23 8.68 -31.26
N ILE C 228 14.95 8.28 -30.01
CA ILE C 228 14.59 9.18 -28.92
C ILE C 228 15.72 9.13 -27.89
N GLU C 229 16.14 10.30 -27.41
CA GLU C 229 17.32 10.39 -26.56
C GLU C 229 17.15 11.46 -25.50
N ASN C 230 17.48 11.11 -24.24
CA ASN C 230 17.65 12.09 -23.16
C ASN C 230 18.97 11.79 -22.42
N GLU C 231 19.16 12.35 -21.22
CA GLU C 231 20.42 12.21 -20.49
C GLU C 231 20.71 10.77 -20.07
N MET C 232 19.67 10.02 -19.73
CA MET C 232 19.81 8.62 -19.27
C MET C 232 19.76 7.60 -20.39
N HIS C 233 18.93 7.83 -21.41
CA HIS C 233 18.69 6.80 -22.44
C HIS C 233 18.79 7.26 -23.87
N THR C 234 19.21 6.32 -24.72
CA THR C 234 18.97 6.35 -26.15
C THR C 234 18.05 5.16 -26.41
N PHE C 235 16.96 5.43 -27.09
CA PHE C 235 15.97 4.46 -27.48
C PHE C 235 15.90 4.47 -29.01
N PHE C 236 15.77 3.31 -29.65
CA PHE C 236 15.41 3.28 -31.09
C PHE C 236 14.26 2.32 -31.36
N THR C 237 13.46 2.62 -32.39
CA THR C 237 12.43 1.73 -32.95
C THR C 237 12.41 1.85 -34.45
N LYS C 238 12.16 0.73 -35.13
CA LYS C 238 11.80 0.75 -36.54
C LYS C 238 10.43 1.37 -36.68
N LEU C 239 10.19 2.00 -37.81
CA LEU C 239 8.91 2.58 -38.09
C LEU C 239 8.11 1.62 -38.92
N ILE C 240 6.80 1.83 -38.97
CA ILE C 240 5.93 1.01 -39.80
C ILE C 240 5.89 1.59 -41.18
N ASP C 241 6.08 0.71 -42.15
CA ASP C 241 6.41 1.14 -43.49
C ASP C 241 5.29 1.74 -44.33
N GLY C 242 4.03 1.36 -44.15
CA GLY C 242 2.90 1.93 -44.91
C GLY C 242 2.67 3.44 -45.02
N ASN C 243 1.63 3.81 -45.75
CA ASN C 243 1.08 5.17 -45.73
C ASN C 243 -0.17 5.19 -44.83
N TYR C 244 -0.09 5.96 -43.74
CA TYR C 244 -1.22 6.15 -42.87
C TYR C 244 -2.30 6.87 -43.68
N PRO C 245 -3.58 6.48 -43.52
CA PRO C 245 -4.65 7.16 -44.26
C PRO C 245 -4.80 8.65 -43.92
N ASP C 246 -5.31 9.43 -44.86
CA ASP C 246 -5.49 10.86 -44.64
C ASP C 246 -6.67 11.11 -43.70
N TYR C 247 -6.35 11.25 -42.42
CA TYR C 247 -7.40 11.43 -41.41
C TYR C 247 -8.30 12.66 -41.66
N GLN C 248 -7.69 13.78 -42.08
CA GLN C 248 -8.42 15.03 -42.38
C GLN C 248 -9.55 14.89 -43.41
N LYS C 249 -9.43 13.92 -44.34
CA LYS C 249 -10.50 13.68 -45.31
C LYS C 249 -11.73 13.01 -44.74
N ILE C 250 -11.60 12.27 -43.63
CA ILE C 250 -12.78 11.56 -43.05
C ILE C 250 -13.43 12.38 -41.90
N LEU C 251 -12.75 13.42 -41.38
CA LEU C 251 -13.37 14.30 -40.38
C LEU C 251 -14.52 15.11 -41.00
N PRO C 252 -15.75 14.96 -40.48
CA PRO C 252 -16.85 15.80 -40.96
C PRO C 252 -16.53 17.27 -40.79
N LYS C 253 -16.80 18.03 -41.83
CA LYS C 253 -16.60 19.49 -41.78
C LYS C 253 -17.67 20.24 -40.99
N GLU C 254 -18.90 19.73 -40.97
CA GLU C 254 -20.04 20.38 -40.27
C GLU C 254 -20.85 19.40 -39.41
N TYR C 255 -21.36 19.88 -38.27
CA TYR C 255 -22.21 19.06 -37.36
C TYR C 255 -23.54 19.78 -37.10
N ILE C 256 -24.64 19.06 -37.24
CA ILE C 256 -25.97 19.67 -37.06
C ILE C 256 -26.16 20.14 -35.61
N SER C 257 -25.74 19.32 -34.64
CA SER C 257 -25.88 19.64 -33.24
C SER C 257 -24.55 19.55 -32.54
N SER C 258 -24.46 20.23 -31.40
CA SER C 258 -23.31 20.20 -30.51
C SER C 258 -23.81 20.36 -29.07
N PHE C 259 -23.53 19.39 -28.22
CA PHE C 259 -24.12 19.32 -26.88
C PHE C 259 -23.02 19.43 -25.85
N THR C 260 -23.15 20.38 -24.93
CA THR C 260 -22.17 20.54 -23.85
C THR C 260 -22.65 19.74 -22.65
N LEU C 261 -21.82 18.79 -22.22
CA LEU C 261 -22.22 17.70 -21.34
C LEU C 261 -21.14 17.48 -20.29
N GLY C 262 -21.51 16.89 -19.15
CA GLY C 262 -20.62 16.74 -18.01
C GLY C 262 -19.80 15.46 -18.07
N LYS C 263 -18.47 15.60 -18.06
CA LYS C 263 -17.58 14.48 -18.31
C LYS C 263 -17.72 13.37 -17.27
N GLU C 264 -17.55 13.70 -15.98
CA GLU C 264 -17.56 12.68 -14.91
C GLU C 264 -18.95 12.02 -14.71
N GLU C 265 -20.01 12.80 -14.91
CA GLU C 265 -21.37 12.25 -14.94
C GLU C 265 -21.46 11.16 -16.02
N PHE C 266 -21.05 11.49 -17.26
CA PHE C 266 -21.08 10.53 -18.37
C PHE C 266 -20.17 9.32 -18.17
N LYS C 267 -19.02 9.54 -17.56
CA LYS C 267 -18.07 8.48 -17.28
C LYS C 267 -18.66 7.46 -16.33
N GLU C 268 -19.19 7.96 -15.22
CA GLU C 268 -19.78 7.14 -14.22
C GLU C 268 -20.98 6.37 -14.72
N SER C 269 -21.80 7.00 -15.56
CA SER C 269 -23.00 6.38 -16.11
C SER C 269 -22.69 5.27 -17.10
N ILE C 270 -21.61 5.47 -17.84
CA ILE C 270 -21.16 4.52 -18.84
C ILE C 270 -20.49 3.32 -18.15
N LYS C 271 -19.66 3.56 -17.13
CA LYS C 271 -19.13 2.47 -16.27
C LYS C 271 -20.25 1.56 -15.75
N LEU C 272 -21.30 2.19 -15.24
CA LEU C 272 -22.45 1.49 -14.69
C LEU C 272 -23.08 0.50 -15.66
N CYS C 273 -23.45 0.99 -16.84
CA CYS C 273 -24.14 0.17 -17.83
C CYS C 273 -23.21 -0.84 -18.46
N SER C 274 -21.91 -0.54 -18.44
CA SER C 274 -20.88 -1.44 -18.95
C SER C 274 -20.72 -2.72 -18.20
N SER C 275 -21.18 -2.76 -16.96
CA SER C 275 -21.17 -3.98 -16.17
C SER C 275 -22.03 -5.10 -16.76
N LEU C 276 -23.00 -4.73 -17.60
CA LEU C 276 -23.91 -5.69 -18.22
C LEU C 276 -23.77 -5.84 -19.71
N SER C 277 -23.30 -4.80 -20.39
CA SER C 277 -23.02 -4.92 -21.83
C SER C 277 -22.05 -3.86 -22.32
N SER C 278 -21.31 -4.21 -23.35
CA SER C 278 -20.27 -3.32 -23.89
C SER C 278 -20.82 -2.19 -24.80
N THR C 279 -22.02 -2.37 -25.36
CA THR C 279 -22.70 -1.32 -26.10
C THR C 279 -23.83 -0.69 -25.29
N ILE C 280 -24.02 0.62 -25.43
CA ILE C 280 -24.96 1.41 -24.63
C ILE C 280 -25.84 2.29 -25.52
N LYS C 281 -27.12 2.36 -25.22
CA LYS C 281 -28.02 3.31 -25.87
C LYS C 281 -28.01 4.55 -25.02
N LEU C 282 -27.70 5.67 -25.66
CA LEU C 282 -27.62 6.96 -24.99
C LEU C 282 -28.70 7.86 -25.57
N THR C 283 -29.59 8.35 -24.71
CA THR C 283 -30.72 9.16 -25.10
C THR C 283 -30.54 10.54 -24.50
N LEU C 284 -30.38 11.52 -25.37
CA LEU C 284 -30.25 12.90 -24.93
C LEU C 284 -31.60 13.57 -25.03
N GLU C 285 -32.05 14.13 -23.91
CA GLU C 285 -33.27 14.94 -23.82
C GLU C 285 -32.81 16.33 -23.42
N LYS C 286 -33.76 17.27 -23.40
CA LYS C 286 -33.44 18.67 -23.12
C LYS C 286 -32.77 18.87 -21.76
N ASN C 287 -33.36 18.33 -20.69
CA ASN C 287 -32.81 18.51 -19.34
C ASN C 287 -32.26 17.23 -18.70
N ASN C 288 -32.03 16.20 -19.51
CA ASN C 288 -31.36 15.01 -18.96
C ASN C 288 -30.85 14.06 -20.07
N ALA C 289 -29.94 13.19 -19.64
CA ALA C 289 -29.34 12.20 -20.47
C ALA C 289 -29.56 10.84 -19.84
N LEU C 290 -30.03 9.88 -20.62
CA LEU C 290 -30.29 8.55 -20.15
C LEU C 290 -29.39 7.54 -20.83
N PHE C 291 -29.02 6.51 -20.08
CA PHE C 291 -28.08 5.49 -20.53
C PHE C 291 -28.72 4.14 -20.29
N GLU C 292 -28.71 3.26 -21.26
CA GLU C 292 -29.28 1.95 -21.06
C GLU C 292 -28.45 0.89 -21.78
N SER C 293 -28.16 -0.22 -21.11
CA SER C 293 -27.44 -1.32 -21.74
C SER C 293 -28.24 -1.92 -22.89
N LEU C 294 -27.54 -2.37 -23.95
CA LEU C 294 -28.16 -2.83 -25.21
C LEU C 294 -27.89 -4.30 -25.59
N GLU C 300 -29.81 -8.83 -18.23
CA GLU C 300 -30.91 -8.28 -19.04
C GLU C 300 -30.92 -6.74 -19.21
N THR C 301 -30.94 -5.88 -18.18
CA THR C 301 -31.04 -4.40 -18.36
C THR C 301 -30.29 -3.64 -17.29
N ALA C 302 -29.50 -2.66 -17.69
CA ALA C 302 -28.98 -1.60 -16.82
C ALA C 302 -29.48 -0.26 -17.37
N LYS C 303 -29.97 0.61 -16.49
CA LYS C 303 -30.29 1.97 -16.85
C LYS C 303 -29.78 2.91 -15.78
N THR C 304 -29.51 4.13 -16.18
CA THR C 304 -29.25 5.22 -15.26
C THR C 304 -29.39 6.54 -16.02
N SER C 305 -29.51 7.65 -15.29
CA SER C 305 -29.68 8.95 -15.91
C SER C 305 -28.93 10.03 -15.15
N VAL C 306 -28.58 11.09 -15.88
CA VAL C 306 -27.99 12.29 -15.28
C VAL C 306 -28.76 13.52 -15.71
N GLU C 307 -28.89 14.48 -14.79
CA GLU C 307 -29.53 15.75 -15.06
C GLU C 307 -28.55 16.70 -15.74
N ILE C 308 -29.08 17.43 -16.72
CA ILE C 308 -28.35 18.46 -17.43
C ILE C 308 -29.10 19.73 -17.06
N GLU C 309 -28.47 20.58 -16.26
CA GLU C 309 -29.12 21.81 -15.76
C GLU C 309 -29.26 22.79 -16.93
N LYS C 310 -28.13 23.02 -17.62
CA LYS C 310 -28.09 23.90 -18.79
C LYS C 310 -28.71 23.13 -19.99
N GLY C 311 -30.02 23.35 -20.19
CA GLY C 311 -30.83 22.59 -21.13
C GLY C 311 -30.29 22.60 -22.55
N LEU C 312 -30.33 21.44 -23.21
CA LEU C 312 -29.83 21.31 -24.57
C LEU C 312 -30.81 21.88 -25.58
N ASP C 313 -30.29 22.26 -26.75
CA ASP C 313 -31.10 22.79 -27.86
C ASP C 313 -31.62 21.61 -28.67
N ILE C 314 -32.75 21.06 -28.23
CA ILE C 314 -33.43 19.98 -28.98
C ILE C 314 -34.95 19.94 -28.72
N GLU C 315 -35.71 19.62 -29.77
CA GLU C 315 -37.16 19.56 -29.73
C GLU C 315 -37.51 18.12 -29.37
N LYS C 316 -37.03 17.17 -30.18
CA LYS C 316 -37.17 15.75 -29.88
C LYS C 316 -35.89 15.25 -29.33
N ALA C 317 -36.00 14.09 -28.72
CA ALA C 317 -34.88 13.42 -28.14
C ALA C 317 -34.01 12.71 -29.17
N PHE C 318 -32.74 12.60 -28.84
CA PHE C 318 -31.70 12.16 -29.75
C PHE C 318 -31.14 10.86 -29.20
N HIS C 319 -31.35 9.75 -29.91
CA HIS C 319 -30.81 8.46 -29.50
C HIS C 319 -29.49 8.15 -30.21
N LEU C 320 -28.59 7.44 -29.54
CA LEU C 320 -27.27 7.18 -30.06
C LEU C 320 -26.67 5.92 -29.47
N GLY C 321 -26.38 4.93 -30.32
CA GLY C 321 -25.70 3.72 -29.87
C GLY C 321 -24.19 3.93 -29.84
N VAL C 322 -23.55 3.60 -28.71
CA VAL C 322 -22.12 3.77 -28.54
C VAL C 322 -21.46 2.55 -27.87
N ASN C 323 -20.18 2.32 -28.18
CA ASN C 323 -19.38 1.33 -27.50
C ASN C 323 -18.94 2.00 -26.20
N ALA C 324 -19.20 1.36 -25.07
CA ALA C 324 -18.89 1.96 -23.76
C ALA C 324 -17.42 2.31 -23.60
N LYS C 325 -16.59 1.32 -23.84
CA LYS C 325 -15.14 1.45 -23.60
C LYS C 325 -14.51 2.52 -24.52
N PHE C 326 -14.99 2.60 -25.77
CA PHE C 326 -14.57 3.65 -26.68
C PHE C 326 -14.95 5.03 -26.15
N PHE C 327 -16.19 5.20 -25.74
CA PHE C 327 -16.66 6.48 -25.20
C PHE C 327 -15.87 6.89 -23.94
N LEU C 328 -15.55 5.94 -23.09
CA LEU C 328 -14.74 6.21 -21.90
C LEU C 328 -13.34 6.65 -22.24
N GLU C 329 -12.71 5.89 -23.13
CA GLU C 329 -11.36 6.17 -23.55
C GLU C 329 -11.25 7.51 -24.23
N ALA C 330 -12.32 7.91 -24.91
CA ALA C 330 -12.41 9.24 -25.52
C ALA C 330 -12.51 10.34 -24.48
N LEU C 331 -13.33 10.14 -23.46
CA LEU C 331 -13.45 11.08 -22.35
C LEU C 331 -12.21 11.14 -21.44
N ASN C 332 -11.45 10.03 -21.32
CA ASN C 332 -10.20 10.03 -20.56
C ASN C 332 -9.15 10.91 -21.20
N ALA C 333 -9.20 11.03 -22.53
CA ALA C 333 -8.35 11.93 -23.28
C ALA C 333 -8.55 13.43 -22.97
N LEU C 334 -9.71 13.79 -22.42
CA LEU C 334 -10.06 15.21 -22.17
C LEU C 334 -9.59 15.64 -20.78
N GLY C 335 -9.16 16.90 -20.68
CA GLY C 335 -8.77 17.49 -19.41
C GLY C 335 -9.78 18.47 -18.86
N THR C 336 -10.80 18.82 -19.64
CA THR C 336 -11.84 19.71 -19.15
C THR C 336 -12.86 18.96 -18.30
N THR C 337 -13.63 19.75 -17.54
CA THR C 337 -14.63 19.23 -16.61
C THR C 337 -15.91 18.89 -17.43
N GLN C 338 -16.12 19.60 -18.53
CA GLN C 338 -17.23 19.32 -19.44
C GLN C 338 -16.69 19.01 -20.84
N PHE C 339 -17.52 18.38 -21.67
CA PHE C 339 -17.12 18.03 -23.03
C PHE C 339 -18.20 18.35 -24.03
N VAL C 340 -17.80 18.36 -25.29
CA VAL C 340 -18.70 18.64 -26.39
C VAL C 340 -18.86 17.39 -27.24
N LEU C 341 -20.11 17.04 -27.51
CA LEU C 341 -20.48 15.95 -28.38
C LEU C 341 -21.19 16.57 -29.56
N ARG C 342 -20.61 16.41 -30.76
CA ARG C 342 -21.18 16.95 -31.99
C ARG C 342 -21.60 15.79 -32.86
N CYS C 343 -22.81 15.84 -33.38
CA CYS C 343 -23.30 14.78 -34.22
C CYS C 343 -24.21 15.38 -35.28
N ASN C 344 -24.34 14.65 -36.39
CA ASN C 344 -25.32 14.93 -37.44
C ASN C 344 -26.47 13.92 -37.18
N GLU C 345 -26.50 12.80 -37.91
CA GLU C 345 -27.58 11.82 -37.75
C GLU C 345 -27.12 10.78 -36.72
N PRO C 346 -28.08 9.96 -36.20
CA PRO C 346 -27.71 8.91 -35.26
C PRO C 346 -26.73 7.88 -35.85
N SER C 347 -26.84 7.61 -37.17
CA SER C 347 -25.99 6.62 -37.85
C SER C 347 -24.66 7.18 -38.34
N SER C 348 -24.51 8.51 -38.33
CA SER C 348 -23.26 9.18 -38.82
C SER C 348 -22.28 9.33 -37.67
N PRO C 349 -20.95 9.42 -37.98
CA PRO C 349 -19.94 9.62 -36.98
C PRO C 349 -20.20 10.82 -36.11
N PHE C 350 -19.71 10.78 -34.88
CA PHE C 350 -19.88 11.90 -33.96
C PHE C 350 -18.53 12.23 -33.35
N LEU C 351 -18.36 13.47 -32.93
CA LEU C 351 -17.10 13.95 -32.40
C LEU C 351 -17.18 14.23 -30.91
N ILE C 352 -16.08 13.97 -30.20
CA ILE C 352 -15.93 14.30 -28.77
C ILE C 352 -14.70 15.19 -28.56
N GLN C 353 -14.89 16.31 -27.86
CA GLN C 353 -13.79 17.18 -27.52
C GLN C 353 -14.03 18.07 -26.31
N GLU C 354 -12.97 18.75 -25.90
CA GLU C 354 -13.03 19.62 -24.72
C GLU C 354 -13.97 20.83 -24.91
N SER C 355 -14.28 21.51 -23.79
CA SER C 355 -15.02 22.82 -23.83
C SER C 355 -14.38 24.02 -24.63
N LYS C 366 -6.72 19.80 -26.15
CA LYS C 366 -5.91 19.14 -27.18
C LYS C 366 -6.58 17.94 -27.96
N ILE C 367 -7.05 16.88 -27.30
CA ILE C 367 -7.42 15.64 -27.99
C ILE C 367 -8.89 15.45 -28.32
N SER C 368 -9.17 15.20 -29.60
CA SER C 368 -10.50 14.98 -30.12
C SER C 368 -10.61 13.53 -30.55
N THR C 369 -11.81 12.98 -30.44
CA THR C 369 -12.05 11.61 -30.89
C THR C 369 -13.29 11.59 -31.78
N LEU C 370 -13.12 11.14 -33.02
CA LEU C 370 -14.24 10.87 -33.92
C LEU C 370 -14.59 9.40 -33.77
N MET C 371 -15.88 9.11 -33.70
CA MET C 371 -16.34 7.79 -33.34
C MET C 371 -17.53 7.40 -34.18
N MET C 372 -17.55 6.15 -34.58
CA MET C 372 -18.66 5.62 -35.33
C MET C 372 -19.63 5.06 -34.33
N PRO C 373 -20.92 5.42 -34.48
CA PRO C 373 -21.95 4.87 -33.58
C PRO C 373 -22.40 3.47 -34.03
N ILE C 374 -23.24 2.88 -33.21
CA ILE C 374 -23.86 1.62 -33.45
C ILE C 374 -25.33 1.94 -33.73
N THR C 375 -26.01 1.07 -34.46
CA THR C 375 -27.46 1.27 -34.82
C THR C 375 -28.44 0.61 -33.85
N MET D 3 -0.76 34.83 -12.17
CA MET D 3 -1.73 34.92 -13.30
C MET D 3 -1.92 36.24 -14.03
N LYS D 4 -2.37 36.06 -15.30
CA LYS D 4 -3.55 36.80 -15.81
C LYS D 4 -4.86 35.91 -16.26
N ILE D 5 -4.91 35.05 -17.23
CA ILE D 5 -6.01 34.06 -17.07
C ILE D 5 -5.46 32.80 -17.61
N SER D 6 -5.31 31.78 -16.77
CA SER D 6 -4.65 30.58 -17.20
C SER D 6 -5.54 29.42 -16.79
N VAL D 7 -5.47 28.35 -17.57
CA VAL D 7 -6.05 27.08 -17.22
C VAL D 7 -4.85 26.14 -17.02
N SER D 8 -4.93 25.24 -16.04
CA SER D 8 -3.79 24.47 -15.58
C SER D 8 -4.36 23.22 -14.84
N LYS D 9 -3.66 22.07 -14.90
CA LYS D 9 -3.93 20.74 -14.24
C LYS D 9 -3.56 20.68 -12.72
N ASN D 10 -3.67 19.52 -12.02
CA ASN D 10 -3.13 19.23 -10.63
C ASN D 10 -1.63 18.61 -10.60
N ASP D 11 -0.89 18.90 -11.68
CA ASP D 11 0.47 19.56 -11.76
C ASP D 11 0.66 20.68 -10.72
N LEU D 12 -0.42 21.44 -10.55
CA LEU D 12 -0.49 22.53 -9.60
C LEU D 12 -0.32 22.06 -8.17
N GLU D 13 -1.10 21.04 -7.78
CA GLU D 13 -1.06 20.53 -6.41
C GLU D 13 0.37 20.13 -6.05
N ASN D 14 0.98 19.41 -6.97
CA ASN D 14 2.32 18.96 -6.76
C ASN D 14 3.31 20.12 -6.58
N ALA D 15 3.24 21.11 -7.45
CA ALA D 15 4.09 22.29 -7.32
C ALA D 15 3.89 22.95 -5.96
N LEU D 16 2.63 23.07 -5.54
CA LEU D 16 2.27 23.73 -4.29
C LEU D 16 2.68 22.98 -3.03
N ARG D 17 2.71 21.66 -3.08
CA ARG D 17 3.24 20.84 -1.98
C ARG D 17 4.69 21.13 -1.70
N TYR D 18 5.51 21.06 -2.75
CA TYR D 18 6.93 21.35 -2.61
C TYR D 18 7.23 22.75 -2.11
N LEU D 19 6.37 23.72 -2.47
CA LEU D 19 6.60 25.11 -2.07
C LEU D 19 6.31 25.42 -0.60
N GLN D 20 5.54 24.56 0.07
CA GLN D 20 5.07 24.84 1.43
C GLN D 20 6.21 25.06 2.39
N ALA D 21 7.27 24.25 2.25
CA ALA D 21 8.48 24.36 3.07
C ALA D 21 9.23 25.70 2.96
N PHE D 22 9.01 26.44 1.86
CA PHE D 22 9.71 27.69 1.63
C PHE D 22 8.94 28.90 2.14
N LEU D 23 7.73 28.68 2.64
CA LEU D 23 6.87 29.73 3.18
C LEU D 23 7.11 30.02 4.66
N ASP D 24 6.71 31.21 5.09
CA ASP D 24 6.62 31.59 6.50
C ASP D 24 5.16 31.42 6.95
N ASP D 27 2.92 33.29 9.93
CA ASP D 27 2.40 34.67 9.88
C ASP D 27 1.76 35.03 8.52
N ALA D 28 0.43 34.96 8.42
CA ALA D 28 -0.28 35.29 7.16
C ALA D 28 -0.32 36.79 6.77
N SER D 29 -0.02 37.69 7.73
CA SER D 29 0.15 39.13 7.39
C SER D 29 1.37 39.38 6.46
N SER D 30 2.35 38.47 6.48
CA SER D 30 3.60 38.63 5.74
C SER D 30 3.43 38.23 4.29
N ILE D 31 4.11 38.97 3.43
CA ILE D 31 4.33 38.58 2.03
C ILE D 31 5.01 37.21 1.94
N ALA D 32 5.86 36.88 2.91
CA ALA D 32 6.58 35.60 2.92
C ALA D 32 5.69 34.37 3.02
N SER D 33 4.46 34.57 3.49
CA SER D 33 3.44 33.52 3.50
C SER D 33 2.80 33.30 2.14
N HIS D 34 3.10 34.16 1.16
CA HIS D 34 2.50 34.06 -0.17
C HIS D 34 3.41 33.38 -1.18
N ILE D 35 2.75 32.73 -2.12
CA ILE D 35 3.38 32.23 -3.33
C ILE D 35 3.15 33.27 -4.41
N HIS D 36 4.23 33.69 -5.06
CA HIS D 36 4.23 34.61 -6.21
C HIS D 36 3.95 33.86 -7.51
N LEU D 37 2.94 34.30 -8.25
CA LEU D 37 2.52 33.66 -9.49
C LEU D 37 2.93 34.51 -10.67
N GLU D 38 3.45 33.88 -11.73
CA GLU D 38 3.78 34.61 -12.96
C GLU D 38 3.63 33.79 -14.22
N VAL D 39 2.78 34.26 -15.14
CA VAL D 39 2.55 33.58 -16.41
C VAL D 39 3.40 34.21 -17.49
N ILE D 40 4.29 33.41 -18.07
CA ILE D 40 5.05 33.81 -19.23
C ILE D 40 4.86 32.72 -20.29
N LYS D 41 4.20 33.12 -21.37
CA LYS D 41 3.87 32.26 -22.50
C LYS D 41 3.00 31.10 -22.01
N GLU D 42 3.51 29.88 -22.11
CA GLU D 42 2.76 28.69 -21.72
C GLU D 42 3.19 28.10 -20.38
N LYS D 43 3.77 28.94 -19.52
CA LYS D 43 4.27 28.50 -18.23
C LYS D 43 3.70 29.37 -17.12
N LEU D 44 3.23 28.73 -16.05
CA LEU D 44 2.99 29.42 -14.78
C LEU D 44 4.21 29.19 -13.91
N PHE D 45 4.86 30.27 -13.52
CA PHE D 45 6.01 30.22 -12.62
C PHE D 45 5.59 30.52 -11.17
N LEU D 46 6.01 29.65 -10.24
CA LEU D 46 5.67 29.78 -8.83
C LEU D 46 6.90 29.98 -7.99
N LYS D 47 6.87 30.96 -7.10
CA LYS D 47 8.01 31.26 -6.22
C LYS D 47 7.56 31.35 -4.78
N ALA D 48 8.34 30.80 -3.87
CA ALA D 48 8.17 31.06 -2.46
C ALA D 48 9.52 31.22 -1.81
N SER D 49 9.55 32.04 -0.77
CA SER D 49 10.79 32.39 -0.09
C SER D 49 10.46 32.94 1.28
N ASP D 50 11.31 32.63 2.26
CA ASP D 50 11.28 33.28 3.58
C ASP D 50 12.69 33.78 4.00
N SER D 51 13.45 34.40 3.10
CA SER D 51 14.79 34.94 3.41
C SER D 51 15.93 33.89 3.49
N ASP D 52 15.76 32.84 4.28
CA ASP D 52 16.79 31.81 4.43
C ASP D 52 16.85 30.92 3.24
N ILE D 53 15.69 30.44 2.81
CA ILE D 53 15.63 29.58 1.65
C ILE D 53 14.58 30.09 0.67
N GLY D 54 14.68 29.61 -0.56
CA GLY D 54 13.72 29.98 -1.62
C GLY D 54 13.68 28.94 -2.71
N LEU D 55 12.53 28.84 -3.37
CA LEU D 55 12.33 27.92 -4.50
C LEU D 55 11.53 28.60 -5.60
N LYS D 56 12.02 28.48 -6.84
CA LYS D 56 11.28 28.80 -8.04
C LYS D 56 10.98 27.49 -8.76
N SER D 57 9.77 27.39 -9.29
CA SER D 57 9.24 26.16 -9.92
C SER D 57 8.29 26.60 -11.02
N TYR D 58 7.91 25.69 -11.90
CA TYR D 58 6.87 25.99 -12.88
C TYR D 58 6.07 24.79 -13.34
N ILE D 59 4.90 25.05 -13.89
CA ILE D 59 4.08 24.06 -14.56
C ILE D 59 3.66 24.62 -15.90
N PHE D 60 3.25 23.75 -16.79
CA PHE D 60 2.78 24.17 -18.10
C PHE D 60 1.30 24.48 -17.99
N THR D 61 0.82 25.42 -18.79
CA THR D 61 -0.58 25.79 -18.80
C THR D 61 -1.31 25.02 -19.87
N GLN D 62 -2.55 24.68 -19.57
CA GLN D 62 -3.45 24.08 -20.56
C GLN D 62 -4.03 25.15 -21.48
N SER D 63 -4.11 26.38 -20.98
CA SER D 63 -4.40 27.54 -21.82
C SER D 63 -3.87 28.79 -21.14
N SER D 64 -3.44 29.75 -21.95
CA SER D 64 -2.90 31.04 -21.48
C SER D 64 -3.63 32.10 -22.22
N ASP D 65 -4.74 32.56 -21.68
CA ASP D 65 -5.56 33.56 -22.31
C ASP D 65 -4.98 34.96 -22.03
N LYS D 66 -4.42 35.17 -20.84
CA LYS D 66 -3.70 36.41 -20.54
C LYS D 66 -2.48 36.17 -19.62
N GLU D 67 -1.34 36.78 -19.95
CA GLU D 67 -0.15 36.77 -19.07
C GLU D 67 -0.26 37.82 -17.96
N GLY D 68 0.41 37.58 -16.83
CA GLY D 68 0.39 38.52 -15.73
C GLY D 68 0.97 37.98 -14.45
N VAL D 69 0.88 38.79 -13.40
CA VAL D 69 1.44 38.42 -12.10
C VAL D 69 0.39 38.41 -11.00
N GLY D 70 0.74 37.79 -9.89
CA GLY D 70 -0.13 37.67 -8.75
C GLY D 70 0.56 37.12 -7.53
N THR D 71 -0.11 37.21 -6.40
CA THR D 71 0.29 36.48 -5.20
C THR D 71 -0.95 35.84 -4.54
N ILE D 72 -0.70 34.87 -3.69
CA ILE D 72 -1.76 34.20 -2.97
C ILE D 72 -1.17 33.54 -1.74
N ASN D 73 -1.94 33.48 -0.64
CA ASN D 73 -1.49 32.75 0.53
C ASN D 73 -1.18 31.30 0.17
N GLY D 74 0.06 30.89 0.40
CA GLY D 74 0.57 29.61 -0.07
C GLY D 74 -0.10 28.39 0.54
N LYS D 75 -0.42 28.46 1.83
CA LYS D 75 -1.07 27.35 2.50
C LYS D 75 -2.50 27.24 2.01
N LYS D 76 -3.22 28.36 2.03
CA LYS D 76 -4.60 28.38 1.57
C LYS D 76 -4.79 27.95 0.13
N PHE D 77 -3.82 28.30 -0.71
CA PHE D 77 -3.87 27.94 -2.12
C PHE D 77 -3.83 26.42 -2.24
N LEU D 78 -2.92 25.77 -1.52
CA LEU D 78 -2.82 24.30 -1.57
C LEU D 78 -4.09 23.63 -1.05
N ASP D 79 -4.62 24.14 0.07
CA ASP D 79 -5.86 23.64 0.67
C ASP D 79 -7.00 23.58 -0.35
N ILE D 80 -7.18 24.69 -1.05
CA ILE D 80 -8.20 24.78 -2.07
C ILE D 80 -7.97 23.82 -3.24
N ILE D 81 -6.75 23.76 -3.77
CA ILE D 81 -6.46 22.94 -4.96
C ILE D 81 -6.63 21.46 -4.65
N SER D 82 -6.18 21.04 -3.47
CA SER D 82 -6.31 19.66 -3.02
C SER D 82 -7.77 19.19 -2.84
N CYS D 83 -8.72 20.12 -2.70
CA CYS D 83 -10.15 19.79 -2.68
C CYS D 83 -10.84 19.63 -4.04
N LEU D 84 -10.19 20.09 -5.12
CA LEU D 84 -10.83 20.13 -6.41
C LEU D 84 -10.64 18.82 -7.13
N LYS D 85 -11.38 18.63 -8.21
CA LYS D 85 -11.33 17.41 -8.99
C LYS D 85 -10.08 17.35 -9.87
N ASP D 86 -9.73 16.16 -10.31
CA ASP D 86 -8.66 15.98 -11.27
C ASP D 86 -9.09 16.42 -12.72
N SER D 87 -9.42 17.69 -12.85
CA SER D 87 -9.72 18.30 -14.12
C SER D 87 -8.96 19.61 -14.13
N ASN D 88 -9.11 20.37 -15.22
CA ASN D 88 -8.45 21.67 -15.33
C ASN D 88 -9.12 22.64 -14.38
N ILE D 89 -8.29 23.56 -13.86
CA ILE D 89 -8.67 24.59 -12.90
C ILE D 89 -8.31 25.91 -13.56
N ILE D 90 -9.26 26.83 -13.58
CA ILE D 90 -9.04 28.18 -14.11
C ILE D 90 -8.45 29.03 -13.01
N LEU D 91 -7.37 29.74 -13.30
CA LEU D 91 -6.80 30.76 -12.42
C LEU D 91 -6.93 32.14 -13.12
N GLU D 92 -7.30 33.17 -12.39
CA GLU D 92 -7.65 34.46 -12.94
C GLU D 92 -7.50 35.57 -11.93
N THR D 93 -6.87 36.68 -12.25
CA THR D 93 -6.86 37.84 -11.36
C THR D 93 -8.06 38.75 -11.67
N LYS D 94 -8.70 39.23 -10.60
CA LYS D 94 -9.82 40.18 -10.68
C LYS D 94 -9.52 41.30 -9.63
N ASP D 95 -8.99 42.45 -10.08
CA ASP D 95 -8.54 43.57 -9.19
C ASP D 95 -7.33 43.13 -8.30
N ASP D 96 -7.59 42.89 -7.02
CA ASP D 96 -6.58 42.44 -6.09
C ASP D 96 -6.88 41.06 -5.55
N SER D 97 -7.75 40.35 -6.26
CA SER D 97 -8.14 39.01 -5.87
C SER D 97 -7.64 38.03 -6.89
N LEU D 98 -7.28 36.84 -6.41
CA LEU D 98 -7.08 35.69 -7.28
C LEU D 98 -8.33 34.82 -7.29
N ALA D 99 -8.89 34.56 -8.48
CA ALA D 99 -10.05 33.70 -8.67
C ALA D 99 -9.59 32.30 -9.09
N ILE D 100 -10.03 31.29 -8.34
CA ILE D 100 -9.81 29.88 -8.66
C ILE D 100 -11.18 29.29 -8.95
N LYS D 101 -11.33 28.67 -10.11
CA LYS D 101 -12.63 28.19 -10.58
C LYS D 101 -12.48 26.80 -11.13
N GLN D 102 -13.49 25.98 -10.90
CA GLN D 102 -13.61 24.68 -11.54
C GLN D 102 -15.07 24.31 -11.53
N ASN D 103 -15.69 24.28 -12.71
CA ASN D 103 -17.10 23.95 -12.87
C ASN D 103 -17.97 24.91 -12.07
N LYS D 104 -18.63 24.46 -10.99
CA LYS D 104 -19.52 25.36 -10.25
C LYS D 104 -18.89 25.90 -8.97
N SER D 105 -17.65 25.51 -8.70
CA SER D 105 -16.92 25.97 -7.53
C SER D 105 -16.03 27.16 -7.90
N SER D 106 -16.14 28.26 -7.16
CA SER D 106 -15.32 29.44 -7.38
C SER D 106 -14.81 30.03 -6.07
N PHE D 107 -13.52 30.27 -6.03
CA PHE D 107 -12.86 30.78 -4.86
C PHE D 107 -12.24 32.15 -5.14
N LYS D 108 -12.19 33.01 -4.11
CA LYS D 108 -11.52 34.31 -4.16
C LYS D 108 -10.53 34.37 -3.03
N LEU D 109 -9.33 34.88 -3.32
CA LEU D 109 -8.34 35.14 -2.29
C LEU D 109 -7.61 36.45 -2.49
N PRO D 110 -7.30 37.15 -1.39
CA PRO D 110 -6.67 38.45 -1.55
C PRO D 110 -5.17 38.32 -1.91
N MET D 111 -4.70 39.23 -2.77
CA MET D 111 -3.31 39.29 -3.23
C MET D 111 -2.56 40.49 -2.65
N PHE D 112 -1.28 40.30 -2.34
CA PHE D 112 -0.34 41.40 -2.14
C PHE D 112 0.13 41.97 -3.49
N ASP D 113 0.58 43.22 -3.50
CA ASP D 113 1.24 43.81 -4.66
C ASP D 113 2.45 42.93 -5.01
N ALA D 114 2.46 42.38 -6.21
CA ALA D 114 3.47 41.38 -6.57
C ALA D 114 4.84 41.99 -6.84
N ASP D 115 4.90 43.32 -7.02
CA ASP D 115 6.19 44.03 -7.07
C ASP D 115 6.91 44.06 -5.74
N GLU D 116 6.17 43.90 -4.64
CA GLU D 116 6.77 43.89 -3.30
C GLU D 116 7.09 42.48 -2.80
N PHE D 117 6.80 41.46 -3.60
CA PHE D 117 7.40 40.16 -3.40
C PHE D 117 8.91 40.22 -3.70
N PRO D 118 9.77 39.73 -2.79
CA PRO D 118 11.22 39.92 -2.99
C PRO D 118 11.79 39.08 -4.10
N GLU D 119 12.74 39.66 -4.81
CA GLU D 119 13.33 39.02 -5.96
C GLU D 119 14.29 37.96 -5.50
N PHE D 120 14.46 36.94 -6.34
CA PHE D 120 15.46 35.92 -6.07
C PHE D 120 16.82 36.49 -6.32
N PRO D 121 17.80 36.08 -5.50
CA PRO D 121 19.15 36.61 -5.64
C PRO D 121 19.90 36.16 -6.89
N VAL D 122 20.65 37.11 -7.44
CA VAL D 122 21.63 36.85 -8.45
C VAL D 122 22.98 37.03 -7.79
N ILE D 123 23.78 35.95 -7.81
CA ILE D 123 25.08 35.93 -7.15
C ILE D 123 26.19 35.90 -8.20
N ASP D 124 27.37 36.36 -7.82
CA ASP D 124 28.57 36.16 -8.62
C ASP D 124 29.27 34.93 -8.05
N PRO D 125 29.26 33.79 -8.77
CA PRO D 125 29.88 32.59 -8.22
C PRO D 125 31.38 32.73 -7.90
N LYS D 126 31.75 32.48 -6.65
CA LYS D 126 33.13 32.26 -6.25
C LYS D 126 33.47 30.80 -6.59
N VAL D 127 32.49 29.90 -6.50
CA VAL D 127 32.67 28.49 -6.84
C VAL D 127 31.44 27.99 -7.58
N SER D 128 31.65 27.05 -8.49
CA SER D 128 30.59 26.55 -9.35
C SER D 128 30.92 25.17 -9.88
N ILE D 129 30.01 24.22 -9.68
CA ILE D 129 30.16 22.88 -10.21
C ILE D 129 28.88 22.38 -10.86
N GLU D 130 29.02 21.45 -11.80
CA GLU D 130 27.92 20.74 -12.44
C GLU D 130 27.92 19.30 -11.92
N VAL D 131 26.79 18.85 -11.39
CA VAL D 131 26.71 17.54 -10.72
C VAL D 131 25.87 16.62 -11.59
N ASN D 132 26.49 15.59 -12.14
CA ASN D 132 25.79 14.61 -12.98
C ASN D 132 25.63 13.24 -12.29
N ALA D 133 26.60 12.87 -11.46
CA ALA D 133 26.50 11.66 -10.65
C ALA D 133 25.67 11.93 -9.40
N PRO D 134 25.10 10.86 -8.80
CA PRO D 134 24.27 11.01 -7.64
C PRO D 134 25.08 11.06 -6.34
N PHE D 135 26.40 11.00 -6.42
CA PHE D 135 27.22 10.79 -5.26
C PHE D 135 27.10 11.90 -4.22
N LEU D 136 27.03 13.15 -4.67
CA LEU D 136 26.93 14.28 -3.74
C LEU D 136 25.68 14.16 -2.91
N VAL D 137 24.57 13.91 -3.59
CA VAL D 137 23.28 13.85 -2.92
C VAL D 137 23.11 12.55 -2.12
N ASP D 138 23.67 11.46 -2.59
CA ASP D 138 23.80 10.26 -1.76
C ASP D 138 24.58 10.57 -0.46
N ALA D 139 25.67 11.31 -0.56
CA ALA D 139 26.44 11.71 0.63
C ALA D 139 25.65 12.64 1.56
N PHE D 140 24.88 13.56 1.01
CA PHE D 140 24.01 14.43 1.81
C PHE D 140 23.05 13.56 2.61
N LYS D 141 22.40 12.63 1.91
CA LYS D 141 21.38 11.76 2.48
C LYS D 141 21.95 11.03 3.68
N LYS D 142 23.13 10.49 3.53
CA LYS D 142 23.74 9.64 4.56
C LYS D 142 24.34 10.45 5.69
N ILE D 143 24.81 11.65 5.39
CA ILE D 143 25.46 12.45 6.41
C ILE D 143 24.45 13.31 7.19
N ALA D 144 23.31 13.62 6.57
CA ALA D 144 22.29 14.47 7.21
C ALA D 144 21.88 14.08 8.64
N PRO D 145 21.62 12.78 8.91
CA PRO D 145 21.24 12.34 10.25
C PRO D 145 22.21 12.72 11.37
N VAL D 146 23.48 12.81 11.09
CA VAL D 146 24.49 13.09 12.13
C VAL D 146 24.52 14.59 12.47
N ILE D 147 23.92 15.43 11.62
CA ILE D 147 23.93 16.90 11.81
C ILE D 147 22.64 17.32 12.52
N GLU D 148 22.77 18.16 13.54
CA GLU D 148 21.61 18.68 14.23
C GLU D 148 21.42 20.16 14.00
N GLN D 149 20.18 20.49 13.64
CA GLN D 149 19.68 21.84 13.33
C GLN D 149 19.89 22.89 14.43
N THR D 150 19.93 22.43 15.68
CA THR D 150 20.02 23.31 16.84
C THR D 150 21.29 22.96 17.64
N SER D 151 22.45 23.37 17.13
CA SER D 151 23.73 23.01 17.71
C SER D 151 24.26 24.15 18.56
N HIS D 152 24.97 23.84 19.65
CA HIS D 152 25.58 24.89 20.50
C HIS D 152 26.58 25.67 19.64
N LYS D 153 27.41 24.93 18.89
CA LYS D 153 28.35 25.49 17.87
C LYS D 153 27.50 25.75 16.60
N ARG D 154 27.24 27.03 16.31
CA ARG D 154 26.49 27.51 15.13
C ARG D 154 26.88 26.84 13.78
N GLU D 155 28.19 26.60 13.62
CA GLU D 155 28.82 26.09 12.37
C GLU D 155 28.55 24.61 12.15
N LEU D 156 28.34 23.89 13.24
CA LEU D 156 28.03 22.46 13.19
C LEU D 156 26.57 22.18 12.78
N ALA D 157 25.71 23.21 12.86
CA ALA D 157 24.29 23.09 12.45
C ALA D 157 24.04 22.92 10.94
N GLY D 158 25.10 22.65 10.19
CA GLY D 158 24.98 22.23 8.81
C GLY D 158 26.02 21.21 8.37
N ILE D 159 25.94 20.94 7.08
CA ILE D 159 26.89 20.08 6.37
C ILE D 159 27.93 20.97 5.70
N LEU D 160 29.19 20.54 5.78
CA LEU D 160 30.31 21.24 5.13
C LEU D 160 30.56 20.73 3.72
N MET D 161 30.77 21.68 2.79
CA MET D 161 31.26 21.38 1.47
C MET D 161 32.58 22.09 1.32
N GLN D 162 33.64 21.30 1.22
CA GLN D 162 35.02 21.78 1.13
C GLN D 162 35.60 21.51 -0.25
N PHE D 163 35.68 22.57 -1.06
CA PHE D 163 36.17 22.48 -2.44
C PHE D 163 37.67 22.70 -2.46
N ASP D 164 38.39 21.79 -3.10
CA ASP D 164 39.82 21.95 -3.40
C ASP D 164 39.97 21.85 -4.91
N GLN D 165 39.97 23.01 -5.56
CA GLN D 165 40.14 23.11 -6.99
C GLN D 165 41.38 22.44 -7.52
N LYS D 166 42.49 22.65 -6.83
CA LYS D 166 43.77 22.07 -7.22
C LYS D 166 43.75 20.54 -7.48
N HIS D 167 43.08 19.80 -6.59
CA HIS D 167 43.01 18.33 -6.65
C HIS D 167 41.70 17.80 -7.12
N GLN D 168 40.83 18.69 -7.60
CA GLN D 168 39.52 18.30 -8.06
C GLN D 168 38.66 17.54 -6.99
N THR D 169 38.66 17.97 -5.72
CA THR D 169 37.98 17.23 -4.65
C THR D 169 36.94 18.07 -3.93
N LEU D 170 35.78 17.46 -3.71
CA LEU D 170 34.73 18.03 -2.90
C LEU D 170 34.52 17.11 -1.68
N SER D 171 34.99 17.54 -0.51
CA SER D 171 34.80 16.83 0.75
C SER D 171 33.49 17.27 1.39
N VAL D 172 32.71 16.28 1.85
CA VAL D 172 31.42 16.50 2.50
C VAL D 172 31.50 16.00 3.94
N VAL D 173 31.17 16.85 4.91
CA VAL D 173 31.41 16.54 6.33
C VAL D 173 30.28 16.97 7.25
N GLY D 174 29.87 16.05 8.13
CA GLY D 174 28.87 16.32 9.14
C GLY D 174 29.33 15.90 10.51
N THR D 175 28.96 16.67 11.52
CA THR D 175 29.18 16.27 12.90
C THR D 175 28.22 16.89 13.88
N ASP D 176 28.01 16.18 14.99
CA ASP D 176 27.36 16.69 16.21
C ASP D 176 28.24 16.64 17.47
N THR D 177 29.54 16.47 17.29
CA THR D 177 30.51 16.37 18.37
C THR D 177 30.68 14.97 18.99
N LYS D 178 29.76 14.06 18.71
CA LYS D 178 29.74 12.69 19.24
C LYS D 178 30.09 11.67 18.13
N ARG D 179 29.82 12.06 16.89
CA ARG D 179 30.22 11.31 15.70
C ARG D 179 30.57 12.33 14.62
N LEU D 180 31.50 11.96 13.76
CA LEU D 180 31.88 12.77 12.62
C LEU D 180 31.78 11.86 11.43
N SER D 181 30.97 12.24 10.46
CA SER D 181 30.80 11.46 9.24
C SER D 181 31.28 12.28 8.04
N TYR D 182 32.03 11.63 7.15
CA TYR D 182 32.70 12.32 6.05
C TYR D 182 32.93 11.45 4.82
N THR D 183 33.03 12.11 3.67
CA THR D 183 33.42 11.48 2.42
C THR D 183 34.11 12.51 1.53
N GLN D 184 34.92 12.04 0.59
CA GLN D 184 35.58 12.93 -0.36
C GLN D 184 35.30 12.48 -1.79
N LEU D 185 34.68 13.33 -2.60
CA LEU D 185 34.39 12.99 -3.99
C LEU D 185 35.55 13.40 -4.89
N GLU D 186 36.06 12.45 -5.69
CA GLU D 186 37.11 12.71 -6.68
C GLU D 186 36.51 13.22 -8.00
N LYS D 187 37.38 13.79 -8.84
CA LYS D 187 37.05 14.16 -10.22
C LYS D 187 35.82 15.05 -10.31
N ILE D 188 35.92 16.20 -9.66
CA ILE D 188 34.93 17.27 -9.75
C ILE D 188 35.62 18.45 -10.45
N SER D 189 35.05 18.93 -11.55
CA SER D 189 35.58 20.12 -12.23
C SER D 189 35.05 21.29 -11.47
N ILE D 190 35.94 21.88 -10.68
CA ILE D 190 35.58 22.94 -9.77
C ILE D 190 35.99 24.22 -10.44
N HIS D 191 35.01 25.03 -10.83
CA HIS D 191 35.28 26.34 -11.42
C HIS D 191 35.19 27.38 -10.30
N SER D 192 36.35 27.77 -9.79
CA SER D 192 36.42 28.66 -8.65
C SER D 192 37.54 29.71 -8.72
N THR D 193 37.33 30.80 -8.00
CA THR D 193 38.23 31.97 -8.03
C THR D 193 39.43 31.71 -7.12
N GLU D 194 39.16 31.37 -5.86
CA GLU D 194 40.17 30.81 -4.93
C GLU D 194 40.34 29.31 -5.09
N GLU D 195 41.45 28.79 -4.61
CA GLU D 195 41.76 27.36 -4.69
C GLU D 195 40.90 26.61 -3.71
N ASP D 196 40.96 27.01 -2.44
CA ASP D 196 40.13 26.45 -1.35
C ASP D 196 38.96 27.36 -0.96
N ILE D 197 37.81 26.73 -0.72
CA ILE D 197 36.57 27.44 -0.45
C ILE D 197 35.57 26.50 0.21
N SER D 198 34.98 26.95 1.33
CA SER D 198 34.05 26.14 2.14
C SER D 198 32.65 26.74 2.17
N CYS D 199 31.64 25.92 1.91
CA CYS D 199 30.25 26.31 2.12
C CYS D 199 29.65 25.41 3.20
N ILE D 200 29.01 26.00 4.20
CA ILE D 200 28.22 25.26 5.17
C ILE D 200 26.74 25.48 4.85
N LEU D 201 26.07 24.43 4.38
CA LEU D 201 24.62 24.45 4.14
C LEU D 201 23.86 24.13 5.42
N PRO D 202 22.86 24.97 5.79
CA PRO D 202 22.06 24.63 6.95
C PRO D 202 21.30 23.32 6.78
N LYS D 203 21.03 22.66 7.90
CA LYS D 203 20.28 21.40 7.91
C LYS D 203 18.91 21.47 7.23
N ARG D 204 18.20 22.56 7.48
CA ARG D 204 16.86 22.77 6.93
C ARG D 204 16.95 22.78 5.40
N ALA D 205 17.91 23.56 4.90
CA ALA D 205 18.20 23.61 3.48
C ALA D 205 18.59 22.24 2.94
N LEU D 206 19.45 21.55 3.66
CA LEU D 206 19.90 20.22 3.27
C LEU D 206 18.74 19.22 3.05
N LEU D 207 17.78 19.21 3.97
CA LEU D 207 16.59 18.34 3.88
C LEU D 207 15.68 18.67 2.69
N GLU D 208 15.58 19.96 2.33
CA GLU D 208 14.85 20.40 1.12
C GLU D 208 15.56 19.99 -0.16
N ILE D 209 16.89 20.07 -0.17
CA ILE D 209 17.68 19.67 -1.33
C ILE D 209 17.42 18.21 -1.66
N LEU D 210 17.29 17.40 -0.62
CA LEU D 210 17.02 15.96 -0.74
C LEU D 210 15.70 15.68 -1.43
N LYS D 211 14.68 16.50 -1.19
CA LYS D 211 13.38 16.35 -1.86
C LYS D 211 13.37 16.76 -3.33
N LEU D 212 14.24 17.70 -3.71
CA LEU D 212 14.15 18.37 -5.00
C LEU D 212 15.19 17.91 -6.01
N PHE D 213 16.35 17.42 -5.54
CA PHE D 213 17.52 17.19 -6.41
C PHE D 213 18.15 15.82 -6.23
N TYR D 214 18.75 15.28 -7.29
CA TYR D 214 19.47 14.00 -7.24
C TYR D 214 20.69 14.04 -8.17
N GLU D 215 20.42 14.19 -9.46
CA GLU D 215 21.45 14.28 -10.51
C GLU D 215 21.12 15.48 -11.37
N ASN D 216 22.10 15.87 -12.17
CA ASN D 216 21.94 16.86 -13.25
C ASN D 216 21.45 18.20 -12.73
N PHE D 217 22.28 18.82 -11.89
CA PHE D 217 22.03 20.18 -11.39
C PHE D 217 23.33 20.96 -11.27
N SER D 218 23.21 22.29 -11.18
CA SER D 218 24.33 23.18 -10.98
C SER D 218 24.33 23.55 -9.49
N PHE D 219 25.52 23.78 -8.94
CA PHE D 219 25.67 24.32 -7.58
C PHE D 219 26.58 25.53 -7.70
N LYS D 220 26.11 26.70 -7.29
CA LYS D 220 26.97 27.88 -7.23
C LYS D 220 26.88 28.50 -5.88
N SER D 221 27.99 29.05 -5.40
CA SER D 221 27.99 29.82 -4.16
C SER D 221 28.88 31.05 -4.32
N ASP D 222 28.61 32.06 -3.48
CA ASP D 222 29.45 33.26 -3.39
C ASP D 222 29.95 33.49 -1.96
N GLY D 223 29.91 32.44 -1.13
CA GLY D 223 30.26 32.54 0.28
C GLY D 223 29.14 33.03 1.19
N MET D 224 28.08 33.63 0.63
CA MET D 224 26.92 34.12 1.38
C MET D 224 25.69 33.25 1.13
N LEU D 225 25.27 33.17 -0.13
CA LEU D 225 24.21 32.23 -0.55
C LEU D 225 24.82 31.07 -1.32
N ALA D 226 24.00 30.04 -1.52
CA ALA D 226 24.32 28.96 -2.44
C ALA D 226 23.07 28.68 -3.23
N VAL D 227 23.22 28.65 -4.56
CA VAL D 227 22.11 28.43 -5.49
C VAL D 227 22.29 27.11 -6.22
N ILE D 228 21.25 26.27 -6.15
CA ILE D 228 21.18 25.00 -6.86
C ILE D 228 20.11 25.11 -7.92
N GLU D 229 20.42 24.64 -9.14
CA GLU D 229 19.53 24.84 -10.29
C GLU D 229 19.52 23.64 -11.21
N ASN D 230 18.33 23.21 -11.60
CA ASN D 230 18.16 22.25 -12.70
C ASN D 230 17.07 22.75 -13.64
N GLU D 231 16.56 21.90 -14.54
CA GLU D 231 15.58 22.33 -15.54
C GLU D 231 14.23 22.75 -14.92
N MET D 232 13.81 22.11 -13.83
CA MET D 232 12.56 22.43 -13.15
C MET D 232 12.71 23.54 -12.11
N HIS D 233 13.81 23.56 -11.35
CA HIS D 233 13.90 24.43 -10.17
C HIS D 233 15.17 25.26 -10.05
N THR D 234 15.01 26.44 -9.46
CA THR D 234 16.08 27.20 -8.86
C THR D 234 15.78 27.24 -7.37
N PHE D 235 16.77 26.84 -6.58
CA PHE D 235 16.70 26.79 -5.14
C PHE D 235 17.79 27.69 -4.61
N PHE D 236 17.54 28.45 -3.55
CA PHE D 236 18.62 29.15 -2.85
C PHE D 236 18.52 28.91 -1.35
N THR D 237 19.69 28.91 -0.68
CA THR D 237 19.80 28.94 0.77
C THR D 237 20.95 29.86 1.19
N LYS D 238 20.77 30.55 2.32
CA LYS D 238 21.87 31.20 2.99
C LYS D 238 22.79 30.17 3.55
N LEU D 239 24.07 30.49 3.64
CA LEU D 239 25.05 29.59 4.21
C LEU D 239 25.29 29.98 5.65
N ILE D 240 25.86 29.07 6.41
CA ILE D 240 26.20 29.35 7.77
C ILE D 240 27.54 30.05 7.75
N ASP D 241 27.54 31.29 8.25
CA ASP D 241 28.77 32.02 8.45
C ASP D 241 29.53 31.43 9.59
N GLY D 242 30.82 31.27 9.38
CA GLY D 242 31.65 30.60 10.37
C GLY D 242 32.66 29.69 9.71
N ASN D 243 33.62 29.23 10.52
CA ASN D 243 34.63 28.27 10.12
C ASN D 243 34.36 26.90 10.74
N TYR D 244 34.06 25.93 9.87
CA TYR D 244 33.85 24.55 10.27
C TYR D 244 35.19 24.06 10.80
N PRO D 245 35.18 23.28 11.90
CA PRO D 245 36.46 22.79 12.45
C PRO D 245 37.23 21.89 11.48
N ASP D 246 38.56 21.85 11.60
CA ASP D 246 39.37 21.01 10.74
C ASP D 246 39.17 19.55 11.16
N TYR D 247 38.26 18.88 10.46
CA TYR D 247 37.98 17.47 10.74
C TYR D 247 39.24 16.55 10.67
N GLN D 248 40.07 16.76 9.66
CA GLN D 248 41.26 15.90 9.50
C GLN D 248 42.24 15.91 10.65
N LYS D 249 42.24 16.97 11.45
CA LYS D 249 43.13 17.03 12.62
C LYS D 249 42.61 16.16 13.78
N ILE D 250 41.33 15.78 13.78
CA ILE D 250 40.79 14.92 14.85
C ILE D 250 40.76 13.42 14.47
N LEU D 251 40.85 13.12 13.18
CA LEU D 251 40.83 11.72 12.72
C LEU D 251 42.11 11.05 13.22
N PRO D 252 41.98 9.98 14.03
CA PRO D 252 43.18 9.23 14.42
C PRO D 252 43.95 8.74 13.20
N LYS D 253 45.26 8.93 13.22
CA LYS D 253 46.12 8.45 12.15
C LYS D 253 46.34 6.94 12.17
N GLU D 254 46.37 6.35 13.37
CA GLU D 254 46.67 4.93 13.57
C GLU D 254 45.64 4.23 14.46
N TYR D 255 45.30 2.98 14.12
CA TYR D 255 44.35 2.17 14.94
C TYR D 255 45.02 0.85 15.33
N ILE D 256 44.96 0.50 16.62
CA ILE D 256 45.60 -0.72 17.11
C ILE D 256 44.98 -1.95 16.46
N SER D 257 43.65 -1.98 16.36
CA SER D 257 42.92 -3.10 15.80
C SER D 257 41.99 -2.65 14.72
N SER D 258 41.63 -3.59 13.84
CA SER D 258 40.68 -3.37 12.75
C SER D 258 39.96 -4.69 12.50
N PHE D 259 38.64 -4.68 12.68
CA PHE D 259 37.85 -5.89 12.74
C PHE D 259 36.87 -5.89 11.59
N THR D 260 36.90 -6.94 10.77
CA THR D 260 35.96 -7.07 9.63
C THR D 260 34.75 -7.85 10.11
N LEU D 261 33.58 -7.24 10.00
CA LEU D 261 32.38 -7.65 10.69
C LEU D 261 31.22 -7.56 9.74
N GLY D 262 30.17 -8.32 10.00
CA GLY D 262 29.02 -8.39 9.12
C GLY D 262 28.00 -7.31 9.41
N LYS D 263 27.68 -6.49 8.40
CA LYS D 263 26.81 -5.32 8.58
C LYS D 263 25.39 -5.66 9.06
N GLU D 264 24.67 -6.50 8.31
CA GLU D 264 23.26 -6.80 8.65
C GLU D 264 23.13 -7.62 9.96
N GLU D 265 24.10 -8.48 10.26
CA GLU D 265 24.18 -9.16 11.56
C GLU D 265 24.23 -8.11 12.69
N PHE D 266 25.15 -7.16 12.58
CA PHE D 266 25.29 -6.11 13.58
C PHE D 266 24.07 -5.19 13.67
N LYS D 267 23.46 -4.91 12.52
CA LYS D 267 22.28 -4.03 12.47
C LYS D 267 21.13 -4.66 13.25
N GLU D 268 20.88 -5.91 12.94
CA GLU D 268 19.82 -6.65 13.55
C GLU D 268 20.01 -6.86 15.03
N SER D 269 21.25 -7.11 15.46
CA SER D 269 21.58 -7.29 16.88
C SER D 269 21.44 -6.01 17.69
N ILE D 270 21.77 -4.88 17.06
CA ILE D 270 21.67 -3.58 17.68
C ILE D 270 20.19 -3.15 17.76
N LYS D 271 19.39 -3.36 16.70
CA LYS D 271 17.93 -3.16 16.78
C LYS D 271 17.30 -3.91 17.96
N LEU D 272 17.69 -5.18 18.12
CA LEU D 272 17.20 -6.06 19.21
C LEU D 272 17.40 -5.52 20.61
N CYS D 273 18.63 -5.18 20.93
CA CYS D 273 18.96 -4.64 22.24
C CYS D 273 18.42 -3.22 22.45
N SER D 274 18.26 -2.49 21.33
CA SER D 274 17.78 -1.10 21.35
C SER D 274 16.30 -1.01 21.77
N SER D 275 15.56 -2.13 21.77
CA SER D 275 14.20 -2.22 22.32
C SER D 275 14.10 -2.03 23.84
N LEU D 276 15.20 -2.25 24.56
CA LEU D 276 15.28 -2.06 26.01
C LEU D 276 16.16 -0.91 26.47
N SER D 277 17.16 -0.52 25.68
CA SER D 277 17.96 0.64 26.01
C SER D 277 18.69 1.24 24.79
N SER D 278 18.95 2.54 24.83
CA SER D 278 19.58 3.23 23.73
C SER D 278 21.11 3.05 23.66
N THR D 279 21.74 2.70 24.78
CA THR D 279 23.16 2.38 24.80
C THR D 279 23.38 0.87 24.94
N ILE D 280 24.40 0.36 24.27
CA ILE D 280 24.65 -1.08 24.18
C ILE D 280 26.10 -1.40 24.51
N LYS D 281 26.32 -2.48 25.25
CA LYS D 281 27.65 -3.01 25.48
C LYS D 281 27.91 -4.02 24.40
N LEU D 282 28.99 -3.81 23.66
CA LEU D 282 29.39 -4.68 22.59
C LEU D 282 30.72 -5.35 22.96
N THR D 283 30.72 -6.67 22.98
CA THR D 283 31.88 -7.47 23.37
C THR D 283 32.34 -8.27 22.16
N LEU D 284 33.53 -7.95 21.68
CA LEU D 284 34.13 -8.66 20.56
C LEU D 284 35.06 -9.72 21.10
N GLU D 285 34.84 -10.95 20.70
CA GLU D 285 35.70 -12.09 21.02
C GLU D 285 36.24 -12.57 19.68
N LYS D 286 37.16 -13.53 19.73
CA LYS D 286 37.81 -14.03 18.51
C LYS D 286 36.82 -14.57 17.48
N ASN D 287 35.89 -15.42 17.91
CA ASN D 287 34.94 -16.04 16.98
C ASN D 287 33.48 -15.64 17.21
N ASN D 288 33.27 -14.59 17.99
CA ASN D 288 31.95 -14.22 18.42
C ASN D 288 31.83 -12.75 18.74
N ALA D 289 30.68 -12.14 18.47
CA ALA D 289 30.37 -10.79 18.95
C ALA D 289 29.10 -10.83 19.79
N LEU D 290 29.13 -10.29 21.00
CA LEU D 290 27.92 -10.28 21.86
C LEU D 290 27.49 -8.83 22.20
N PHE D 291 26.18 -8.67 22.30
CA PHE D 291 25.53 -7.37 22.40
C PHE D 291 24.68 -7.45 23.64
N GLU D 292 24.76 -6.48 24.54
CA GLU D 292 23.93 -6.50 25.74
C GLU D 292 23.42 -5.11 26.05
N SER D 293 22.15 -4.98 26.39
CA SER D 293 21.65 -3.67 26.85
C SER D 293 22.20 -3.40 28.29
N SER D 299 18.07 -5.13 36.64
CA SER D 299 17.23 -6.35 36.62
C SER D 299 16.79 -6.76 35.19
N GLU D 300 16.35 -5.80 34.39
CA GLU D 300 16.16 -6.01 32.93
C GLU D 300 17.43 -6.37 32.13
N THR D 301 17.27 -7.14 31.05
CA THR D 301 18.41 -7.42 30.13
C THR D 301 17.90 -7.74 28.74
N ALA D 302 18.59 -7.24 27.71
CA ALA D 302 18.54 -7.84 26.39
C ALA D 302 19.95 -8.33 26.11
N LYS D 303 20.08 -9.56 25.61
CA LYS D 303 21.35 -10.03 25.02
C LYS D 303 21.10 -10.72 23.70
N THR D 304 22.10 -10.71 22.85
CA THR D 304 22.13 -11.52 21.65
C THR D 304 23.58 -11.60 21.13
N SER D 305 23.86 -12.58 20.28
CA SER D 305 25.21 -12.78 19.78
C SER D 305 25.20 -13.20 18.31
N VAL D 306 26.29 -12.86 17.60
CA VAL D 306 26.51 -13.32 16.22
C VAL D 306 27.88 -13.99 16.13
N GLU D 307 27.95 -15.06 15.34
CA GLU D 307 29.24 -15.72 15.11
C GLU D 307 30.00 -15.01 14.05
N ILE D 308 31.32 -15.01 14.26
CA ILE D 308 32.28 -14.49 13.31
C ILE D 308 33.13 -15.70 12.90
N GLU D 309 32.95 -16.16 11.67
CA GLU D 309 33.65 -17.35 11.20
C GLU D 309 35.15 -17.01 11.02
N LYS D 310 35.42 -15.89 10.29
CA LYS D 310 36.79 -15.36 10.03
C LYS D 310 37.27 -14.72 11.33
N GLY D 311 37.95 -15.53 12.16
CA GLY D 311 38.29 -15.13 13.54
C GLY D 311 39.09 -13.83 13.61
N LEU D 312 38.77 -12.99 14.59
CA LEU D 312 39.42 -11.69 14.76
C LEU D 312 40.81 -11.89 15.39
N ASP D 313 41.68 -10.91 15.17
CA ASP D 313 43.02 -10.88 15.75
C ASP D 313 42.91 -10.28 17.16
N ILE D 314 42.61 -11.11 18.15
CA ILE D 314 42.60 -10.66 19.57
C ILE D 314 42.83 -11.80 20.59
N GLU D 315 43.54 -11.48 21.67
CA GLU D 315 43.86 -12.45 22.72
C GLU D 315 42.77 -12.30 23.76
N LYS D 316 42.67 -11.08 24.32
CA LYS D 316 41.64 -10.76 25.29
C LYS D 316 40.50 -10.13 24.52
N ALA D 317 39.31 -10.23 25.11
CA ALA D 317 38.10 -9.70 24.53
C ALA D 317 38.04 -8.19 24.69
N PHE D 318 37.36 -7.54 23.76
CA PHE D 318 37.36 -6.11 23.61
C PHE D 318 35.93 -5.64 23.86
N HIS D 319 35.72 -4.91 24.96
CA HIS D 319 34.41 -4.34 25.30
C HIS D 319 34.30 -2.90 24.80
N LEU D 320 33.11 -2.51 24.40
CA LEU D 320 32.89 -1.19 23.80
C LEU D 320 31.44 -0.71 24.01
N GLY D 321 31.28 0.42 24.71
CA GLY D 321 29.97 1.04 24.88
C GLY D 321 29.66 1.89 23.66
N VAL D 322 28.48 1.69 23.07
CA VAL D 322 28.05 2.47 21.91
C VAL D 322 26.58 2.94 22.06
N ASN D 323 26.26 4.06 21.42
CA ASN D 323 24.89 4.50 21.23
C ASN D 323 24.30 3.69 20.08
N ALA D 324 23.18 3.02 20.31
CA ALA D 324 22.59 2.12 19.30
C ALA D 324 22.28 2.84 17.98
N LYS D 325 21.55 3.94 18.09
CA LYS D 325 21.07 4.67 16.93
C LYS D 325 22.25 5.27 16.10
N PHE D 326 23.31 5.75 16.78
CA PHE D 326 24.53 6.23 16.12
C PHE D 326 25.19 5.12 15.34
N PHE D 327 25.38 3.96 15.97
CA PHE D 327 26.01 2.82 15.28
C PHE D 327 25.19 2.39 14.05
N LEU D 328 23.87 2.37 14.16
CA LEU D 328 22.99 2.04 13.05
C LEU D 328 23.11 3.02 11.91
N GLU D 329 23.03 4.31 12.23
CA GLU D 329 23.12 5.38 11.23
C GLU D 329 24.46 5.35 10.51
N ALA D 330 25.52 4.95 11.21
CA ALA D 330 26.84 4.79 10.63
C ALA D 330 26.87 3.62 9.66
N LEU D 331 26.27 2.49 10.04
CA LEU D 331 26.15 1.33 9.17
C LEU D 331 25.20 1.56 7.97
N ASN D 332 24.19 2.42 8.12
CA ASN D 332 23.29 2.75 6.98
C ASN D 332 24.01 3.53 5.88
N ALA D 333 25.03 4.30 6.27
CA ALA D 333 25.90 5.02 5.34
C ALA D 333 26.73 4.09 4.44
N LEU D 334 26.90 2.83 4.83
CA LEU D 334 27.73 1.89 4.07
C LEU D 334 26.93 1.13 3.04
N GLY D 335 27.58 0.83 1.92
CA GLY D 335 26.98 0.04 0.84
C GLY D 335 27.55 -1.36 0.73
N THR D 336 28.59 -1.68 1.49
CA THR D 336 29.12 -3.03 1.49
C THR D 336 28.32 -3.95 2.41
N THR D 337 28.52 -5.25 2.20
CA THR D 337 27.83 -6.29 2.92
C THR D 337 28.56 -6.48 4.29
N GLN D 338 29.86 -6.18 4.34
CA GLN D 338 30.65 -6.23 5.57
C GLN D 338 31.24 -4.86 5.85
N PHE D 339 31.66 -4.62 7.09
CA PHE D 339 32.25 -3.33 7.47
C PHE D 339 33.47 -3.51 8.34
N VAL D 340 34.25 -2.44 8.44
CA VAL D 340 35.46 -2.45 9.25
C VAL D 340 35.24 -1.51 10.43
N LEU D 341 35.59 -2.02 11.61
CA LEU D 341 35.59 -1.26 12.85
C LEU D 341 37.02 -1.21 13.31
N ARG D 342 37.57 0.01 13.38
CA ARG D 342 38.93 0.21 13.85
C ARG D 342 38.86 0.95 15.16
N CYS D 343 39.62 0.48 16.15
CA CYS D 343 39.64 1.11 17.46
C CYS D 343 41.03 0.96 18.06
N ASN D 344 41.32 1.88 18.98
CA ASN D 344 42.52 1.83 19.81
C ASN D 344 42.01 1.34 21.17
N GLU D 345 41.79 2.22 22.13
CA GLU D 345 41.35 1.82 23.47
C GLU D 345 39.83 1.82 23.48
N PRO D 346 39.22 1.16 24.48
CA PRO D 346 37.75 1.24 24.62
C PRO D 346 37.17 2.66 24.79
N SER D 347 37.91 3.54 25.46
CA SER D 347 37.48 4.92 25.72
C SER D 347 37.80 5.88 24.56
N SER D 348 38.61 5.44 23.61
CA SER D 348 39.04 6.29 22.51
C SER D 348 38.09 6.14 21.33
N PRO D 349 38.03 7.18 20.44
CA PRO D 349 37.19 7.11 19.24
C PRO D 349 37.45 5.89 18.39
N PHE D 350 36.43 5.42 17.69
CA PHE D 350 36.57 4.29 16.81
C PHE D 350 35.99 4.64 15.44
N LEU D 351 36.46 3.98 14.40
CA LEU D 351 36.06 4.28 13.04
C LEU D 351 35.22 3.16 12.47
N ILE D 352 34.23 3.53 11.66
CA ILE D 352 33.41 2.58 10.89
C ILE D 352 33.48 2.91 9.37
N GLN D 353 33.78 1.88 8.57
CA GLN D 353 33.80 2.05 7.11
C GLN D 353 33.62 0.78 6.35
N GLU D 354 33.47 0.95 5.03
CA GLU D 354 33.27 -0.16 4.14
C GLU D 354 34.46 -1.10 4.07
N SER D 355 34.25 -2.27 3.49
CA SER D 355 35.39 -3.15 3.14
C SER D 355 36.50 -2.51 2.28
N LYS D 366 32.26 4.89 -0.12
CA LYS D 366 32.89 6.18 0.21
C LYS D 366 32.63 6.80 1.65
N ILE D 367 31.59 6.50 2.45
CA ILE D 367 31.37 7.22 3.74
C ILE D 367 31.91 6.54 5.00
N SER D 368 32.73 7.27 5.75
CA SER D 368 33.30 6.80 7.01
C SER D 368 32.69 7.57 8.17
N THR D 369 32.58 6.93 9.34
CA THR D 369 32.04 7.58 10.55
C THR D 369 33.00 7.35 11.70
N LEU D 370 33.52 8.43 12.27
CA LEU D 370 34.30 8.39 13.52
C LEU D 370 33.33 8.64 14.65
N MET D 371 33.43 7.85 15.71
CA MET D 371 32.43 7.82 16.76
C MET D 371 33.10 7.73 18.09
N MET D 372 32.55 8.46 19.04
CA MET D 372 33.02 8.43 20.40
C MET D 372 32.20 7.37 21.11
N PRO D 373 32.89 6.46 21.80
CA PRO D 373 32.18 5.46 22.62
C PRO D 373 31.68 6.02 23.93
N ILE D 374 30.98 5.16 24.64
CA ILE D 374 30.48 5.40 25.99
C ILE D 374 31.28 4.49 26.93
N THR D 375 31.37 4.85 28.20
CA THR D 375 32.14 4.02 29.16
C THR D 375 31.23 3.04 29.90
N LEU D 376 31.81 1.93 30.33
CA LEU D 376 31.07 0.87 31.07
C LEU D 376 30.09 0.22 30.06
N PHE E 3 -20.79 31.88 16.83
CA PHE E 3 -21.11 30.98 17.99
C PHE E 3 -22.35 30.08 17.76
N ILE E 4 -22.44 28.97 18.50
CA ILE E 4 -23.61 28.05 18.44
C ILE E 4 -24.28 27.91 19.82
N ARG E 5 -25.58 28.22 19.90
CA ARG E 5 -26.36 28.08 21.12
C ARG E 5 -26.45 26.61 21.48
N SER E 6 -26.50 26.29 22.79
CA SER E 6 -26.58 24.89 23.27
C SER E 6 -27.99 24.33 23.06
N LEU E 7 -28.08 23.11 22.54
CA LEU E 7 -29.36 22.40 22.37
C LEU E 7 -30.18 22.31 23.66
N PHE E 8 -29.47 22.19 24.79
CA PHE E 8 -30.01 22.17 26.12
C PHE E 8 -29.79 23.54 26.71
N PHE F 3 26.42 8.43 29.13
CA PHE F 3 27.45 9.52 29.28
C PHE F 3 28.64 9.50 28.24
N ILE F 4 28.59 10.44 27.29
CA ILE F 4 29.43 10.41 26.06
C ILE F 4 30.61 11.42 26.07
N ARG F 5 31.75 11.01 25.53
CA ARG F 5 32.88 11.95 25.37
C ARG F 5 32.61 12.90 24.20
N SER F 6 33.26 14.05 24.28
CA SER F 6 33.15 15.10 23.28
C SER F 6 34.40 15.06 22.33
N LEU F 7 34.12 15.04 21.03
CA LEU F 7 35.11 14.70 20.00
C LEU F 7 35.84 15.94 19.53
N PHE F 8 35.23 17.12 19.64
CA PHE F 8 35.80 18.34 19.04
C PHE F 8 36.39 19.26 20.10
#